data_3RO6
#
_entry.id   3RO6
#
_cell.length_a   79.190
_cell.length_b   150.670
_cell.length_c   106.020
_cell.angle_alpha   90.000
_cell.angle_beta   104.660
_cell.angle_gamma   90.000
#
_symmetry.space_group_name_H-M   'P 1 21 1'
#
loop_
_entity.id
_entity.type
_entity.pdbx_description
1 polymer 'Putative chloromuconate cycloisomerase'
2 non-polymer 'MAGNESIUM ION'
3 non-polymer 'SULFATE ION'
4 non-polymer GLYCEROL
5 water water
#
_entity_poly.entity_id   1
_entity_poly.type   'polypeptide(L)'
_entity_poly.pdbx_seq_one_letter_code
;MKIADIQVRTEHFPLTRPYRIAFRSIEEIDNLIVEIRTADGLLGLGAASPERHVTGETLEACHAALDHDRLGWLMGRDIR
TLPRLCRELAERLPAAPAARAALDMALHDLVAQCLGLPLVEILGRAHDSLPTSVTIGIKPVEETLAEAREHLALGFRVLK
VKLCGDEEQDFERLRRLHETLAGRAVVRVDPNQSYDRDGLLRLDRLVQELGIEFIEQPFPAGRTDWLRALPKAIRRRIAA
DESLLGPADAFALAAPPAACGIFNIKLMKCGGLAPARRIATIAETAGIDLMWGCMDESRISIAAALHAALACPATRYLDL
DGSFDLARDVAEGGFILEDGRLRVTERPGLGLVYPD
;
_entity_poly.pdbx_strand_id   B,A,C,D,E,F
#
# COMPACT_ATOMS: atom_id res chain seq x y z
N MET A 1 -7.39 -19.35 -7.80
CA MET A 1 -7.99 -18.37 -8.69
C MET A 1 -8.08 -18.95 -10.10
N LYS A 2 -9.28 -19.38 -10.47
CA LYS A 2 -9.51 -20.10 -11.73
C LYS A 2 -9.99 -19.18 -12.83
N ILE A 3 -9.57 -19.44 -14.06
CA ILE A 3 -10.02 -18.62 -15.16
C ILE A 3 -11.43 -19.03 -15.54
N ALA A 4 -12.37 -18.10 -15.40
CA ALA A 4 -13.76 -18.29 -15.84
C ALA A 4 -14.02 -17.97 -17.31
N ASP A 5 -13.37 -16.92 -17.83
CA ASP A 5 -13.73 -16.48 -19.18
C ASP A 5 -12.61 -15.72 -19.87
N ILE A 6 -12.58 -15.78 -21.20
CA ILE A 6 -11.59 -15.01 -21.97
C ILE A 6 -12.27 -14.40 -23.17
N GLN A 7 -12.11 -13.09 -23.35
CA GLN A 7 -12.73 -12.42 -24.49
C GLN A 7 -11.73 -11.56 -25.24
N VAL A 8 -11.83 -11.59 -26.56
CA VAL A 8 -10.97 -10.78 -27.42
C VAL A 8 -11.81 -9.84 -28.24
N ARG A 9 -11.27 -8.67 -28.53
CA ARG A 9 -11.94 -7.78 -29.47
C ARG A 9 -10.92 -6.89 -30.18
N THR A 10 -11.32 -6.37 -31.33
CA THR A 10 -10.46 -5.51 -32.13
C THR A 10 -10.81 -4.06 -31.89
N GLU A 11 -9.82 -3.27 -31.50
CA GLU A 11 -10.00 -1.83 -31.36
C GLU A 11 -9.23 -1.11 -32.45
N HIS A 12 -9.89 -0.13 -33.07
CA HIS A 12 -9.26 0.75 -34.03
C HIS A 12 -9.03 2.09 -33.36
N PHE A 13 -7.77 2.45 -33.20
CA PHE A 13 -7.38 3.66 -32.50
C PHE A 13 -6.90 4.70 -33.50
N PRO A 14 -7.66 5.78 -33.67
CA PRO A 14 -7.17 6.85 -34.54
C PRO A 14 -5.93 7.46 -33.91
N LEU A 15 -4.99 7.87 -34.72
CA LEU A 15 -3.82 8.55 -34.20
C LEU A 15 -4.10 10.05 -34.14
N THR A 16 -3.14 10.82 -33.65
CA THR A 16 -3.30 12.27 -33.55
C THR A 16 -2.25 13.01 -34.38
N GLU A 27 -3.00 7.08 -40.10
CA GLU A 27 -4.33 7.53 -39.69
C GLU A 27 -4.88 6.68 -38.52
N GLU A 28 -4.65 5.38 -38.55
CA GLU A 28 -5.24 4.49 -37.56
C GLU A 28 -4.36 3.28 -37.25
N ILE A 29 -4.39 2.81 -36.00
CA ILE A 29 -3.69 1.58 -35.66
C ILE A 29 -4.65 0.59 -35.01
N ASP A 30 -4.47 -0.70 -35.28
CA ASP A 30 -5.34 -1.70 -34.65
C ASP A 30 -4.64 -2.41 -33.49
N ASN A 31 -5.40 -2.71 -32.45
CA ASN A 31 -4.89 -3.52 -31.35
C ASN A 31 -5.95 -4.56 -31.05
N LEU A 32 -5.52 -5.74 -30.62
CA LEU A 32 -6.45 -6.69 -30.02
C LEU A 32 -6.44 -6.55 -28.51
N ILE A 33 -7.62 -6.51 -27.91
CA ILE A 33 -7.77 -6.33 -26.48
C ILE A 33 -8.30 -7.60 -25.89
N VAL A 34 -7.64 -8.08 -24.83
CA VAL A 34 -8.00 -9.30 -24.16
C VAL A 34 -8.47 -9.03 -22.74
N GLU A 35 -9.60 -9.64 -22.38
CA GLU A 35 -10.13 -9.61 -21.03
C GLU A 35 -10.15 -11.02 -20.48
N ILE A 36 -9.45 -11.25 -19.37
CA ILE A 36 -9.49 -12.54 -18.70
C ILE A 36 -10.21 -12.35 -17.38
N ARG A 37 -11.28 -13.10 -17.16
CA ARG A 37 -12.02 -13.00 -15.90
C ARG A 37 -11.88 -14.29 -15.13
N THR A 38 -11.74 -14.14 -13.82
CA THR A 38 -11.66 -15.30 -12.95
C THR A 38 -13.03 -15.55 -12.31
N ALA A 39 -13.15 -16.64 -11.57
CA ALA A 39 -14.41 -17.03 -10.95
C ALA A 39 -14.74 -16.14 -9.77
N ASP A 40 -13.70 -15.55 -9.18
CA ASP A 40 -13.87 -14.68 -8.02
C ASP A 40 -14.24 -13.25 -8.46
N GLY A 41 -14.37 -13.06 -9.76
CA GLY A 41 -14.83 -11.79 -10.32
C GLY A 41 -13.73 -10.86 -10.82
N LEU A 42 -12.48 -11.25 -10.65
CA LEU A 42 -11.35 -10.38 -11.07
C LEU A 42 -11.19 -10.28 -12.59
N LEU A 43 -10.54 -9.21 -13.03
CA LEU A 43 -10.31 -8.93 -14.45
C LEU A 43 -8.85 -8.61 -14.73
N GLY A 44 -8.19 -9.43 -15.53
CA GLY A 44 -6.93 -9.08 -16.14
C GLY A 44 -7.09 -8.56 -17.55
N LEU A 45 -6.19 -7.68 -17.98
CA LEU A 45 -6.27 -7.08 -19.30
C LEU A 45 -4.99 -7.32 -20.05
N GLY A 46 -5.10 -7.41 -21.38
CA GLY A 46 -3.92 -7.50 -22.23
C GLY A 46 -4.18 -6.86 -23.57
N ALA A 47 -3.11 -6.50 -24.28
CA ALA A 47 -3.25 -5.94 -25.61
C ALA A 47 -2.21 -6.51 -26.56
N ALA A 48 -2.61 -6.69 -27.82
CA ALA A 48 -1.74 -7.24 -28.85
C ALA A 48 -1.60 -6.24 -29.98
N SER A 49 -0.36 -6.02 -30.40
CA SER A 49 -0.06 -5.21 -31.57
C SER A 49 1.02 -5.93 -32.38
N PRO A 50 0.60 -6.86 -33.26
CA PRO A 50 1.56 -7.69 -33.99
C PRO A 50 2.34 -6.89 -35.03
N GLU A 51 3.64 -7.18 -35.19
CA GLU A 51 4.42 -6.50 -36.23
C GLU A 51 4.94 -7.57 -37.18
N ARG A 52 4.36 -7.62 -38.39
CA ARG A 52 4.57 -8.76 -39.27
C ARG A 52 5.95 -8.77 -39.89
N HIS A 53 6.44 -7.58 -40.23
CA HIS A 53 7.75 -7.44 -40.86
C HIS A 53 8.86 -7.82 -39.90
N VAL A 54 8.55 -7.88 -38.62
CA VAL A 54 9.53 -8.26 -37.62
C VAL A 54 9.39 -9.72 -37.18
N THR A 55 8.23 -10.07 -36.61
CA THR A 55 7.99 -11.42 -36.13
C THR A 55 7.28 -12.35 -37.11
N GLY A 56 6.76 -11.81 -38.20
CA GLY A 56 5.99 -12.61 -39.15
C GLY A 56 4.51 -12.75 -38.82
N GLU A 57 4.09 -12.20 -37.68
CA GLU A 57 2.72 -12.33 -37.19
C GLU A 57 1.80 -11.26 -37.77
N THR A 58 0.80 -11.68 -38.54
CA THR A 58 -0.24 -10.79 -39.06
C THR A 58 -1.37 -10.51 -38.06
N LEU A 59 -2.07 -9.39 -38.22
CA LEU A 59 -3.26 -9.14 -37.41
C LEU A 59 -4.27 -10.28 -37.52
N GLU A 60 -4.41 -10.85 -38.72
CA GLU A 60 -5.36 -11.94 -38.89
C GLU A 60 -4.94 -13.14 -38.04
N ALA A 61 -3.67 -13.51 -38.12
CA ALA A 61 -3.16 -14.65 -37.39
C ALA A 61 -3.27 -14.42 -35.88
N CYS A 62 -2.95 -13.22 -35.45
CA CYS A 62 -3.05 -12.85 -34.04
C CYS A 62 -4.49 -13.01 -33.55
N HIS A 63 -5.40 -12.45 -34.34
CA HIS A 63 -6.81 -12.56 -34.02
C HIS A 63 -7.22 -14.03 -33.90
N ALA A 64 -6.82 -14.84 -34.87
CA ALA A 64 -7.15 -16.27 -34.89
C ALA A 64 -6.59 -17.00 -33.66
N ALA A 65 -5.37 -16.67 -33.29
CA ALA A 65 -4.72 -17.27 -32.15
C ALA A 65 -5.48 -16.91 -30.88
N LEU A 66 -6.02 -15.70 -30.83
CA LEU A 66 -6.74 -15.25 -29.63
C LEU A 66 -8.21 -15.64 -29.57
N ASP A 67 -8.71 -16.29 -30.62
CA ASP A 67 -10.12 -16.69 -30.66
C ASP A 67 -10.48 -17.56 -29.46
N HIS A 68 -11.52 -17.16 -28.74
CA HIS A 68 -12.01 -17.86 -27.54
C HIS A 68 -12.18 -19.37 -27.78
N ASP A 69 -12.58 -19.76 -28.98
CA ASP A 69 -12.81 -21.18 -29.26
C ASP A 69 -11.50 -21.95 -29.36
N ARG A 70 -10.38 -21.24 -29.46
CA ARG A 70 -9.10 -21.91 -29.49
C ARG A 70 -8.41 -21.96 -28.14
N LEU A 71 -9.03 -21.29 -27.16
CA LEU A 71 -8.51 -21.13 -25.81
C LEU A 71 -9.07 -22.08 -24.73
N GLY A 72 -9.86 -23.07 -25.15
CA GLY A 72 -10.45 -23.99 -24.19
C GLY A 72 -9.48 -24.60 -23.18
N TRP A 73 -8.23 -24.81 -23.59
CA TRP A 73 -7.21 -25.39 -22.70
C TRP A 73 -6.86 -24.46 -21.53
N LEU A 74 -7.08 -23.16 -21.72
CA LEU A 74 -6.86 -22.14 -20.69
C LEU A 74 -8.00 -22.05 -19.68
N MET A 75 -9.22 -22.36 -20.12
CA MET A 75 -10.39 -22.29 -19.26
C MET A 75 -10.25 -23.17 -18.01
N GLY A 76 -10.72 -22.68 -16.87
CA GLY A 76 -10.68 -23.45 -15.64
C GLY A 76 -9.29 -23.57 -15.03
N ARG A 77 -8.29 -23.05 -15.72
CA ARG A 77 -6.92 -23.18 -15.22
C ARG A 77 -6.65 -22.22 -14.04
N ASP A 78 -5.81 -22.67 -13.11
CA ASP A 78 -5.47 -21.87 -11.96
C ASP A 78 -4.34 -20.85 -12.23
N ILE A 79 -4.62 -19.56 -11.99
CA ILE A 79 -3.64 -18.49 -12.22
C ILE A 79 -2.37 -18.64 -11.38
N ARG A 80 -2.49 -19.27 -10.22
CA ARG A 80 -1.31 -19.44 -9.33
C ARG A 80 -0.25 -20.36 -9.95
N THR A 81 -0.63 -21.05 -11.02
CA THR A 81 0.24 -21.93 -11.80
C THR A 81 0.91 -21.18 -12.96
N LEU A 82 0.84 -19.85 -12.94
CA LEU A 82 1.25 -19.03 -14.07
C LEU A 82 2.53 -19.45 -14.87
N PRO A 83 3.64 -19.80 -14.21
CA PRO A 83 4.80 -20.20 -15.04
C PRO A 83 4.45 -21.36 -15.97
N ARG A 84 3.65 -22.29 -15.50
CA ARG A 84 3.24 -23.42 -16.34
C ARG A 84 2.34 -22.94 -17.49
N LEU A 85 1.41 -22.03 -17.19
CA LEU A 85 0.56 -21.48 -18.25
C LEU A 85 1.39 -20.79 -19.34
N CYS A 86 2.40 -20.03 -18.94
CA CYS A 86 3.27 -19.36 -19.91
C CYS A 86 4.08 -20.31 -20.79
N ARG A 87 4.54 -21.43 -20.23
CA ARG A 87 5.24 -22.42 -21.04
CA ARG A 87 5.23 -22.46 -21.00
C ARG A 87 4.28 -22.98 -22.09
N GLU A 88 3.05 -23.25 -21.68
CA GLU A 88 2.05 -23.77 -22.61
C GLU A 88 1.65 -22.74 -23.67
N LEU A 89 1.57 -21.47 -23.27
CA LEU A 89 1.43 -20.39 -24.24
C LEU A 89 2.52 -20.45 -25.31
N ALA A 90 3.77 -20.63 -24.88
CA ALA A 90 4.88 -20.72 -25.84
C ALA A 90 4.72 -21.94 -26.76
N GLU A 91 4.20 -23.03 -26.23
CA GLU A 91 4.02 -24.24 -27.03
C GLU A 91 2.82 -24.15 -27.96
N ARG A 92 1.74 -23.53 -27.49
CA ARG A 92 0.51 -23.46 -28.26
C ARG A 92 0.35 -22.26 -29.20
N LEU A 93 1.17 -21.22 -29.02
CA LEU A 93 1.11 -20.08 -29.92
C LEU A 93 2.53 -19.69 -30.33
N PRO A 94 3.25 -20.64 -30.96
CA PRO A 94 4.68 -20.40 -31.21
C PRO A 94 4.93 -19.32 -32.26
N ALA A 95 4.01 -19.16 -33.20
CA ALA A 95 4.17 -18.18 -34.28
C ALA A 95 3.43 -16.86 -34.06
N ALA A 96 2.77 -16.70 -32.92
CA ALA A 96 2.00 -15.47 -32.65
C ALA A 96 2.42 -14.79 -31.33
N PRO A 97 3.62 -14.20 -31.32
CA PRO A 97 4.17 -13.65 -30.08
C PRO A 97 3.33 -12.53 -29.47
N ALA A 98 2.73 -11.66 -30.28
CA ALA A 98 1.88 -10.60 -29.75
C ALA A 98 0.62 -11.12 -29.04
N ALA A 99 0.00 -12.15 -29.61
CA ALA A 99 -1.15 -12.80 -28.97
C ALA A 99 -0.74 -13.44 -27.64
N ARG A 100 0.38 -14.14 -27.71
CA ARG A 100 0.98 -14.76 -26.53
C ARG A 100 1.20 -13.69 -25.47
N ALA A 101 1.73 -12.53 -25.85
CA ALA A 101 2.00 -11.47 -24.90
C ALA A 101 0.70 -10.90 -24.32
N ALA A 102 -0.35 -10.81 -25.13
CA ALA A 102 -1.61 -10.29 -24.58
C ALA A 102 -2.12 -11.22 -23.46
N LEU A 103 -2.08 -12.52 -23.75
CA LEU A 103 -2.55 -13.48 -22.73
C LEU A 103 -1.64 -13.50 -21.48
N ASP A 104 -0.34 -13.46 -21.73
CA ASP A 104 0.68 -13.51 -20.68
C ASP A 104 0.50 -12.29 -19.75
N MET A 105 0.41 -11.09 -20.33
CA MET A 105 0.29 -9.90 -19.50
C MET A 105 -1.05 -9.89 -18.76
N ALA A 106 -2.11 -10.40 -19.40
CA ALA A 106 -3.38 -10.48 -18.69
C ALA A 106 -3.26 -11.41 -17.47
N LEU A 107 -2.52 -12.51 -17.63
CA LEU A 107 -2.35 -13.47 -16.52
C LEU A 107 -1.51 -12.85 -15.41
N HIS A 108 -0.48 -12.10 -15.78
CA HIS A 108 0.35 -11.43 -14.78
C HIS A 108 -0.47 -10.40 -14.00
N ASP A 109 -1.24 -9.61 -14.72
CA ASP A 109 -2.17 -8.65 -14.13
C ASP A 109 -2.99 -9.40 -13.07
N LEU A 110 -3.61 -10.51 -13.47
CA LEU A 110 -4.39 -11.27 -12.51
C LEU A 110 -3.61 -11.79 -11.31
N VAL A 111 -2.39 -12.29 -11.50
CA VAL A 111 -1.66 -12.86 -10.37
C VAL A 111 -1.26 -11.79 -9.37
N ALA A 112 -0.86 -10.64 -9.90
CA ALA A 112 -0.49 -9.54 -9.05
C ALA A 112 -1.72 -9.06 -8.28
N GLN A 113 -2.88 -9.06 -8.93
CA GLN A 113 -4.10 -8.76 -8.16
C GLN A 113 -4.37 -9.81 -7.09
N CYS A 114 -4.12 -11.07 -7.40
CA CYS A 114 -4.32 -12.12 -6.42
C CYS A 114 -3.46 -11.79 -5.20
N LEU A 115 -2.19 -11.46 -5.41
CA LEU A 115 -1.31 -11.17 -4.27
C LEU A 115 -1.57 -9.80 -3.63
N GLY A 116 -2.31 -8.94 -4.33
CA GLY A 116 -2.70 -7.64 -3.79
C GLY A 116 -1.66 -6.54 -3.92
N LEU A 117 -0.77 -6.64 -4.91
CA LEU A 117 0.27 -5.61 -5.11
C LEU A 117 0.43 -5.18 -6.57
N PRO A 118 1.07 -4.02 -6.81
CA PRO A 118 1.48 -3.68 -8.17
C PRO A 118 2.33 -4.82 -8.71
N LEU A 119 2.14 -5.15 -9.98
CA LEU A 119 2.89 -6.24 -10.60
C LEU A 119 4.40 -6.10 -10.39
N VAL A 120 4.92 -4.88 -10.53
CA VAL A 120 6.36 -4.68 -10.43
C VAL A 120 6.87 -5.18 -9.09
N GLU A 121 6.07 -5.02 -8.04
CA GLU A 121 6.49 -5.44 -6.70
C GLU A 121 6.55 -6.95 -6.53
N ILE A 122 5.64 -7.68 -7.15
CA ILE A 122 5.76 -9.13 -7.05
C ILE A 122 6.82 -9.62 -8.03
N LEU A 123 7.16 -8.78 -9.00
CA LEU A 123 8.25 -9.15 -9.89
C LEU A 123 9.59 -8.81 -9.28
N GLY A 124 9.63 -8.25 -8.06
CA GLY A 124 10.90 -7.72 -7.58
C GLY A 124 11.42 -6.37 -8.05
N ARG A 125 10.80 -5.28 -7.61
CA ARG A 125 11.22 -3.94 -8.09
C ARG A 125 12.73 -3.67 -7.97
N ALA A 126 13.33 -3.34 -9.10
CA ALA A 126 14.66 -2.75 -9.17
C ALA A 126 14.77 -1.26 -9.50
N HIS A 127 13.66 -0.61 -9.88
CA HIS A 127 13.71 0.81 -10.26
C HIS A 127 12.40 1.49 -9.92
N ASP A 128 12.47 2.75 -9.51
CA ASP A 128 11.28 3.56 -9.30
C ASP A 128 10.74 4.20 -10.58
N SER A 129 11.64 4.79 -11.38
CA SER A 129 11.24 5.38 -12.66
C SER A 129 12.41 5.47 -13.62
N LEU A 130 12.10 5.66 -14.90
CA LEU A 130 13.12 5.97 -15.89
C LEU A 130 12.53 6.92 -16.91
N PRO A 131 13.39 7.74 -17.54
CA PRO A 131 12.88 8.59 -18.61
C PRO A 131 12.57 7.74 -19.83
N THR A 132 11.56 8.11 -20.58
CA THR A 132 11.35 7.48 -21.86
C THR A 132 11.68 8.45 -22.98
N SER A 133 12.18 7.90 -24.07
CA SER A 133 12.33 8.64 -25.30
C SER A 133 10.96 8.80 -25.94
N VAL A 134 10.86 9.76 -26.85
CA VAL A 134 9.78 9.80 -27.83
C VAL A 134 10.42 9.86 -29.20
N THR A 135 9.71 9.45 -30.23
CA THR A 135 10.32 9.25 -31.53
C THR A 135 10.12 10.39 -32.51
N ILE A 136 11.17 10.72 -33.23
CA ILE A 136 11.07 11.61 -34.38
C ILE A 136 11.35 10.76 -35.61
N GLY A 137 10.38 10.69 -36.52
CA GLY A 137 10.50 9.87 -37.70
C GLY A 137 11.49 10.43 -38.71
N ILE A 138 11.60 9.77 -39.85
CA ILE A 138 12.46 10.25 -40.91
C ILE A 138 11.79 11.45 -41.57
N LYS A 139 12.50 12.55 -41.70
CA LYS A 139 11.93 13.76 -42.28
C LYS A 139 13.00 14.84 -42.35
N PRO A 140 12.75 15.92 -43.11
CA PRO A 140 13.76 16.95 -43.39
C PRO A 140 14.18 17.71 -42.12
N VAL A 141 15.30 18.44 -42.21
CA VAL A 141 15.87 19.10 -41.04
C VAL A 141 14.87 19.95 -40.26
N GLU A 142 14.13 20.79 -40.97
CA GLU A 142 13.22 21.73 -40.32
C GLU A 142 12.12 21.05 -39.52
N GLU A 143 11.41 20.13 -40.16
CA GLU A 143 10.36 19.37 -39.47
C GLU A 143 10.95 18.61 -38.29
N THR A 144 12.16 18.11 -38.45
CA THR A 144 12.86 17.39 -37.38
C THR A 144 13.06 18.31 -36.16
N LEU A 145 13.55 19.52 -36.41
CA LEU A 145 13.84 20.48 -35.35
C LEU A 145 12.56 20.92 -34.67
N ALA A 146 11.55 21.18 -35.47
CA ALA A 146 10.27 21.65 -34.97
C ALA A 146 9.64 20.60 -34.06
N GLU A 147 9.63 19.36 -34.54
CA GLU A 147 9.09 18.27 -33.73
C GLU A 147 9.93 18.10 -32.46
N ALA A 148 11.24 18.27 -32.57
CA ALA A 148 12.11 18.25 -31.38
C ALA A 148 11.70 19.31 -30.32
N ARG A 149 11.48 20.56 -30.76
CA ARG A 149 11.02 21.62 -29.86
C ARG A 149 9.64 21.26 -29.24
N GLU A 150 8.77 20.68 -30.06
CA GLU A 150 7.47 20.24 -29.56
C GLU A 150 7.61 19.17 -28.45
N HIS A 151 8.47 18.18 -28.65
CA HIS A 151 8.66 17.16 -27.60
C HIS A 151 9.31 17.74 -26.35
N LEU A 152 10.28 18.63 -26.54
CA LEU A 152 10.88 19.28 -25.37
C LEU A 152 9.79 20.02 -24.57
N ALA A 153 8.86 20.68 -25.26
CA ALA A 153 7.84 21.44 -24.51
C ALA A 153 6.88 20.55 -23.70
N LEU A 154 6.73 19.29 -24.09
CA LEU A 154 5.93 18.37 -23.31
C LEU A 154 6.71 17.71 -22.16
N GLY A 155 7.98 18.09 -22.01
CA GLY A 155 8.78 17.63 -20.90
C GLY A 155 9.70 16.44 -21.15
N PHE A 156 9.81 16.00 -22.40
CA PHE A 156 10.74 14.91 -22.72
C PHE A 156 12.21 15.36 -22.77
N ARG A 157 13.06 14.59 -22.11
CA ARG A 157 14.52 14.75 -22.08
C ARG A 157 15.35 13.80 -22.98
N VAL A 158 14.66 12.94 -23.70
CA VAL A 158 15.30 11.94 -24.54
C VAL A 158 14.55 11.85 -25.87
N LEU A 159 15.29 11.92 -26.95
CA LEU A 159 14.74 11.88 -28.29
C LEU A 159 15.30 10.67 -29.03
N LYS A 160 14.41 9.90 -29.64
CA LYS A 160 14.81 8.75 -30.47
C LYS A 160 14.61 9.15 -31.92
N VAL A 161 15.71 9.23 -32.67
CA VAL A 161 15.64 9.72 -34.05
C VAL A 161 15.85 8.60 -35.06
N LYS A 162 14.87 8.39 -35.93
CA LYS A 162 15.02 7.40 -37.00
C LYS A 162 15.91 7.96 -38.13
N LEU A 163 16.81 7.10 -38.61
CA LEU A 163 17.77 7.40 -39.66
C LEU A 163 17.41 6.59 -40.92
N CYS A 164 17.60 7.16 -42.10
CA CYS A 164 17.23 6.43 -43.33
C CYS A 164 18.37 5.72 -44.07
N GLY A 165 19.61 5.92 -43.66
CA GLY A 165 20.72 5.28 -44.36
C GLY A 165 21.37 6.14 -45.42
N ASP A 166 20.82 7.32 -45.67
CA ASP A 166 21.48 8.28 -46.56
C ASP A 166 22.29 9.17 -45.65
N GLU A 167 23.61 9.01 -45.72
CA GLU A 167 24.49 9.60 -44.71
C GLU A 167 24.45 11.12 -44.72
N GLU A 168 24.35 11.74 -45.88
CA GLU A 168 24.34 13.20 -45.92
C GLU A 168 23.17 13.77 -45.13
N GLN A 169 21.96 13.30 -45.47
CA GLN A 169 20.75 13.69 -44.75
C GLN A 169 20.78 13.34 -43.27
N ASP A 170 21.16 12.11 -42.94
CA ASP A 170 21.23 11.64 -41.53
C ASP A 170 22.16 12.54 -40.69
N PHE A 171 23.39 12.68 -41.16
CA PHE A 171 24.41 13.46 -40.47
C PHE A 171 24.03 14.94 -40.33
N GLU A 172 23.46 15.53 -41.38
CA GLU A 172 23.05 16.92 -41.24
C GLU A 172 21.91 17.07 -40.23
N ARG A 173 20.93 16.16 -40.30
CA ARG A 173 19.85 16.17 -39.31
C ARG A 173 20.40 16.11 -37.90
N LEU A 174 21.32 15.18 -37.67
CA LEU A 174 21.84 15.00 -36.30
C LEU A 174 22.66 16.20 -35.85
N ARG A 175 23.42 16.81 -36.77
CA ARG A 175 24.21 17.99 -36.39
C ARG A 175 23.31 19.18 -36.02
N ARG A 176 22.31 19.44 -36.86
CA ARG A 176 21.41 20.55 -36.61
C ARG A 176 20.59 20.32 -35.35
N LEU A 177 20.19 19.07 -35.13
CA LEU A 177 19.41 18.73 -33.94
C LEU A 177 20.27 18.92 -32.70
N HIS A 178 21.52 18.46 -32.75
CA HIS A 178 22.44 18.67 -31.64
C HIS A 178 22.56 20.16 -31.34
N GLU A 179 22.77 20.96 -32.37
CA GLU A 179 22.96 22.40 -32.14
C GLU A 179 21.71 23.02 -31.50
N THR A 180 20.55 22.73 -32.08
CA THR A 180 19.27 23.21 -31.57
C THR A 180 18.95 22.75 -30.13
N LEU A 181 19.31 21.53 -29.77
CA LEU A 181 18.94 21.03 -28.45
C LEU A 181 19.75 21.77 -27.40
N ALA A 182 21.00 22.10 -27.72
CA ALA A 182 21.86 22.80 -26.78
C ALA A 182 21.77 22.15 -25.39
N GLY A 183 21.94 20.84 -25.34
CA GLY A 183 22.06 20.15 -24.08
C GLY A 183 20.75 19.80 -23.38
N ARG A 184 19.62 20.23 -23.92
CA ARG A 184 18.32 20.07 -23.25
C ARG A 184 17.76 18.64 -23.30
N ALA A 185 18.26 17.82 -24.22
CA ALA A 185 17.86 16.42 -24.25
C ALA A 185 18.95 15.54 -24.82
N VAL A 186 19.04 14.29 -24.38
CA VAL A 186 19.88 13.33 -25.08
C VAL A 186 19.20 12.71 -26.30
N VAL A 187 20.02 12.25 -27.25
CA VAL A 187 19.54 11.67 -28.49
C VAL A 187 20.06 10.23 -28.65
N ARG A 188 19.18 9.30 -29.04
CA ARG A 188 19.59 7.95 -29.46
C ARG A 188 19.09 7.78 -30.89
N VAL A 189 19.75 6.92 -31.68
CA VAL A 189 19.37 6.81 -33.09
C VAL A 189 18.99 5.40 -33.54
N ASP A 190 18.12 5.33 -34.54
CA ASP A 190 17.61 4.04 -35.01
C ASP A 190 17.58 3.97 -36.54
N PRO A 191 18.69 3.56 -37.16
CA PRO A 191 18.71 3.40 -38.62
C PRO A 191 17.88 2.22 -39.15
N ASN A 192 17.50 1.30 -38.25
CA ASN A 192 16.74 0.11 -38.62
C ASN A 192 17.19 -0.59 -39.90
N GLN A 193 18.43 -1.11 -39.88
CA GLN A 193 18.90 -2.04 -40.92
C GLN A 193 19.47 -1.37 -42.17
N SER A 194 19.42 -0.04 -42.20
CA SER A 194 19.70 0.70 -43.42
C SER A 194 21.16 1.08 -43.66
N TYR A 195 22.07 0.69 -42.78
CA TYR A 195 23.46 1.10 -42.95
C TYR A 195 24.33 -0.05 -43.46
N ASP A 196 25.36 0.28 -44.22
CA ASP A 196 26.40 -0.69 -44.54
C ASP A 196 27.57 -0.49 -43.59
N ARG A 197 28.59 -1.32 -43.73
CA ARG A 197 29.68 -1.39 -42.74
C ARG A 197 30.49 -0.10 -42.60
N ASP A 198 30.98 0.43 -43.73
CA ASP A 198 31.74 1.69 -43.71
C ASP A 198 30.89 2.87 -43.21
N GLY A 199 29.68 2.96 -43.76
CA GLY A 199 28.74 3.98 -43.36
C GLY A 199 28.57 3.94 -41.85
N LEU A 200 28.37 2.74 -41.31
CA LEU A 200 28.26 2.61 -39.85
C LEU A 200 29.49 3.13 -39.13
N LEU A 201 30.70 2.81 -39.63
CA LEU A 201 31.86 3.45 -38.98
C LEU A 201 31.78 4.99 -38.94
N ARG A 202 31.36 5.59 -40.05
CA ARG A 202 31.21 7.08 -40.06
C ARG A 202 30.15 7.57 -39.06
N LEU A 203 29.02 6.87 -39.04
CA LEU A 203 27.97 7.18 -38.09
C LEU A 203 28.50 7.10 -36.67
N ASP A 204 29.25 6.06 -36.34
CA ASP A 204 29.76 5.92 -34.98
C ASP A 204 30.71 7.05 -34.59
N ARG A 205 31.58 7.43 -35.54
CA ARG A 205 32.42 8.62 -35.26
C ARG A 205 31.55 9.84 -34.95
N LEU A 206 30.58 10.12 -35.81
CA LEU A 206 29.69 11.26 -35.56
C LEU A 206 28.96 11.14 -34.21
N VAL A 207 28.59 9.93 -33.85
CA VAL A 207 27.83 9.66 -32.65
C VAL A 207 28.68 9.95 -31.43
N GLN A 208 29.97 9.63 -31.51
CA GLN A 208 30.86 9.97 -30.41
C GLN A 208 31.03 11.49 -30.34
N GLU A 209 31.14 12.12 -31.51
CA GLU A 209 31.33 13.56 -31.54
C GLU A 209 30.20 14.28 -30.81
N LEU A 210 28.96 13.86 -31.09
CA LEU A 210 27.76 14.55 -30.63
C LEU A 210 27.19 14.05 -29.29
N GLY A 211 27.85 13.10 -28.65
CA GLY A 211 27.36 12.55 -27.40
C GLY A 211 26.04 11.79 -27.50
N ILE A 212 25.74 11.30 -28.71
CA ILE A 212 24.58 10.41 -28.91
C ILE A 212 24.76 9.11 -28.13
N GLU A 213 23.72 8.64 -27.45
CA GLU A 213 23.80 7.52 -26.50
C GLU A 213 24.23 6.19 -27.10
N PHE A 214 23.62 5.82 -28.23
CA PHE A 214 23.88 4.56 -28.91
C PHE A 214 23.13 4.47 -30.22
N ILE A 215 23.48 3.45 -31.00
CA ILE A 215 22.91 3.23 -32.32
C ILE A 215 22.16 1.92 -32.29
N GLU A 216 20.87 1.97 -32.62
CA GLU A 216 20.07 0.76 -32.60
C GLU A 216 20.02 0.12 -33.98
N GLN A 217 20.35 -1.17 -34.03
CA GLN A 217 20.17 -2.02 -35.22
C GLN A 217 20.59 -1.38 -36.54
N PRO A 218 21.88 -1.05 -36.68
CA PRO A 218 22.35 -0.41 -37.92
C PRO A 218 22.29 -1.35 -39.12
N PHE A 219 22.36 -2.65 -38.85
CA PHE A 219 22.58 -3.63 -39.91
C PHE A 219 21.37 -4.53 -40.03
N PRO A 220 21.20 -5.17 -41.21
CA PRO A 220 20.11 -6.12 -41.40
C PRO A 220 20.07 -7.15 -40.29
N ALA A 221 18.87 -7.55 -39.89
CA ALA A 221 18.63 -8.52 -38.82
C ALA A 221 19.48 -9.80 -38.95
N GLY A 222 19.63 -10.32 -40.17
CA GLY A 222 20.38 -11.56 -40.36
C GLY A 222 21.89 -11.35 -40.52
N ARG A 223 22.31 -10.10 -40.37
CA ARG A 223 23.71 -9.64 -40.48
C ARG A 223 24.57 -9.51 -39.20
N THR A 224 24.18 -10.17 -38.11
CA THR A 224 24.94 -10.03 -36.86
C THR A 224 26.45 -10.38 -36.96
N ASP A 225 26.85 -11.14 -37.99
CA ASP A 225 28.28 -11.29 -38.23
C ASP A 225 28.96 -9.93 -38.52
N TRP A 226 28.24 -9.06 -39.24
CA TRP A 226 28.72 -7.69 -39.43
C TRP A 226 28.94 -6.97 -38.09
N LEU A 227 28.07 -7.19 -37.12
CA LEU A 227 28.27 -6.59 -35.79
C LEU A 227 29.52 -7.19 -35.14
N ARG A 228 29.63 -8.52 -35.16
CA ARG A 228 30.74 -9.14 -34.46
C ARG A 228 32.08 -8.72 -35.05
N ALA A 229 32.07 -8.33 -36.33
CA ALA A 229 33.31 -7.88 -36.97
C ALA A 229 33.84 -6.53 -36.45
N LEU A 230 32.98 -5.78 -35.77
CA LEU A 230 33.33 -4.45 -35.23
C LEU A 230 34.18 -4.52 -33.96
N PRO A 231 34.97 -3.46 -33.70
CA PRO A 231 35.68 -3.37 -32.42
C PRO A 231 34.71 -3.44 -31.22
N LYS A 232 35.15 -4.04 -30.11
CA LYS A 232 34.28 -4.19 -28.93
C LYS A 232 33.74 -2.85 -28.42
N ALA A 233 34.53 -1.80 -28.55
CA ALA A 233 34.10 -0.51 -27.99
C ALA A 233 32.93 0.04 -28.77
N ILE A 234 32.90 -0.27 -30.07
CA ILE A 234 31.79 0.16 -30.88
C ILE A 234 30.58 -0.70 -30.61
N ARG A 235 30.79 -2.02 -30.53
CA ARG A 235 29.72 -2.95 -30.27
C ARG A 235 28.99 -2.56 -28.99
N ARG A 236 29.73 -2.10 -27.99
CA ARG A 236 29.13 -1.74 -26.70
C ARG A 236 28.08 -0.64 -26.84
N ARG A 237 28.27 0.21 -27.84
CA ARG A 237 27.36 1.33 -28.16
C ARG A 237 26.26 0.95 -29.15
N ILE A 238 26.13 -0.34 -29.46
CA ILE A 238 25.07 -0.76 -30.37
C ILE A 238 24.03 -1.61 -29.66
N ALA A 239 22.76 -1.41 -30.03
CA ALA A 239 21.66 -2.16 -29.46
C ALA A 239 21.06 -3.08 -30.53
N ALA A 240 20.61 -4.27 -30.10
CA ALA A 240 19.97 -5.23 -30.99
C ALA A 240 18.46 -5.07 -30.91
N ASP A 241 17.79 -4.93 -32.06
CA ASP A 241 16.33 -4.85 -32.00
C ASP A 241 15.65 -5.89 -32.86
N GLU A 242 15.63 -5.65 -34.18
CA GLU A 242 15.01 -6.61 -35.08
C GLU A 242 15.79 -7.95 -35.04
N SER A 243 17.05 -7.90 -34.63
CA SER A 243 17.86 -9.11 -34.44
C SER A 243 17.46 -9.89 -33.21
N LEU A 244 16.69 -9.26 -32.32
CA LEU A 244 16.40 -9.92 -31.07
C LEU A 244 14.89 -10.12 -30.90
N LEU A 245 14.43 -11.37 -30.99
CA LEU A 245 13.02 -11.70 -30.79
C LEU A 245 12.83 -12.24 -29.38
N GLY A 246 13.53 -13.32 -29.04
CA GLY A 246 13.25 -14.07 -27.84
C GLY A 246 14.54 -14.62 -27.26
N PRO A 247 14.42 -15.42 -26.19
CA PRO A 247 15.57 -15.91 -25.42
C PRO A 247 16.64 -16.59 -26.27
N ALA A 248 16.27 -17.35 -27.30
CA ALA A 248 17.29 -18.00 -28.16
C ALA A 248 18.21 -16.94 -28.81
N ASP A 249 17.60 -15.97 -29.49
CA ASP A 249 18.33 -14.83 -30.04
C ASP A 249 19.22 -14.18 -28.97
N ALA A 250 18.67 -13.95 -27.78
CA ALA A 250 19.44 -13.22 -26.76
C ALA A 250 20.68 -14.02 -26.36
N PHE A 251 20.51 -15.33 -26.25
CA PHE A 251 21.62 -16.21 -25.91
C PHE A 251 22.71 -16.17 -27.00
N ALA A 252 22.29 -16.25 -28.26
CA ALA A 252 23.27 -16.26 -29.36
C ALA A 252 23.97 -14.92 -29.54
N LEU A 253 23.28 -13.81 -29.20
CA LEU A 253 23.89 -12.49 -29.29
C LEU A 253 24.82 -12.21 -28.09
N ALA A 254 24.49 -12.77 -26.93
CA ALA A 254 25.31 -12.58 -25.74
C ALA A 254 26.56 -13.47 -25.68
N ALA A 255 26.53 -14.59 -26.38
CA ALA A 255 27.61 -15.58 -26.26
C ALA A 255 28.90 -14.98 -26.80
N PRO A 256 30.03 -15.25 -26.14
CA PRO A 256 31.29 -14.63 -26.56
C PRO A 256 31.68 -15.10 -27.96
N PRO A 257 32.20 -14.20 -28.81
CA PRO A 257 32.24 -12.75 -28.55
C PRO A 257 30.85 -12.12 -28.65
N ALA A 258 30.47 -11.30 -27.70
CA ALA A 258 29.12 -10.76 -27.69
C ALA A 258 28.90 -9.75 -28.84
N ALA A 259 27.76 -9.86 -29.50
CA ALA A 259 27.54 -9.08 -30.71
C ALA A 259 27.31 -7.59 -30.40
N CYS A 260 26.69 -7.27 -29.28
CA CYS A 260 26.43 -5.86 -28.95
C CYS A 260 26.19 -5.62 -27.47
N GLY A 261 26.00 -4.36 -27.09
CA GLY A 261 25.97 -4.01 -25.68
C GLY A 261 24.60 -3.79 -25.08
N ILE A 262 23.59 -3.78 -25.93
CA ILE A 262 22.24 -3.43 -25.51
C ILE A 262 21.20 -4.30 -26.21
N PHE A 263 20.24 -4.82 -25.43
CA PHE A 263 19.16 -5.65 -25.96
C PHE A 263 17.89 -4.87 -25.87
N ASN A 264 17.16 -4.76 -26.99
CA ASN A 264 15.88 -4.07 -26.98
C ASN A 264 14.76 -5.12 -26.93
N ILE A 265 14.11 -5.21 -25.78
CA ILE A 265 13.03 -6.15 -25.59
C ILE A 265 11.73 -5.45 -25.92
N LYS A 266 10.94 -6.06 -26.80
CA LYS A 266 9.54 -5.65 -27.01
C LYS A 266 8.63 -6.84 -26.76
N LEU A 267 7.61 -6.65 -25.93
CA LEU A 267 6.67 -7.73 -25.60
C LEU A 267 6.04 -8.35 -26.85
N MET A 268 5.73 -7.54 -27.86
CA MET A 268 5.21 -8.08 -29.12
C MET A 268 6.26 -8.89 -29.91
N LYS A 269 7.55 -8.71 -29.62
CA LYS A 269 8.55 -9.61 -30.17
C LYS A 269 8.79 -10.93 -29.42
N CYS A 270 8.93 -10.85 -28.09
CA CYS A 270 9.31 -12.04 -27.31
C CYS A 270 8.14 -12.87 -26.83
N GLY A 271 6.95 -12.31 -26.84
CA GLY A 271 5.77 -13.08 -26.52
C GLY A 271 5.30 -12.97 -25.09
N GLY A 272 5.85 -12.05 -24.31
CA GLY A 272 5.25 -11.78 -23.01
C GLY A 272 6.27 -11.47 -21.94
N LEU A 273 5.79 -11.36 -20.69
CA LEU A 273 6.68 -11.06 -19.57
C LEU A 273 7.62 -12.22 -19.23
N ALA A 274 7.14 -13.45 -19.38
CA ALA A 274 7.96 -14.64 -19.04
C ALA A 274 9.22 -14.76 -19.94
N PRO A 275 9.01 -14.75 -21.26
CA PRO A 275 10.19 -14.80 -22.13
C PRO A 275 11.03 -13.53 -21.95
N ALA A 276 10.39 -12.39 -21.69
CA ALA A 276 11.17 -11.16 -21.41
C ALA A 276 12.11 -11.36 -20.22
N ARG A 277 11.63 -12.08 -19.22
CA ARG A 277 12.38 -12.41 -18.01
C ARG A 277 13.57 -13.34 -18.33
N ARG A 278 13.33 -14.30 -19.19
CA ARG A 278 14.46 -15.13 -19.70
C ARG A 278 15.55 -14.30 -20.43
N ILE A 279 15.09 -13.41 -21.31
CA ILE A 279 16.02 -12.53 -21.99
C ILE A 279 16.82 -11.73 -20.97
N ALA A 280 16.14 -11.19 -19.97
CA ALA A 280 16.80 -10.42 -18.92
C ALA A 280 17.85 -11.24 -18.15
N THR A 281 17.53 -12.49 -17.82
CA THR A 281 18.52 -13.35 -17.14
C THR A 281 19.78 -13.48 -17.98
N ILE A 282 19.58 -13.79 -19.26
CA ILE A 282 20.71 -13.89 -20.16
C ILE A 282 21.53 -12.57 -20.18
N ALA A 283 20.84 -11.44 -20.38
CA ALA A 283 21.50 -10.13 -20.44
C ALA A 283 22.30 -9.77 -19.19
N GLU A 284 21.70 -9.96 -18.01
CA GLU A 284 22.34 -9.69 -16.73
C GLU A 284 23.57 -10.55 -16.55
N THR A 285 23.45 -11.84 -16.87
CA THR A 285 24.62 -12.70 -16.75
C THR A 285 25.73 -12.23 -17.69
N ALA A 286 25.37 -11.86 -18.93
CA ALA A 286 26.37 -11.44 -19.90
C ALA A 286 26.81 -9.97 -19.75
N GLY A 287 26.18 -9.23 -18.85
CA GLY A 287 26.57 -7.85 -18.63
C GLY A 287 26.08 -6.93 -19.73
N ILE A 288 24.93 -7.26 -20.29
CA ILE A 288 24.37 -6.50 -21.39
C ILE A 288 23.22 -5.63 -20.83
N ASP A 289 23.14 -4.39 -21.27
CA ASP A 289 22.06 -3.49 -20.80
C ASP A 289 20.74 -3.75 -21.50
N LEU A 290 19.65 -3.47 -20.79
CA LEU A 290 18.30 -3.67 -21.32
C LEU A 290 17.61 -2.37 -21.72
N MET A 291 16.92 -2.43 -22.84
CA MET A 291 16.16 -1.32 -23.36
C MET A 291 14.77 -1.93 -23.59
N TRP A 292 13.72 -1.21 -23.23
CA TRP A 292 12.37 -1.74 -23.45
C TRP A 292 11.64 -0.85 -24.45
N GLY A 293 11.32 -1.44 -25.61
CA GLY A 293 10.63 -0.73 -26.65
C GLY A 293 9.20 -1.18 -26.75
N CYS A 294 8.53 -0.74 -27.81
CA CYS A 294 7.13 -1.06 -28.01
C CYS A 294 6.72 -0.86 -29.48
N MET A 295 5.49 -1.25 -29.77
CA MET A 295 4.82 -1.00 -31.05
C MET A 295 3.80 0.11 -30.78
N ASP A 296 2.94 0.41 -31.76
CA ASP A 296 1.81 1.27 -31.46
C ASP A 296 0.82 0.44 -30.65
N GLU A 297 0.57 0.90 -29.43
CA GLU A 297 -0.03 0.06 -28.41
C GLU A 297 -0.88 0.87 -27.44
N SER A 298 -1.94 0.24 -26.94
CA SER A 298 -2.77 0.78 -25.89
C SER A 298 -1.92 0.90 -24.63
N ARG A 299 -2.34 1.76 -23.70
CA ARG A 299 -1.67 1.90 -22.42
C ARG A 299 -1.55 0.56 -21.70
N ILE A 300 -2.44 -0.38 -22.00
CA ILE A 300 -2.39 -1.68 -21.33
C ILE A 300 -1.03 -2.38 -21.46
N SER A 301 -0.54 -2.49 -22.69
CA SER A 301 0.71 -3.21 -22.91
C SER A 301 1.94 -2.36 -22.60
N ILE A 302 1.81 -1.04 -22.73
CA ILE A 302 2.86 -0.14 -22.25
C ILE A 302 3.04 -0.34 -20.74
N ALA A 303 1.94 -0.33 -20.01
CA ALA A 303 1.97 -0.57 -18.57
C ALA A 303 2.61 -1.92 -18.28
N ALA A 304 2.15 -2.97 -18.97
CA ALA A 304 2.77 -4.29 -18.77
C ALA A 304 4.31 -4.25 -18.92
N ALA A 305 4.76 -3.64 -20.02
CA ALA A 305 6.20 -3.56 -20.33
C ALA A 305 6.92 -2.77 -19.25
N LEU A 306 6.27 -1.74 -18.75
CA LEU A 306 6.88 -0.86 -17.76
C LEU A 306 7.05 -1.60 -16.44
N HIS A 307 6.03 -2.37 -16.04
CA HIS A 307 6.16 -3.17 -14.83
C HIS A 307 7.35 -4.12 -14.96
N ALA A 308 7.39 -4.82 -16.10
CA ALA A 308 8.49 -5.76 -16.30
C ALA A 308 9.85 -5.04 -16.26
N ALA A 309 9.94 -3.89 -16.92
CA ALA A 309 11.20 -3.14 -17.02
C ALA A 309 11.67 -2.64 -15.65
N LEU A 310 10.73 -2.13 -14.86
CA LEU A 310 11.08 -1.60 -13.55
C LEU A 310 11.42 -2.75 -12.62
N ALA A 311 11.10 -3.97 -13.04
CA ALA A 311 11.56 -5.11 -12.26
C ALA A 311 12.89 -5.78 -12.69
N CYS A 312 13.61 -5.21 -13.67
CA CYS A 312 14.92 -5.77 -14.06
C CYS A 312 16.11 -4.89 -13.73
N PRO A 313 17.01 -5.39 -12.88
CA PRO A 313 18.24 -4.66 -12.58
C PRO A 313 18.94 -4.19 -13.85
N ALA A 314 18.86 -4.96 -14.93
CA ALA A 314 19.59 -4.61 -16.15
C ALA A 314 18.97 -3.48 -17.00
N THR A 315 17.78 -3.02 -16.63
CA THR A 315 17.13 -2.04 -17.49
C THR A 315 17.89 -0.73 -17.39
N ARG A 316 18.45 -0.23 -18.49
CA ARG A 316 18.91 1.16 -18.55
C ARG A 316 18.12 2.17 -19.36
N TYR A 317 17.17 1.72 -20.18
CA TYR A 317 16.52 2.63 -21.15
C TYR A 317 15.10 2.22 -21.46
N LEU A 318 14.26 3.20 -21.78
CA LEU A 318 12.89 2.94 -22.23
C LEU A 318 12.58 3.70 -23.53
N ASP A 319 12.06 3.03 -24.57
CA ASP A 319 11.27 3.75 -25.56
C ASP A 319 9.85 3.20 -25.44
N LEU A 320 9.12 3.83 -24.54
CA LEU A 320 7.79 3.45 -24.11
C LEU A 320 6.62 4.28 -24.63
N ASP A 321 6.88 5.07 -25.66
CA ASP A 321 5.99 6.15 -26.12
C ASP A 321 4.83 5.70 -27.02
N GLY A 322 4.69 4.39 -27.25
CA GLY A 322 3.71 3.90 -28.22
C GLY A 322 2.22 4.19 -28.02
N SER A 323 1.82 4.60 -26.81
CA SER A 323 0.42 4.99 -26.58
C SER A 323 0.18 6.49 -26.62
N PHE A 324 1.25 7.28 -26.78
CA PHE A 324 1.13 8.72 -26.63
C PHE A 324 0.29 9.33 -27.74
N ASP A 325 0.36 8.76 -28.93
CA ASP A 325 -0.29 9.32 -30.10
C ASP A 325 -1.69 8.74 -30.34
N LEU A 326 -2.15 7.88 -29.44
CA LEU A 326 -3.49 7.34 -29.55
C LEU A 326 -4.50 8.44 -29.20
N ALA A 327 -5.48 8.66 -30.08
CA ALA A 327 -6.50 9.68 -29.85
C ALA A 327 -7.51 9.20 -28.82
N ARG A 328 -7.71 7.90 -28.75
CA ARG A 328 -8.50 7.31 -27.67
C ARG A 328 -7.83 6.03 -27.23
N ASP A 329 -8.25 5.52 -26.08
CA ASP A 329 -7.72 4.28 -25.55
C ASP A 329 -8.84 3.63 -24.76
N VAL A 330 -8.70 2.33 -24.47
CA VAL A 330 -9.75 1.63 -23.75
C VAL A 330 -9.52 1.58 -22.24
N ALA A 331 -8.43 2.19 -21.78
CA ALA A 331 -8.16 2.19 -20.35
C ALA A 331 -7.35 3.41 -19.94
N GLU A 332 -7.41 3.73 -18.64
CA GLU A 332 -6.58 4.79 -18.08
C GLU A 332 -5.62 4.18 -17.08
N GLY A 333 -4.74 5.02 -16.53
CA GLY A 333 -3.81 4.58 -15.52
C GLY A 333 -2.72 3.65 -16.02
N GLY A 334 -2.24 2.83 -15.11
CA GLY A 334 -1.32 1.74 -15.36
C GLY A 334 0.10 2.29 -15.32
N PHE A 335 0.25 3.56 -15.70
CA PHE A 335 1.52 4.26 -15.62
C PHE A 335 1.28 5.75 -15.52
N ILE A 336 2.25 6.45 -14.98
CA ILE A 336 2.23 7.89 -14.89
C ILE A 336 3.45 8.44 -15.62
N LEU A 337 3.21 9.48 -16.43
CA LEU A 337 4.25 10.21 -17.10
C LEU A 337 4.42 11.53 -16.36
N GLU A 338 5.64 11.80 -15.89
CA GLU A 338 5.94 13.10 -15.32
C GLU A 338 7.36 13.54 -15.70
N ASP A 339 7.49 14.77 -16.21
CA ASP A 339 8.80 15.31 -16.59
C ASP A 339 9.59 14.30 -17.43
N GLY A 340 8.91 13.74 -18.43
CA GLY A 340 9.50 12.77 -19.33
C GLY A 340 9.81 11.40 -18.72
N ARG A 341 9.41 11.17 -17.47
CA ARG A 341 9.76 9.91 -16.79
C ARG A 341 8.53 9.09 -16.53
N LEU A 342 8.66 7.78 -16.69
CA LEU A 342 7.54 6.86 -16.48
C LEU A 342 7.69 6.12 -15.17
N ARG A 343 6.58 5.96 -14.44
CA ARG A 343 6.55 5.15 -13.23
C ARG A 343 5.21 4.41 -13.17
N VAL A 344 5.09 3.38 -12.34
CA VAL A 344 3.76 2.77 -12.17
C VAL A 344 3.01 3.43 -11.02
N THR A 345 1.74 3.04 -10.81
CA THR A 345 0.91 3.55 -9.72
C THR A 345 0.92 2.59 -8.53
N GLU A 346 0.21 2.92 -7.47
CA GLU A 346 0.21 2.11 -6.26
C GLU A 346 -0.89 1.05 -6.26
N ARG A 347 -1.71 1.05 -7.31
CA ARG A 347 -2.79 0.07 -7.46
C ARG A 347 -2.24 -1.31 -7.81
N PRO A 348 -3.01 -2.36 -7.48
CA PRO A 348 -2.62 -3.76 -7.70
C PRO A 348 -2.64 -4.11 -9.18
N GLY A 349 -2.01 -5.22 -9.55
CA GLY A 349 -2.05 -5.69 -10.91
C GLY A 349 -1.34 -4.71 -11.83
N LEU A 350 -1.80 -4.60 -13.06
CA LEU A 350 -1.23 -3.63 -13.98
C LEU A 350 -1.54 -2.20 -13.49
N GLY A 351 -2.51 -2.07 -12.61
CA GLY A 351 -2.89 -0.75 -12.10
C GLY A 351 -3.74 0.07 -13.07
N LEU A 352 -4.51 -0.64 -13.90
CA LEU A 352 -5.30 0.00 -14.95
C LEU A 352 -6.73 0.30 -14.49
N VAL A 353 -7.28 1.41 -14.98
CA VAL A 353 -8.67 1.77 -14.71
C VAL A 353 -9.50 1.56 -15.98
N TYR A 354 -10.52 0.72 -15.88
CA TYR A 354 -11.20 0.22 -17.08
C TYR A 354 -12.62 0.75 -17.23
N MET B 1 6.34 43.25 -13.13
CA MET B 1 7.10 42.84 -14.30
C MET B 1 6.82 43.68 -15.55
N LYS B 2 7.88 44.21 -16.16
CA LYS B 2 7.77 45.05 -17.34
C LYS B 2 7.64 44.19 -18.61
N ILE B 3 6.89 44.69 -19.60
CA ILE B 3 6.82 44.00 -20.88
C ILE B 3 8.11 44.33 -21.65
N ALA B 4 8.88 43.29 -21.97
CA ALA B 4 10.09 43.44 -22.75
C ALA B 4 9.88 43.46 -24.26
N ASP B 5 9.03 42.56 -24.76
CA ASP B 5 8.97 42.37 -26.20
C ASP B 5 7.59 41.88 -26.65
N ILE B 6 7.16 42.27 -27.85
CA ILE B 6 5.91 41.78 -28.43
C ILE B 6 6.11 41.37 -29.89
N GLN B 7 5.81 40.12 -30.21
CA GLN B 7 5.94 39.61 -31.57
C GLN B 7 4.59 39.17 -32.10
N VAL B 8 4.28 39.50 -33.35
CA VAL B 8 3.01 39.13 -33.94
C VAL B 8 3.24 38.47 -35.29
N ARG B 9 2.54 37.37 -35.55
CA ARG B 9 2.66 36.73 -36.87
C ARG B 9 1.33 36.19 -37.36
N THR B 10 1.23 35.94 -38.66
CA THR B 10 0.03 35.32 -39.21
C THR B 10 0.21 33.82 -39.35
N GLU B 11 -0.71 33.05 -38.80
CA GLU B 11 -0.70 31.60 -38.97
C GLU B 11 -1.85 31.20 -39.87
N HIS B 12 -1.54 30.39 -40.89
CA HIS B 12 -2.56 29.81 -41.76
C HIS B 12 -2.79 28.38 -41.33
N PHE B 13 -3.96 28.14 -40.76
CA PHE B 13 -4.32 26.82 -40.24
C PHE B 13 -5.26 26.13 -41.22
N PRO B 14 -4.83 25.01 -41.79
CA PRO B 14 -5.72 24.26 -42.68
C PRO B 14 -6.77 23.48 -41.86
N LEU B 15 -7.97 23.39 -42.42
CA LEU B 15 -9.05 22.63 -41.81
C LEU B 15 -8.95 21.12 -42.09
N THR B 16 -9.51 20.29 -41.22
CA THR B 16 -9.49 18.85 -41.40
C THR B 16 -10.49 18.41 -42.48
N GLU B 27 -11.54 25.79 -46.48
CA GLU B 27 -10.23 25.27 -46.85
C GLU B 27 -9.17 25.59 -45.79
N GLU B 28 -9.02 26.88 -45.49
CA GLU B 28 -7.99 27.33 -44.57
C GLU B 28 -8.45 28.58 -43.81
N ILE B 29 -8.07 28.68 -42.54
CA ILE B 29 -8.41 29.89 -41.77
C ILE B 29 -7.17 30.53 -41.15
N ASP B 30 -7.16 31.87 -41.07
CA ASP B 30 -6.03 32.60 -40.54
C ASP B 30 -6.26 33.06 -39.11
N ASN B 31 -5.20 33.06 -38.30
CA ASN B 31 -5.24 33.68 -36.97
C ASN B 31 -3.98 34.54 -36.82
N LEU B 32 -4.07 35.66 -36.12
CA LEU B 32 -2.87 36.39 -35.76
C LEU B 32 -2.42 35.86 -34.41
N ILE B 33 -1.14 35.50 -34.29
CA ILE B 33 -0.61 34.98 -33.05
C ILE B 33 0.30 36.00 -32.38
N VAL B 34 -0.01 36.28 -31.12
CA VAL B 34 0.69 37.28 -30.35
C VAL B 34 1.52 36.63 -29.25
N GLU B 35 2.78 37.06 -29.14
CA GLU B 35 3.66 36.64 -28.06
C GLU B 35 4.13 37.87 -27.28
N ILE B 36 3.89 37.86 -25.97
CA ILE B 36 4.36 38.94 -25.11
C ILE B 36 5.37 38.40 -24.11
N ARG B 37 6.53 39.03 -24.04
CA ARG B 37 7.61 38.59 -23.17
C ARG B 37 7.97 39.66 -22.17
N THR B 38 8.02 39.24 -20.90
CA THR B 38 8.51 40.06 -19.81
C THR B 38 10.03 40.15 -19.82
N ALA B 39 10.57 41.17 -19.15
CA ALA B 39 12.00 41.28 -18.92
C ALA B 39 12.57 39.96 -18.35
N ASP B 40 11.87 39.35 -17.40
CA ASP B 40 12.32 38.09 -16.81
C ASP B 40 12.18 36.84 -17.72
N GLY B 41 11.53 36.99 -18.87
CA GLY B 41 11.45 35.88 -19.81
C GLY B 41 10.16 35.09 -19.85
N LEU B 42 9.21 35.42 -18.98
CA LEU B 42 7.89 34.78 -19.08
C LEU B 42 7.26 35.12 -20.42
N LEU B 43 6.40 34.21 -20.89
CA LEU B 43 5.73 34.38 -22.18
C LEU B 43 4.22 34.25 -22.03
N GLY B 44 3.50 35.34 -22.31
CA GLY B 44 2.06 35.28 -22.50
C GLY B 44 1.68 35.11 -23.96
N LEU B 45 0.56 34.46 -24.23
CA LEU B 45 0.17 34.16 -25.60
C LEU B 45 -1.23 34.68 -25.88
N GLY B 46 -1.46 35.07 -27.13
CA GLY B 46 -2.79 35.48 -27.54
C GLY B 46 -3.05 35.14 -28.99
N ALA B 47 -4.32 35.08 -29.37
CA ALA B 47 -4.66 34.82 -30.76
C ALA B 47 -5.85 35.66 -31.17
N ALA B 48 -5.81 36.18 -32.39
CA ALA B 48 -6.90 36.97 -32.94
C ALA B 48 -7.51 36.27 -34.14
N SER B 49 -8.83 36.24 -34.16
CA SER B 49 -9.57 35.73 -35.30
C SER B 49 -10.73 36.69 -35.54
N PRO B 50 -10.48 37.78 -36.28
CA PRO B 50 -11.49 38.83 -36.48
C PRO B 50 -12.67 38.36 -37.36
N GLU B 51 -13.88 38.75 -37.01
CA GLU B 51 -15.01 38.42 -37.86
C GLU B 51 -15.63 39.70 -38.42
N ARG B 52 -15.36 39.98 -39.67
CA ARG B 52 -15.67 41.30 -40.21
C ARG B 52 -17.17 41.58 -40.29
N HIS B 53 -17.97 40.56 -40.60
CA HIS B 53 -19.40 40.75 -40.74
C HIS B 53 -20.08 41.04 -39.39
N VAL B 54 -19.54 40.49 -38.31
CA VAL B 54 -20.02 40.85 -36.96
C VAL B 54 -19.48 42.15 -36.36
N THR B 55 -18.16 42.33 -36.38
CA THR B 55 -17.52 43.52 -35.80
C THR B 55 -17.06 44.64 -36.74
N GLY B 56 -17.17 44.43 -38.05
CA GLY B 56 -16.49 45.33 -38.98
C GLY B 56 -14.97 45.18 -39.10
N GLU B 57 -14.38 44.23 -38.37
CA GLU B 57 -12.92 44.13 -38.29
C GLU B 57 -12.36 43.14 -39.32
N THR B 58 -11.64 43.66 -40.31
CA THR B 58 -11.01 42.82 -41.32
C THR B 58 -9.70 42.22 -40.83
N LEU B 59 -9.29 41.11 -41.41
CA LEU B 59 -7.98 40.56 -41.09
C LEU B 59 -6.87 41.60 -41.30
N GLU B 60 -7.03 42.45 -42.31
CA GLU B 60 -6.04 43.47 -42.60
C GLU B 60 -5.98 44.56 -41.51
N ALA B 61 -7.15 45.05 -41.11
CA ALA B 61 -7.24 46.03 -40.04
C ALA B 61 -6.66 45.44 -38.75
N CYS B 62 -6.94 44.16 -38.56
CA CYS B 62 -6.49 43.48 -37.35
C CYS B 62 -4.96 43.39 -37.35
N HIS B 63 -4.39 43.05 -38.50
CA HIS B 63 -2.94 43.01 -38.65
C HIS B 63 -2.33 44.39 -38.41
N ALA B 64 -2.97 45.42 -38.96
CA ALA B 64 -2.47 46.78 -38.83
C ALA B 64 -2.46 47.24 -37.37
N ALA B 65 -3.53 46.95 -36.65
CA ALA B 65 -3.65 47.33 -35.24
C ALA B 65 -2.55 46.69 -34.38
N LEU B 66 -2.06 45.52 -34.80
CA LEU B 66 -1.00 44.80 -34.07
C LEU B 66 0.41 45.12 -34.57
N ASP B 67 0.51 46.04 -35.53
CA ASP B 67 1.81 46.43 -36.08
C ASP B 67 2.78 46.93 -35.01
N HIS B 68 4.06 46.68 -35.23
CA HIS B 68 5.11 46.91 -34.23
C HIS B 68 5.10 48.32 -33.67
N ASP B 69 4.97 49.30 -34.56
CA ASP B 69 5.00 50.72 -34.17
C ASP B 69 3.77 51.13 -33.37
N ARG B 70 2.61 50.61 -33.76
CA ARG B 70 1.39 50.90 -33.05
C ARG B 70 1.38 50.32 -31.63
N LEU B 71 2.18 49.28 -31.41
CA LEU B 71 2.22 48.62 -30.10
C LEU B 71 3.35 49.13 -29.21
N GLY B 72 4.08 50.14 -29.70
CA GLY B 72 5.22 50.67 -28.96
C GLY B 72 4.85 51.05 -27.54
N TRP B 73 3.67 51.65 -27.37
CA TRP B 73 3.27 52.18 -26.06
C TRP B 73 3.24 51.10 -24.98
N LEU B 74 3.07 49.84 -25.38
CA LEU B 74 3.06 48.74 -24.42
C LEU B 74 4.42 48.39 -23.83
N MET B 75 5.50 48.75 -24.54
CA MET B 75 6.84 48.32 -24.13
C MET B 75 7.24 48.96 -22.80
N GLY B 76 7.83 48.18 -21.91
CA GLY B 76 8.22 48.69 -20.60
C GLY B 76 7.07 48.85 -19.60
N ARG B 77 5.84 48.63 -20.04
CA ARG B 77 4.71 48.79 -19.13
C ARG B 77 4.61 47.60 -18.16
N ASP B 78 4.04 47.86 -16.97
CA ASP B 78 4.00 46.89 -15.87
C ASP B 78 2.73 46.04 -15.93
N ILE B 79 2.86 44.73 -16.13
CA ILE B 79 1.68 43.88 -16.30
C ILE B 79 0.80 43.83 -15.04
N ARG B 80 1.39 44.16 -13.89
CA ARG B 80 0.65 44.21 -12.62
C ARG B 80 -0.40 45.32 -12.61
N THR B 81 -0.31 46.23 -13.57
CA THR B 81 -1.25 47.34 -13.74
C THR B 81 -2.39 46.92 -14.67
N LEU B 82 -2.49 45.61 -14.95
CA LEU B 82 -3.33 45.13 -16.06
C LEU B 82 -4.67 45.84 -16.27
N PRO B 83 -5.48 46.11 -15.22
CA PRO B 83 -6.75 46.76 -15.57
C PRO B 83 -6.54 48.13 -16.24
N ARG B 84 -5.47 48.81 -15.90
CA ARG B 84 -5.20 50.06 -16.60
C ARG B 84 -4.80 49.78 -18.05
N LEU B 85 -3.99 48.74 -18.24
CA LEU B 85 -3.54 48.37 -19.58
C LEU B 85 -4.73 48.02 -20.48
N CYS B 86 -5.71 47.31 -19.92
CA CYS B 86 -6.90 46.97 -20.69
C CYS B 86 -7.73 48.22 -21.02
N ARG B 87 -7.83 49.18 -20.11
CA ARG B 87 -8.51 50.42 -20.48
C ARG B 87 -7.83 51.09 -21.66
N GLU B 88 -6.50 51.12 -21.64
CA GLU B 88 -5.78 51.73 -22.75
C GLU B 88 -5.94 50.91 -24.05
N LEU B 89 -6.04 49.59 -23.93
CA LEU B 89 -6.32 48.77 -25.11
C LEU B 89 -7.67 49.18 -25.70
N ALA B 90 -8.66 49.39 -24.84
CA ALA B 90 -9.96 49.90 -25.31
C ALA B 90 -9.82 51.22 -26.10
N GLU B 91 -9.01 52.14 -25.59
CA GLU B 91 -8.85 53.47 -26.23
C GLU B 91 -8.02 53.38 -27.50
N ARG B 92 -6.98 52.56 -27.47
CA ARG B 92 -6.05 52.53 -28.59
C ARG B 92 -6.36 51.56 -29.71
N LEU B 93 -7.26 50.60 -29.48
CA LEU B 93 -7.70 49.72 -30.56
C LEU B 93 -9.21 49.63 -30.54
N PRO B 94 -9.87 50.79 -30.68
CA PRO B 94 -11.33 50.86 -30.49
C PRO B 94 -12.10 50.10 -31.58
N ALA B 95 -11.56 50.07 -32.80
CA ALA B 95 -12.23 49.39 -33.90
C ALA B 95 -11.75 47.96 -34.19
N ALA B 96 -10.80 47.43 -33.42
CA ALA B 96 -10.29 46.10 -33.72
C ALA B 96 -10.34 45.16 -32.53
N PRO B 97 -11.54 44.69 -32.19
CA PRO B 97 -11.75 43.90 -30.96
C PRO B 97 -10.97 42.58 -30.94
N ALA B 98 -10.75 41.93 -32.08
CA ALA B 98 -10.00 40.66 -32.10
C ALA B 98 -8.51 40.83 -31.72
N ALA B 99 -7.89 41.85 -32.30
CA ALA B 99 -6.52 42.24 -31.94
C ALA B 99 -6.41 42.62 -30.45
N ARG B 100 -7.38 43.43 -30.02
CA ARG B 100 -7.48 43.85 -28.63
C ARG B 100 -7.52 42.61 -27.73
N ALA B 101 -8.40 41.68 -28.07
CA ALA B 101 -8.51 40.40 -27.37
C ALA B 101 -7.19 39.63 -27.32
N ALA B 102 -6.47 39.56 -28.44
CA ALA B 102 -5.22 38.79 -28.43
C ALA B 102 -4.22 39.39 -27.40
N LEU B 103 -4.09 40.73 -27.45
CA LEU B 103 -3.25 41.41 -26.46
C LEU B 103 -3.73 41.17 -25.00
N ASP B 104 -5.03 41.31 -24.79
CA ASP B 104 -5.63 41.24 -23.46
C ASP B 104 -5.39 39.84 -22.88
N MET B 105 -5.61 38.81 -23.69
CA MET B 105 -5.51 37.48 -23.17
C MET B 105 -4.03 37.14 -22.90
N ALA B 106 -3.13 37.62 -23.76
CA ALA B 106 -1.72 37.36 -23.45
C ALA B 106 -1.31 38.04 -22.13
N LEU B 107 -1.83 39.24 -21.90
CA LEU B 107 -1.55 39.95 -20.64
C LEU B 107 -2.10 39.21 -19.43
N HIS B 108 -3.32 38.70 -19.53
CA HIS B 108 -3.88 37.89 -18.43
C HIS B 108 -3.03 36.63 -18.16
N ASP B 109 -2.62 35.97 -19.24
CA ASP B 109 -1.70 34.83 -19.18
C ASP B 109 -0.48 35.22 -18.32
N LEU B 110 0.16 36.34 -18.66
CA LEU B 110 1.33 36.79 -17.89
C LEU B 110 1.02 37.10 -16.43
N VAL B 111 -0.07 37.80 -16.16
CA VAL B 111 -0.43 38.12 -14.78
C VAL B 111 -0.63 36.87 -13.90
N ALA B 112 -1.36 35.90 -14.44
CA ALA B 112 -1.55 34.65 -13.72
C ALA B 112 -0.24 33.85 -13.55
N GLN B 113 0.65 33.88 -14.54
CA GLN B 113 1.93 33.19 -14.33
C GLN B 113 2.74 33.90 -13.23
N CYS B 114 2.68 35.23 -13.22
CA CYS B 114 3.34 36.04 -12.22
C CYS B 114 2.85 35.63 -10.84
N LEU B 115 1.54 35.42 -10.73
CA LEU B 115 0.95 35.02 -9.45
C LEU B 115 1.09 33.53 -9.15
N GLY B 116 1.37 32.74 -10.19
CA GLY B 116 1.68 31.33 -10.03
C GLY B 116 0.51 30.36 -10.02
N LEU B 117 -0.63 30.76 -10.56
CA LEU B 117 -1.81 29.88 -10.60
C LEU B 117 -2.45 29.83 -11.99
N PRO B 118 -3.31 28.83 -12.23
CA PRO B 118 -4.13 28.86 -13.44
C PRO B 118 -4.96 30.14 -13.48
N LEU B 119 -5.10 30.73 -14.66
CA LEU B 119 -5.82 32.00 -14.78
C LEU B 119 -7.17 31.98 -14.09
N VAL B 120 -7.93 30.89 -14.25
CA VAL B 120 -9.27 30.82 -13.67
C VAL B 120 -9.26 31.03 -12.14
N GLU B 121 -8.22 30.55 -11.48
CA GLU B 121 -8.12 30.65 -10.03
C GLU B 121 -7.96 32.09 -9.61
N ILE B 122 -7.14 32.81 -10.36
CA ILE B 122 -6.87 34.22 -10.15
C ILE B 122 -8.14 35.00 -10.44
N LEU B 123 -8.92 34.52 -11.40
CA LEU B 123 -10.18 35.18 -11.75
C LEU B 123 -11.29 34.90 -10.76
N GLY B 124 -11.06 34.05 -9.75
CA GLY B 124 -12.21 33.52 -9.02
C GLY B 124 -13.04 32.35 -9.53
N ARG B 125 -12.49 31.15 -9.51
CA ARG B 125 -13.23 29.99 -9.98
C ARG B 125 -14.68 29.86 -9.48
N ALA B 126 -15.51 29.50 -10.42
CA ALA B 126 -16.96 29.43 -10.32
C ALA B 126 -17.32 27.98 -10.64
N HIS B 127 -16.90 27.51 -11.81
CA HIS B 127 -17.14 26.14 -12.23
C HIS B 127 -15.85 25.30 -12.42
N ASP B 128 -15.98 23.99 -12.24
CA ASP B 128 -14.90 23.05 -12.56
C ASP B 128 -14.82 22.68 -14.05
N SER B 129 -15.97 22.42 -14.66
CA SER B 129 -16.02 22.01 -16.06
C SER B 129 -17.40 22.27 -16.62
N LEU B 130 -17.51 22.31 -17.94
CA LEU B 130 -18.81 22.46 -18.58
C LEU B 130 -18.89 21.67 -19.89
N PRO B 131 -20.09 21.19 -20.23
CA PRO B 131 -20.33 20.56 -21.53
C PRO B 131 -20.07 21.62 -22.59
N THR B 132 -19.55 21.21 -23.74
CA THR B 132 -19.47 22.12 -24.87
C THR B 132 -20.22 21.50 -26.02
N SER B 133 -20.93 22.34 -26.77
CA SER B 133 -21.51 21.91 -28.02
C SER B 133 -20.44 21.77 -29.11
N VAL B 134 -20.78 20.99 -30.12
CA VAL B 134 -20.10 21.04 -31.41
C VAL B 134 -21.13 21.46 -32.44
N THR B 135 -20.66 22.07 -33.53
CA THR B 135 -21.56 22.66 -34.49
C THR B 135 -21.88 21.77 -35.68
N ILE B 136 -23.16 21.66 -36.01
CA ILE B 136 -23.53 21.06 -37.27
C ILE B 136 -24.02 22.18 -38.19
N GLY B 137 -23.37 22.35 -39.32
CA GLY B 137 -23.68 23.44 -40.21
C GLY B 137 -24.96 23.21 -40.97
N ILE B 138 -25.25 24.11 -41.90
CA ILE B 138 -26.45 23.98 -42.71
C ILE B 138 -26.18 22.94 -43.79
N LYS B 139 -26.98 21.88 -43.78
CA LYS B 139 -26.83 20.85 -44.79
C LYS B 139 -28.09 19.98 -44.82
N PRO B 140 -28.15 19.03 -45.74
CA PRO B 140 -29.31 18.15 -45.85
C PRO B 140 -29.46 17.22 -44.65
N VAL B 141 -30.65 16.64 -44.48
CA VAL B 141 -30.95 15.76 -43.36
C VAL B 141 -29.97 14.59 -43.16
N GLU B 142 -29.66 13.85 -44.22
CA GLU B 142 -28.81 12.68 -44.08
C GLU B 142 -27.43 13.03 -43.52
N GLU B 143 -26.80 14.08 -44.05
CA GLU B 143 -25.50 14.53 -43.54
C GLU B 143 -25.62 15.01 -42.12
N THR B 144 -26.75 15.66 -41.81
CA THR B 144 -26.97 16.19 -40.48
C THR B 144 -26.95 15.06 -39.48
N LEU B 145 -27.74 14.03 -39.77
CA LEU B 145 -27.80 12.84 -38.93
C LEU B 145 -26.46 12.12 -38.84
N ALA B 146 -25.74 12.03 -39.96
CA ALA B 146 -24.46 11.33 -39.97
C ALA B 146 -23.44 12.05 -39.09
N GLU B 147 -23.38 13.38 -39.21
CA GLU B 147 -22.52 14.19 -38.37
C GLU B 147 -22.90 14.09 -36.91
N ALA B 148 -24.20 14.12 -36.62
CA ALA B 148 -24.62 13.98 -35.23
C ALA B 148 -24.11 12.65 -34.68
N ARG B 149 -24.31 11.56 -35.43
N ARG B 149 -24.29 11.57 -35.43
CA ARG B 149 -23.77 10.25 -35.02
CA ARG B 149 -23.76 10.27 -35.01
C ARG B 149 -22.25 10.30 -34.77
C ARG B 149 -22.25 10.32 -34.75
N GLU B 150 -21.50 10.93 -35.68
CA GLU B 150 -20.06 11.10 -35.49
C GLU B 150 -19.73 11.81 -34.16
N HIS B 151 -20.46 12.90 -33.88
CA HIS B 151 -20.19 13.68 -32.67
C HIS B 151 -20.55 12.91 -31.41
N LEU B 152 -21.63 12.15 -31.47
CA LEU B 152 -22.01 11.33 -30.31
C LEU B 152 -20.94 10.29 -30.06
N ALA B 153 -20.42 9.71 -31.15
CA ALA B 153 -19.38 8.70 -31.01
C ALA B 153 -18.20 9.26 -30.22
N LEU B 154 -17.90 10.54 -30.45
CA LEU B 154 -16.73 11.16 -29.83
C LEU B 154 -16.98 11.66 -28.41
N GLY B 155 -18.19 11.49 -27.90
CA GLY B 155 -18.48 11.84 -26.52
C GLY B 155 -19.20 13.17 -26.31
N PHE B 156 -19.59 13.82 -27.39
CA PHE B 156 -20.31 15.08 -27.26
C PHE B 156 -21.78 14.88 -26.89
N ARG B 157 -22.21 15.53 -25.81
CA ARG B 157 -23.59 15.52 -25.36
C ARG B 157 -24.43 16.76 -25.74
N VAL B 158 -23.84 17.68 -26.49
CA VAL B 158 -24.57 18.88 -26.91
C VAL B 158 -24.32 19.18 -28.36
N LEU B 159 -25.38 19.43 -29.11
CA LEU B 159 -25.23 19.76 -30.53
C LEU B 159 -25.84 21.12 -30.84
N LYS B 160 -25.09 21.93 -31.59
CA LYS B 160 -25.54 23.25 -31.98
C LYS B 160 -25.78 23.17 -33.46
N VAL B 161 -27.05 23.30 -33.86
CA VAL B 161 -27.43 23.20 -35.26
C VAL B 161 -27.68 24.58 -35.86
N LYS B 162 -27.00 24.87 -36.96
CA LYS B 162 -27.26 26.08 -37.73
C LYS B 162 -28.52 25.93 -38.55
N LEU B 163 -29.39 26.94 -38.51
CA LEU B 163 -30.62 26.92 -39.28
C LEU B 163 -30.51 27.96 -40.38
N CYS B 164 -31.15 27.72 -41.51
CA CYS B 164 -31.10 28.67 -42.62
C CYS B 164 -32.31 29.59 -42.78
N GLY B 165 -33.35 29.38 -41.99
CA GLY B 165 -34.52 30.23 -42.13
C GLY B 165 -35.59 29.76 -43.10
N ASP B 166 -35.28 28.77 -43.95
CA ASP B 166 -36.35 28.12 -44.69
C ASP B 166 -36.99 27.09 -43.77
N GLU B 167 -38.26 27.29 -43.45
CA GLU B 167 -38.87 26.57 -42.34
C GLU B 167 -39.10 25.09 -42.61
N GLU B 168 -39.45 24.74 -43.83
CA GLU B 168 -39.67 23.34 -44.17
C GLU B 168 -38.45 22.48 -43.81
N GLN B 169 -37.31 22.91 -44.34
CA GLN B 169 -36.03 22.23 -44.16
C GLN B 169 -35.53 22.28 -42.71
N ASP B 170 -35.60 23.45 -42.09
CA ASP B 170 -35.18 23.62 -40.70
C ASP B 170 -35.97 22.68 -39.80
N PHE B 171 -37.29 22.75 -39.91
CA PHE B 171 -38.15 21.97 -39.05
C PHE B 171 -37.93 20.48 -39.31
N GLU B 172 -37.77 20.10 -40.58
CA GLU B 172 -37.56 18.68 -40.86
C GLU B 172 -36.22 18.18 -40.26
N ARG B 173 -35.13 18.89 -40.54
CA ARG B 173 -33.85 18.57 -39.93
C ARG B 173 -33.95 18.44 -38.41
N LEU B 174 -34.69 19.34 -37.75
CA LEU B 174 -34.80 19.28 -36.30
C LEU B 174 -35.62 18.08 -35.81
N ARG B 175 -36.71 17.77 -36.52
CA ARG B 175 -37.52 16.62 -36.14
CA ARG B 175 -37.52 16.61 -36.14
C ARG B 175 -36.74 15.31 -36.32
N ARG B 176 -36.03 15.18 -37.44
CA ARG B 176 -35.25 13.98 -37.71
C ARG B 176 -34.07 13.84 -36.75
N LEU B 177 -33.44 14.96 -36.43
CA LEU B 177 -32.34 14.96 -35.47
C LEU B 177 -32.84 14.52 -34.09
N HIS B 178 -33.95 15.11 -33.64
CA HIS B 178 -34.52 14.73 -32.35
C HIS B 178 -34.85 13.25 -32.34
N GLU B 179 -35.37 12.74 -33.46
CA GLU B 179 -35.68 11.32 -33.58
C GLU B 179 -34.42 10.43 -33.44
N THR B 180 -33.42 10.70 -34.28
CA THR B 180 -32.17 9.95 -34.34
C THR B 180 -31.40 9.86 -33.02
N LEU B 181 -31.23 10.99 -32.32
CA LEU B 181 -30.75 10.92 -30.95
C LEU B 181 -31.99 10.49 -30.22
N ALA B 182 -31.92 9.56 -29.28
CA ALA B 182 -33.06 9.49 -28.39
C ALA B 182 -32.52 9.87 -27.05
N GLY B 183 -32.80 11.11 -26.64
CA GLY B 183 -32.32 11.62 -25.37
C GLY B 183 -30.80 11.55 -25.20
N ARG B 184 -30.04 11.28 -26.26
CA ARG B 184 -28.58 11.09 -26.12
C ARG B 184 -27.73 12.36 -26.23
N ALA B 185 -28.32 13.43 -26.74
CA ALA B 185 -27.67 14.74 -26.68
C ALA B 185 -28.78 15.76 -26.73
N VAL B 186 -28.59 16.89 -26.06
CA VAL B 186 -29.47 18.05 -26.19
C VAL B 186 -29.10 18.89 -27.42
N VAL B 187 -30.08 19.65 -27.92
CA VAL B 187 -29.87 20.45 -29.11
C VAL B 187 -30.10 21.92 -28.78
N ARG B 188 -29.27 22.79 -29.35
CA ARG B 188 -29.51 24.21 -29.36
C ARG B 188 -29.38 24.66 -30.81
N VAL B 189 -30.06 25.74 -31.19
CA VAL B 189 -30.09 26.13 -32.60
C VAL B 189 -29.69 27.59 -32.83
N ASP B 190 -29.17 27.85 -34.03
CA ASP B 190 -28.61 29.15 -34.41
C ASP B 190 -29.00 29.56 -35.83
N PRO B 191 -30.16 30.20 -35.99
CA PRO B 191 -30.66 30.70 -37.28
C PRO B 191 -29.84 31.87 -37.80
N ASN B 192 -29.04 32.46 -36.93
CA ASN B 192 -28.22 33.61 -37.26
C ASN B 192 -28.96 34.67 -38.09
N GLN B 193 -29.99 35.27 -37.49
CA GLN B 193 -30.64 36.45 -38.06
C GLN B 193 -31.61 36.14 -39.20
N SER B 194 -31.78 34.86 -39.54
CA SER B 194 -32.50 34.51 -40.77
C SER B 194 -34.03 34.32 -40.64
N TYR B 195 -34.58 34.54 -39.45
CA TYR B 195 -36.03 34.32 -39.23
C TYR B 195 -36.84 35.63 -39.21
N ASP B 196 -38.08 35.56 -39.67
CA ASP B 196 -39.02 36.66 -39.47
C ASP B 196 -39.90 36.40 -38.24
N ARG B 197 -40.79 37.33 -37.90
CA ARG B 197 -41.52 37.23 -36.62
C ARG B 197 -42.47 36.01 -36.50
N ASP B 198 -43.28 35.80 -37.54
CA ASP B 198 -44.17 34.64 -37.60
C ASP B 198 -43.37 33.34 -37.57
N GLY B 199 -42.39 33.27 -38.47
CA GLY B 199 -41.48 32.15 -38.57
C GLY B 199 -40.88 31.84 -37.21
N LEU B 200 -40.38 32.87 -36.52
CA LEU B 200 -39.84 32.65 -35.18
C LEU B 200 -40.87 32.08 -34.20
N LEU B 201 -42.11 32.55 -34.22
CA LEU B 201 -43.10 31.92 -33.33
C LEU B 201 -43.31 30.42 -33.63
N ARG B 202 -43.33 30.06 -34.92
CA ARG B 202 -43.46 28.63 -35.25
C ARG B 202 -42.23 27.82 -34.78
N LEU B 203 -41.05 28.36 -35.06
CA LEU B 203 -39.80 27.72 -34.62
C LEU B 203 -39.85 27.52 -33.11
N ASP B 204 -40.22 28.56 -32.36
CA ASP B 204 -40.33 28.44 -30.93
C ASP B 204 -41.23 27.27 -30.55
N ARG B 205 -42.44 27.23 -31.12
CA ARG B 205 -43.33 26.10 -30.82
C ARG B 205 -42.64 24.74 -31.00
N LEU B 206 -41.91 24.60 -32.10
CA LEU B 206 -41.22 23.34 -32.34
C LEU B 206 -40.16 23.11 -31.26
N VAL B 207 -39.46 24.18 -30.89
CA VAL B 207 -38.42 24.11 -29.88
C VAL B 207 -38.98 23.57 -28.57
N GLN B 208 -40.12 24.07 -28.10
CA GLN B 208 -40.70 23.46 -26.89
C GLN B 208 -41.05 22.00 -27.16
N GLU B 209 -41.60 21.73 -28.34
CA GLU B 209 -42.02 20.34 -28.59
C GLU B 209 -40.84 19.37 -28.53
N LEU B 210 -39.70 19.79 -29.07
CA LEU B 210 -38.55 18.91 -29.20
C LEU B 210 -37.58 19.03 -28.02
N GLY B 211 -37.91 19.87 -27.05
CA GLY B 211 -37.05 20.10 -25.90
C GLY B 211 -35.68 20.67 -26.28
N ILE B 212 -35.67 21.59 -27.23
CA ILE B 212 -34.44 22.26 -27.65
C ILE B 212 -34.07 23.34 -26.62
N GLU B 213 -32.78 23.53 -26.36
CA GLU B 213 -32.36 24.38 -25.24
C GLU B 213 -32.79 25.85 -25.36
N PHE B 214 -32.55 26.44 -26.52
CA PHE B 214 -32.85 27.85 -26.73
C PHE B 214 -32.53 28.20 -28.17
N ILE B 215 -32.95 29.38 -28.59
CA ILE B 215 -32.72 29.81 -29.95
C ILE B 215 -31.80 31.00 -29.90
N GLU B 216 -30.74 30.94 -30.71
CA GLU B 216 -29.77 32.01 -30.71
C GLU B 216 -30.00 32.97 -31.87
N GLN B 217 -30.14 34.25 -31.53
CA GLN B 217 -30.20 35.31 -32.54
C GLN B 217 -31.10 34.98 -33.76
N PRO B 218 -32.42 34.82 -33.53
CA PRO B 218 -33.29 34.54 -34.69
C PRO B 218 -33.44 35.74 -35.63
N PHE B 219 -33.24 36.94 -35.11
CA PHE B 219 -33.62 38.14 -35.84
C PHE B 219 -32.37 38.92 -36.21
N PRO B 220 -32.47 39.80 -37.22
CA PRO B 220 -31.31 40.64 -37.54
C PRO B 220 -30.79 41.37 -36.29
N ALA B 221 -29.48 41.58 -36.27
CA ALA B 221 -28.79 42.23 -35.16
C ALA B 221 -29.45 43.53 -34.76
N GLY B 222 -29.86 44.32 -35.75
CA GLY B 222 -30.47 45.64 -35.49
C GLY B 222 -31.96 45.62 -35.15
N ARG B 223 -32.51 44.42 -35.11
CA ARG B 223 -33.96 44.13 -34.85
C ARG B 223 -34.43 43.83 -33.42
N THR B 224 -33.60 44.20 -32.45
CA THR B 224 -33.88 43.96 -31.03
C THR B 224 -35.34 44.27 -30.69
N ASP B 225 -35.90 45.31 -31.30
CA ASP B 225 -37.31 45.63 -31.07
C ASP B 225 -38.25 44.46 -31.39
N TRP B 226 -37.87 43.63 -32.35
CA TRP B 226 -38.64 42.44 -32.67
C TRP B 226 -38.59 41.45 -31.52
N LEU B 227 -37.44 41.40 -30.84
CA LEU B 227 -37.27 40.55 -29.66
C LEU B 227 -38.18 41.04 -28.54
N ARG B 228 -38.07 42.34 -28.25
CA ARG B 228 -38.80 42.89 -27.11
C ARG B 228 -40.31 42.74 -27.26
N ALA B 229 -40.79 42.66 -28.50
CA ALA B 229 -42.21 42.48 -28.77
C ALA B 229 -42.67 41.05 -28.48
N LEU B 230 -41.74 40.15 -28.15
CA LEU B 230 -42.11 38.75 -27.90
C LEU B 230 -42.59 38.55 -26.46
N PRO B 231 -43.45 37.56 -26.22
CA PRO B 231 -43.76 37.22 -24.82
C PRO B 231 -42.47 36.94 -24.02
N LYS B 232 -42.45 37.28 -22.74
CA LYS B 232 -41.29 37.06 -21.86
C LYS B 232 -40.80 35.61 -21.83
N ALA B 233 -41.71 34.65 -21.86
CA ALA B 233 -41.30 33.25 -21.75
C ALA B 233 -40.48 32.87 -22.96
N ILE B 234 -40.79 33.47 -24.10
CA ILE B 234 -40.02 33.18 -25.30
C ILE B 234 -38.66 33.87 -25.25
N ARG B 235 -38.67 35.15 -24.87
CA ARG B 235 -37.44 35.91 -24.71
C ARG B 235 -36.44 35.19 -23.82
N ARG B 236 -36.92 34.57 -22.74
CA ARG B 236 -36.02 33.83 -21.86
C ARG B 236 -35.26 32.69 -22.58
N ARG B 237 -35.85 32.18 -23.66
CA ARG B 237 -35.31 31.09 -24.45
C ARG B 237 -34.48 31.59 -25.64
N ILE B 238 -34.24 32.89 -25.70
CA ILE B 238 -33.47 33.42 -26.81
C ILE B 238 -32.10 33.94 -26.35
N ALA B 239 -31.06 33.64 -27.12
CA ALA B 239 -29.74 34.16 -26.83
C ALA B 239 -29.40 35.26 -27.82
N ALA B 240 -28.74 36.31 -27.33
CA ALA B 240 -28.22 37.38 -28.19
C ALA B 240 -26.77 37.09 -28.58
N ASP B 241 -26.47 37.13 -29.87
CA ASP B 241 -25.08 36.94 -30.31
C ASP B 241 -24.57 38.10 -31.16
N GLU B 242 -25.01 38.16 -32.41
CA GLU B 242 -24.57 39.23 -33.30
C GLU B 242 -25.03 40.61 -32.76
N SER B 243 -26.07 40.61 -31.92
CA SER B 243 -26.62 41.83 -31.32
C SER B 243 -25.80 42.27 -30.12
N LEU B 244 -24.94 41.39 -29.62
CA LEU B 244 -24.15 41.73 -28.44
C LEU B 244 -22.66 41.69 -28.75
N LEU B 245 -22.05 42.87 -28.78
CA LEU B 245 -20.62 42.95 -28.96
C LEU B 245 -19.94 43.19 -27.61
N GLY B 246 -20.11 44.40 -27.08
CA GLY B 246 -19.57 44.75 -25.78
C GLY B 246 -20.54 44.98 -24.65
N PRO B 247 -20.04 45.55 -23.54
CA PRO B 247 -20.83 45.88 -22.35
C PRO B 247 -21.95 46.88 -22.63
N ALA B 248 -21.75 47.82 -23.56
CA ALA B 248 -22.79 48.79 -23.89
C ALA B 248 -24.07 48.07 -24.40
N ASP B 249 -23.84 47.14 -25.32
CA ASP B 249 -24.89 46.23 -25.82
C ASP B 249 -25.48 45.38 -24.69
N ALA B 250 -24.63 44.86 -23.81
CA ALA B 250 -25.11 44.02 -22.72
C ALA B 250 -26.12 44.81 -21.88
N PHE B 251 -25.77 46.06 -21.60
CA PHE B 251 -26.61 46.90 -20.77
C PHE B 251 -27.91 47.22 -21.50
N ALA B 252 -27.82 47.55 -22.79
CA ALA B 252 -29.06 47.91 -23.53
C ALA B 252 -30.02 46.72 -23.61
N LEU B 253 -29.47 45.55 -23.83
CA LEU B 253 -30.27 44.33 -23.93
C LEU B 253 -30.83 43.86 -22.59
N ALA B 254 -30.11 44.14 -21.50
CA ALA B 254 -30.48 43.71 -20.16
C ALA B 254 -31.51 44.64 -19.50
N ALA B 255 -31.59 45.87 -19.98
CA ALA B 255 -32.40 46.89 -19.32
C ALA B 255 -33.90 46.59 -19.47
N PRO B 256 -34.67 46.79 -18.38
CA PRO B 256 -36.10 46.52 -18.42
C PRO B 256 -36.79 47.21 -19.59
N PRO B 257 -37.67 46.50 -20.32
CA PRO B 257 -37.79 45.03 -20.31
C PRO B 257 -36.61 44.37 -21.06
N ALA B 258 -36.03 43.35 -20.46
CA ALA B 258 -34.86 42.69 -21.03
C ALA B 258 -35.22 42.03 -22.35
N ALA B 259 -34.34 42.16 -23.35
CA ALA B 259 -34.65 41.62 -24.67
C ALA B 259 -34.51 40.08 -24.74
N CYS B 260 -33.65 39.49 -23.91
CA CYS B 260 -33.50 38.04 -23.93
C CYS B 260 -32.91 37.51 -22.63
N GLY B 261 -32.79 36.18 -22.55
CA GLY B 261 -32.37 35.54 -21.30
C GLY B 261 -30.93 35.04 -21.29
N ILE B 262 -30.29 35.05 -22.45
CA ILE B 262 -28.94 34.51 -22.58
C ILE B 262 -28.08 35.45 -23.42
N PHE B 263 -26.86 35.73 -22.94
CA PHE B 263 -25.90 36.53 -23.69
C PHE B 263 -24.81 35.64 -24.23
N ASN B 264 -24.53 35.69 -25.53
CA ASN B 264 -23.38 34.95 -26.06
C ASN B 264 -22.16 35.88 -26.13
N ILE B 265 -21.15 35.59 -25.31
CA ILE B 265 -19.92 36.38 -25.30
C ILE B 265 -18.89 35.68 -26.14
N LYS B 266 -18.24 36.43 -27.03
CA LYS B 266 -17.08 35.93 -27.75
C LYS B 266 -15.93 36.94 -27.61
N LEU B 267 -14.76 36.46 -27.22
CA LEU B 267 -13.63 37.38 -27.04
C LEU B 267 -13.38 38.20 -28.31
N MET B 268 -13.57 37.63 -29.49
CA MET B 268 -13.30 38.36 -30.73
C MET B 268 -14.34 39.44 -30.99
N LYS B 269 -15.55 39.29 -30.41
CA LYS B 269 -16.53 40.38 -30.40
C LYS B 269 -16.32 41.46 -29.35
N CYS B 270 -16.10 41.06 -28.09
CA CYS B 270 -16.02 42.06 -27.00
C CYS B 270 -14.63 42.70 -26.81
N GLY B 271 -13.58 42.03 -27.27
CA GLY B 271 -12.25 42.59 -27.23
C GLY B 271 -11.37 42.16 -26.06
N GLY B 272 -11.81 41.15 -25.33
CA GLY B 272 -10.93 40.50 -24.39
C GLY B 272 -11.63 40.05 -23.13
N LEU B 273 -10.83 39.61 -22.16
CA LEU B 273 -11.33 39.17 -20.86
C LEU B 273 -11.89 40.33 -20.02
N ALA B 274 -11.25 41.50 -20.05
CA ALA B 274 -11.75 42.63 -19.24
C ALA B 274 -13.19 43.02 -19.62
N PRO B 275 -13.41 43.38 -20.90
CA PRO B 275 -14.79 43.72 -21.28
C PRO B 275 -15.74 42.52 -21.07
N ALA B 276 -15.24 41.31 -21.21
CA ALA B 276 -16.07 40.14 -20.96
C ALA B 276 -16.55 40.16 -19.50
N ARG B 277 -15.66 40.50 -18.58
CA ARG B 277 -16.03 40.59 -17.16
C ARG B 277 -17.07 41.68 -16.95
N ARG B 278 -16.94 42.80 -17.66
CA ARG B 278 -18.00 43.83 -17.56
C ARG B 278 -19.38 43.33 -18.03
N ILE B 279 -19.37 42.62 -19.16
CA ILE B 279 -20.58 41.97 -19.63
C ILE B 279 -21.16 41.02 -18.57
N ALA B 280 -20.30 40.20 -18.00
CA ALA B 280 -20.73 39.23 -17.00
C ALA B 280 -21.36 39.93 -15.80
N THR B 281 -20.76 41.04 -15.37
CA THR B 281 -21.32 41.79 -14.24
C THR B 281 -22.73 42.28 -14.56
N ILE B 282 -22.89 42.84 -15.76
CA ILE B 282 -24.22 43.29 -16.16
C ILE B 282 -25.24 42.13 -16.21
N ALA B 283 -24.82 41.03 -16.83
CA ALA B 283 -25.66 39.83 -16.97
C ALA B 283 -26.11 39.28 -15.62
N GLU B 284 -25.16 39.08 -14.71
CA GLU B 284 -25.43 38.58 -13.37
C GLU B 284 -26.40 39.49 -12.65
N THR B 285 -26.08 40.79 -12.57
CA THR B 285 -27.00 41.69 -11.90
C THR B 285 -28.43 41.57 -12.49
N ALA B 286 -28.52 41.38 -13.80
CA ALA B 286 -29.84 41.35 -14.46
C ALA B 286 -30.46 39.94 -14.56
N GLY B 287 -29.79 38.95 -14.01
CA GLY B 287 -30.32 37.59 -14.01
C GLY B 287 -30.30 36.97 -15.41
N ILE B 288 -29.31 37.30 -16.20
CA ILE B 288 -29.20 36.75 -17.54
C ILE B 288 -28.14 35.63 -17.60
N ASP B 289 -28.45 34.52 -18.25
CA ASP B 289 -27.47 33.45 -18.35
C ASP B 289 -26.39 33.76 -19.39
N LEU B 290 -25.21 33.19 -19.17
CA LEU B 290 -24.08 33.44 -20.02
C LEU B 290 -23.74 32.22 -20.86
N MET B 291 -23.44 32.51 -22.12
CA MET B 291 -23.03 31.54 -23.11
C MET B 291 -21.67 32.04 -23.63
N TRP B 292 -20.69 31.16 -23.79
CA TRP B 292 -19.40 31.60 -24.34
C TRP B 292 -19.15 30.90 -25.67
N GLY B 293 -19.08 31.69 -26.74
CA GLY B 293 -18.81 31.19 -28.07
C GLY B 293 -17.43 31.55 -28.61
N CYS B 294 -17.22 31.26 -29.89
CA CYS B 294 -15.92 31.47 -30.50
C CYS B 294 -16.00 31.57 -32.02
N MET B 295 -14.94 32.09 -32.61
CA MET B 295 -14.71 32.04 -34.05
C MET B 295 -13.90 30.79 -34.33
N ASP B 296 -13.36 30.66 -35.55
CA ASP B 296 -12.38 29.62 -35.84
C ASP B 296 -11.05 30.09 -35.27
N GLU B 297 -10.52 29.31 -34.33
CA GLU B 297 -9.49 29.82 -33.43
C GLU B 297 -8.55 28.73 -32.98
N SER B 298 -7.29 29.11 -32.77
CA SER B 298 -6.29 28.26 -32.13
C SER B 298 -6.73 27.95 -30.72
N ARG B 299 -6.22 26.87 -30.15
CA ARG B 299 -6.47 26.51 -28.76
C ARG B 299 -6.13 27.67 -27.82
N ILE B 300 -5.24 28.56 -28.23
CA ILE B 300 -4.86 29.67 -27.34
C ILE B 300 -6.07 30.49 -26.86
N SER B 301 -6.87 30.98 -27.79
CA SER B 301 -7.99 31.85 -27.43
C SER B 301 -9.21 31.05 -26.92
N ILE B 302 -9.31 29.80 -27.34
CA ILE B 302 -10.29 28.89 -26.75
C ILE B 302 -10.00 28.78 -25.27
N ALA B 303 -8.76 28.44 -24.92
CA ALA B 303 -8.33 28.40 -23.54
C ALA B 303 -8.64 29.71 -22.79
N ALA B 304 -8.23 30.84 -23.34
CA ALA B 304 -8.54 32.12 -22.68
C ALA B 304 -10.06 32.25 -22.34
N ALA B 305 -10.88 31.97 -23.35
CA ALA B 305 -12.34 31.98 -23.20
C ALA B 305 -12.79 31.03 -22.09
N LEU B 306 -12.19 29.84 -22.03
CA LEU B 306 -12.56 28.83 -21.04
C LEU B 306 -12.25 29.29 -19.61
N HIS B 307 -11.04 29.81 -19.37
CA HIS B 307 -10.70 30.35 -18.04
C HIS B 307 -11.69 31.44 -17.62
N ALA B 308 -11.97 32.37 -18.57
CA ALA B 308 -12.93 33.41 -18.22
C ALA B 308 -14.31 32.80 -17.88
N ALA B 309 -14.75 31.85 -18.68
CA ALA B 309 -16.07 31.27 -18.53
C ALA B 309 -16.20 30.52 -17.20
N LEU B 310 -15.19 29.73 -16.86
CA LEU B 310 -15.21 28.97 -15.60
C LEU B 310 -15.08 29.89 -14.40
N ALA B 311 -14.65 31.14 -14.64
CA ALA B 311 -14.63 32.11 -13.53
C ALA B 311 -15.89 32.96 -13.35
N CYS B 312 -16.96 32.69 -14.11
CA CYS B 312 -18.18 33.49 -13.99
C CYS B 312 -19.34 32.68 -13.44
N PRO B 313 -19.87 33.10 -12.29
CA PRO B 313 -21.03 32.41 -11.73
C PRO B 313 -22.18 32.30 -12.74
N ALA B 314 -22.36 33.29 -13.62
CA ALA B 314 -23.48 33.26 -14.57
C ALA B 314 -23.33 32.31 -15.76
N THR B 315 -22.17 31.69 -15.94
CA THR B 315 -21.99 30.85 -17.13
C THR B 315 -22.86 29.60 -17.04
N ARG B 316 -23.81 29.41 -17.95
CA ARG B 316 -24.46 28.10 -18.11
C ARG B 316 -24.09 27.27 -19.33
N TYR B 317 -23.39 27.86 -20.31
CA TYR B 317 -23.23 27.17 -21.59
C TYR B 317 -21.93 27.50 -22.31
N LEU B 318 -21.42 26.52 -23.06
CA LEU B 318 -20.26 26.74 -23.90
C LEU B 318 -20.51 26.27 -25.34
N ASP B 319 -20.22 27.10 -26.35
CA ASP B 319 -19.83 26.47 -27.59
C ASP B 319 -18.39 26.90 -27.77
N LEU B 320 -17.42 26.11 -27.34
CA LEU B 320 -16.13 26.44 -27.84
C LEU B 320 -15.58 25.22 -28.52
N ASP B 321 -15.94 25.08 -29.78
CA ASP B 321 -15.49 24.02 -30.67
C ASP B 321 -14.52 24.53 -31.69
N GLY B 322 -14.22 25.83 -31.60
CA GLY B 322 -13.58 26.53 -32.70
C GLY B 322 -12.17 26.08 -33.05
N SER B 323 -11.53 25.33 -32.15
CA SER B 323 -10.24 24.76 -32.51
C SER B 323 -10.27 23.30 -32.98
N PHE B 324 -11.43 22.64 -32.93
CA PHE B 324 -11.48 21.18 -33.13
C PHE B 324 -11.24 20.75 -34.60
N ASP B 325 -11.57 21.61 -35.54
CA ASP B 325 -11.45 21.32 -36.95
C ASP B 325 -10.09 21.77 -37.52
N LEU B 326 -9.22 22.28 -36.66
CA LEU B 326 -7.92 22.73 -37.10
C LEU B 326 -7.01 21.53 -37.35
N ALA B 327 -6.45 21.45 -38.55
CA ALA B 327 -5.54 20.35 -38.89
C ALA B 327 -4.26 20.44 -38.07
N ARG B 328 -3.79 21.67 -37.85
CA ARG B 328 -2.59 21.92 -37.05
C ARG B 328 -2.85 23.10 -36.13
N ASP B 329 -2.09 23.19 -35.04
CA ASP B 329 -2.19 24.33 -34.15
C ASP B 329 -0.79 24.70 -33.68
N VAL B 330 -0.65 25.91 -33.13
CA VAL B 330 0.64 26.37 -32.64
C VAL B 330 0.86 26.03 -31.17
N ALA B 331 -0.17 25.54 -30.50
CA ALA B 331 -0.03 25.22 -29.09
C ALA B 331 -0.78 23.95 -28.72
N GLU B 332 -0.38 23.34 -27.61
CA GLU B 332 -1.11 22.24 -27.02
C GLU B 332 -1.54 22.63 -25.60
N GLY B 333 -2.27 21.77 -24.92
CA GLY B 333 -2.74 22.04 -23.58
C GLY B 333 -3.78 23.16 -23.51
N GLY B 334 -3.80 23.80 -22.36
CA GLY B 334 -4.55 25.00 -22.09
C GLY B 334 -5.98 24.63 -21.68
N PHE B 335 -6.46 23.52 -22.23
CA PHE B 335 -7.75 22.98 -21.85
C PHE B 335 -7.74 21.48 -22.12
N ILE B 336 -8.57 20.74 -21.36
CA ILE B 336 -8.78 19.32 -21.56
C ILE B 336 -10.24 19.05 -21.93
N LEU B 337 -10.44 18.21 -22.95
CA LEU B 337 -11.77 17.74 -23.36
C LEU B 337 -11.97 16.29 -22.92
N GLU B 338 -12.95 16.06 -22.05
CA GLU B 338 -13.31 14.71 -21.66
C GLU B 338 -14.81 14.53 -21.65
N ASP B 339 -15.31 13.54 -22.36
CA ASP B 339 -16.75 13.25 -22.44
C ASP B 339 -17.59 14.48 -22.76
N GLY B 340 -17.15 15.26 -23.74
CA GLY B 340 -17.85 16.47 -24.15
C GLY B 340 -17.66 17.68 -23.23
N ARG B 341 -16.93 17.49 -22.13
CA ARG B 341 -16.73 18.53 -21.13
C ARG B 341 -15.35 19.20 -21.20
N LEU B 342 -15.33 20.52 -21.11
CA LEU B 342 -14.08 21.26 -21.12
C LEU B 342 -13.69 21.65 -19.71
N ARG B 343 -12.41 21.51 -19.38
CA ARG B 343 -11.91 22.00 -18.10
C ARG B 343 -10.51 22.53 -18.34
N VAL B 344 -9.96 23.34 -17.43
CA VAL B 344 -8.56 23.76 -17.61
C VAL B 344 -7.59 22.81 -16.90
N THR B 345 -6.29 23.05 -17.07
CA THR B 345 -5.28 22.24 -16.41
C THR B 345 -4.89 22.89 -15.10
N GLU B 346 -3.92 22.31 -14.41
CA GLU B 346 -3.42 22.85 -13.15
C GLU B 346 -2.18 23.73 -13.35
N ARG B 347 -1.70 23.81 -14.58
CA ARG B 347 -0.56 24.65 -14.91
C ARG B 347 -0.89 26.15 -14.84
N PRO B 348 0.09 26.99 -14.48
CA PRO B 348 -0.17 28.42 -14.29
C PRO B 348 -0.56 29.10 -15.60
N GLY B 349 -1.13 30.29 -15.53
CA GLY B 349 -1.47 31.05 -16.73
C GLY B 349 -2.55 30.36 -17.54
N LEU B 350 -2.51 30.52 -18.86
CA LEU B 350 -3.49 29.87 -19.71
C LEU B 350 -3.27 28.37 -19.71
N GLY B 351 -2.10 27.96 -19.24
CA GLY B 351 -1.76 26.54 -19.10
C GLY B 351 -1.41 25.90 -20.42
N LEU B 352 -0.84 26.69 -21.31
CA LEU B 352 -0.59 26.26 -22.68
C LEU B 352 0.81 25.67 -22.83
N VAL B 353 0.94 24.67 -23.67
CA VAL B 353 2.23 24.06 -23.97
C VAL B 353 2.72 24.57 -25.30
N TYR B 354 3.84 25.28 -25.28
CA TYR B 354 4.30 25.98 -26.46
C TYR B 354 5.80 25.79 -26.65
N PRO B 355 6.22 25.57 -27.90
CA PRO B 355 7.64 25.36 -28.20
C PRO B 355 8.38 26.66 -28.40
N MET C 1 2.37 -10.07 3.52
CA MET C 1 2.75 -10.94 4.63
C MET C 1 4.19 -10.68 5.07
N LYS C 2 4.33 -10.08 6.24
CA LYS C 2 5.63 -9.64 6.75
C LYS C 2 6.40 -10.78 7.41
N ILE C 3 7.73 -10.75 7.30
CA ILE C 3 8.53 -11.72 8.03
C ILE C 3 8.64 -11.21 9.47
N ALA C 4 8.10 -12.00 10.38
CA ALA C 4 8.12 -11.72 11.81
C ALA C 4 9.40 -12.14 12.54
N ASP C 5 9.94 -13.32 12.21
CA ASP C 5 11.08 -13.85 12.96
C ASP C 5 11.97 -14.80 12.15
N ILE C 6 13.27 -14.82 12.46
CA ILE C 6 14.19 -15.74 11.80
C ILE C 6 15.12 -16.41 12.81
N GLN C 7 15.05 -17.73 12.91
CA GLN C 7 15.86 -18.46 13.90
C GLN C 7 16.71 -19.53 13.25
N VAL C 8 17.94 -19.66 13.72
CA VAL C 8 18.83 -20.65 13.16
C VAL C 8 19.36 -21.52 14.28
N ARG C 9 19.54 -22.81 14.02
CA ARG C 9 20.23 -23.65 15.00
C ARG C 9 21.10 -24.70 14.30
N THR C 10 22.12 -25.18 14.98
CA THR C 10 22.91 -26.27 14.44
C THR C 10 22.28 -27.59 14.83
N GLU C 11 22.21 -28.52 13.88
CA GLU C 11 21.72 -29.86 14.16
C GLU C 11 22.78 -30.87 13.82
N HIS C 12 23.00 -31.81 14.73
CA HIS C 12 23.94 -32.91 14.51
C HIS C 12 23.19 -34.19 14.16
N PHE C 13 23.31 -34.61 12.91
CA PHE C 13 22.61 -35.79 12.41
C PHE C 13 23.55 -36.97 12.31
N PRO C 14 23.39 -37.95 13.22
CA PRO C 14 24.21 -39.15 13.12
C PRO C 14 23.85 -39.91 11.84
N LEU C 15 24.85 -40.56 11.25
CA LEU C 15 24.63 -41.39 10.07
C LEU C 15 24.38 -42.84 10.48
N THR C 16 23.43 -43.48 9.80
CA THR C 16 23.19 -44.89 10.02
C THR C 16 24.39 -45.69 9.51
N ARG C 17 24.94 -45.22 8.39
CA ARG C 17 26.05 -45.89 7.71
C ARG C 17 25.59 -47.14 6.95
N GLU C 27 29.71 -41.80 13.22
CA GLU C 27 29.92 -40.64 12.37
C GLU C 27 28.64 -39.81 12.25
N GLU C 28 28.80 -38.48 12.23
CA GLU C 28 27.67 -37.57 12.12
C GLU C 28 27.94 -36.44 11.12
N ILE C 29 26.90 -35.74 10.72
CA ILE C 29 27.07 -34.59 9.83
C ILE C 29 26.22 -33.44 10.33
N ASP C 30 26.66 -32.21 10.09
CA ASP C 30 25.97 -31.04 10.63
C ASP C 30 25.13 -30.29 9.58
N ASN C 31 23.96 -29.79 10.00
CA ASN C 31 23.17 -28.92 9.13
C ASN C 31 22.75 -27.71 9.94
N LEU C 32 22.69 -26.55 9.30
CA LEU C 32 22.03 -25.42 9.95
C LEU C 32 20.55 -25.44 9.60
N ILE C 33 19.69 -25.39 10.60
CA ILE C 33 18.26 -25.38 10.39
C ILE C 33 17.66 -23.99 10.59
N VAL C 34 16.90 -23.54 9.60
CA VAL C 34 16.35 -22.20 9.55
C VAL C 34 14.82 -22.18 9.62
N GLU C 35 14.29 -21.43 10.58
CA GLU C 35 12.86 -21.17 10.68
C GLU C 35 12.55 -19.72 10.37
N ILE C 36 11.67 -19.50 9.40
CA ILE C 36 11.18 -18.14 9.15
C ILE C 36 9.71 -18.09 9.49
N ARG C 37 9.32 -17.18 10.37
CA ARG C 37 7.92 -17.04 10.73
C ARG C 37 7.39 -15.71 10.27
N THR C 38 6.18 -15.74 9.72
CA THR C 38 5.49 -14.53 9.31
C THR C 38 4.60 -14.06 10.45
N ALA C 39 3.97 -12.91 10.25
CA ALA C 39 3.18 -12.30 11.30
C ALA C 39 1.88 -13.06 11.53
N ASP C 40 1.37 -13.72 10.49
CA ASP C 40 0.15 -14.52 10.62
C ASP C 40 0.42 -15.94 11.15
N GLY C 41 1.69 -16.21 11.45
CA GLY C 41 2.04 -17.46 12.11
C GLY C 41 2.44 -18.60 11.20
N LEU C 42 2.68 -18.33 9.93
CA LEU C 42 3.18 -19.37 9.04
C LEU C 42 4.66 -19.61 9.32
N LEU C 43 5.10 -20.83 9.07
CA LEU C 43 6.49 -21.21 9.26
C LEU C 43 7.06 -21.74 7.94
N GLY C 44 8.09 -21.07 7.42
CA GLY C 44 8.90 -21.66 6.37
C GLY C 44 10.14 -22.31 6.94
N LEU C 45 10.63 -23.32 6.23
CA LEU C 45 11.76 -24.13 6.71
C LEU C 45 12.89 -24.15 5.69
N GLY C 46 14.12 -24.13 6.18
CA GLY C 46 15.27 -24.27 5.30
C GLY C 46 16.37 -25.02 6.04
N ALA C 47 17.31 -25.55 5.29
CA ALA C 47 18.42 -26.31 5.84
C ALA C 47 19.64 -25.99 5.01
N ALA C 48 20.79 -25.86 5.66
CA ALA C 48 22.02 -25.52 4.99
C ALA C 48 23.03 -26.63 5.26
N SER C 49 23.70 -27.04 4.18
CA SER C 49 24.78 -28.02 4.26
C SER C 49 25.94 -27.56 3.37
N PRO C 50 26.78 -26.66 3.91
CA PRO C 50 27.88 -26.04 3.13
C PRO C 50 29.00 -27.02 2.79
N GLU C 51 29.54 -26.92 1.58
CA GLU C 51 30.69 -27.72 1.20
C GLU C 51 31.91 -26.82 0.94
N ARG C 52 32.85 -26.81 1.87
CA ARG C 52 33.92 -25.81 1.82
C ARG C 52 34.86 -26.02 0.66
N HIS C 53 35.08 -27.29 0.30
CA HIS C 53 36.00 -27.61 -0.77
C HIS C 53 35.47 -27.21 -2.15
N VAL C 54 34.16 -27.30 -2.35
CA VAL C 54 33.54 -26.80 -3.58
C VAL C 54 33.25 -25.30 -3.61
N THR C 55 32.60 -24.76 -2.58
CA THR C 55 32.24 -23.35 -2.59
C THR C 55 33.10 -22.38 -1.79
N GLY C 56 34.05 -22.90 -1.03
CA GLY C 56 34.74 -22.09 -0.03
C GLY C 56 33.97 -21.85 1.26
N GLU C 57 32.69 -22.23 1.30
CA GLU C 57 31.88 -21.92 2.49
C GLU C 57 32.01 -22.97 3.61
N THR C 58 32.52 -22.56 4.77
CA THR C 58 32.64 -23.47 5.90
C THR C 58 31.37 -23.44 6.74
N LEU C 59 31.33 -24.29 7.75
CA LEU C 59 30.18 -24.34 8.62
C LEU C 59 30.16 -23.08 9.49
N GLU C 60 31.32 -22.66 9.97
CA GLU C 60 31.38 -21.44 10.78
C GLU C 60 30.85 -20.24 10.00
N ALA C 61 31.32 -20.06 8.76
CA ALA C 61 30.90 -18.92 7.97
C ALA C 61 29.41 -18.96 7.64
N CYS C 62 28.91 -20.16 7.35
CA CYS C 62 27.49 -20.37 7.08
C CYS C 62 26.65 -19.95 8.30
N HIS C 63 26.97 -20.56 9.44
CA HIS C 63 26.35 -20.21 10.71
C HIS C 63 26.37 -18.69 10.96
N ALA C 64 27.54 -18.07 10.76
CA ALA C 64 27.68 -16.63 10.96
C ALA C 64 26.79 -15.81 10.01
N ALA C 65 26.65 -16.25 8.78
CA ALA C 65 25.85 -15.52 7.80
C ALA C 65 24.38 -15.70 8.11
N LEU C 66 24.06 -16.74 8.89
CA LEU C 66 22.65 -16.93 9.25
C LEU C 66 22.24 -16.29 10.60
N ASP C 67 23.18 -15.58 11.22
CA ASP C 67 22.91 -14.89 12.48
C ASP C 67 21.68 -13.97 12.41
N HIS C 68 20.80 -14.11 13.40
CA HIS C 68 19.57 -13.34 13.49
C HIS C 68 19.76 -11.82 13.26
N ASP C 69 20.72 -11.22 13.96
CA ASP C 69 20.98 -9.78 13.83
C ASP C 69 21.59 -9.40 12.47
N ARG C 70 22.47 -10.24 11.94
CA ARG C 70 23.03 -9.99 10.60
C ARG C 70 21.91 -9.99 9.56
N LEU C 71 20.83 -10.70 9.88
CA LEU C 71 19.68 -10.82 8.99
C LEU C 71 18.61 -9.76 9.25
N GLY C 72 18.91 -8.80 10.12
CA GLY C 72 17.97 -7.74 10.43
C GLY C 72 17.34 -7.11 9.19
N TRP C 73 18.10 -6.97 8.11
CA TRP C 73 17.59 -6.34 6.90
C TRP C 73 16.38 -7.11 6.36
N LEU C 74 16.32 -8.39 6.66
CA LEU C 74 15.26 -9.27 6.21
C LEU C 74 13.98 -9.18 7.04
N MET C 75 14.14 -8.82 8.33
CA MET C 75 13.00 -8.71 9.25
C MET C 75 12.02 -7.65 8.79
N GLY C 76 10.73 -7.98 8.84
CA GLY C 76 9.69 -7.03 8.51
C GLY C 76 9.43 -6.89 7.02
N ARG C 77 10.21 -7.59 6.19
CA ARG C 77 10.03 -7.51 4.73
C ARG C 77 8.85 -8.35 4.25
N ASP C 78 8.28 -7.98 3.12
CA ASP C 78 7.09 -8.64 2.58
C ASP C 78 7.47 -9.83 1.66
N ILE C 79 7.01 -11.02 2.01
CA ILE C 79 7.40 -12.22 1.26
C ILE C 79 6.86 -12.21 -0.18
N ARG C 80 5.84 -11.40 -0.41
CA ARG C 80 5.25 -11.25 -1.75
C ARG C 80 6.21 -10.56 -2.71
N THR C 81 7.28 -10.00 -2.16
CA THR C 81 8.34 -9.36 -2.93
C THR C 81 9.49 -10.34 -3.21
N LEU C 82 9.25 -11.62 -2.96
CA LEU C 82 10.31 -12.63 -2.94
C LEU C 82 11.46 -12.53 -3.99
N PRO C 83 11.15 -12.21 -5.26
CA PRO C 83 12.33 -12.16 -6.15
C PRO C 83 13.30 -11.01 -5.82
N ARG C 84 12.77 -9.91 -5.30
CA ARG C 84 13.63 -8.82 -4.87
C ARG C 84 14.46 -9.31 -3.68
N LEU C 85 13.78 -10.00 -2.76
CA LEU C 85 14.43 -10.57 -1.58
C LEU C 85 15.59 -11.47 -1.96
N CYS C 86 15.36 -12.35 -2.93
CA CYS C 86 16.41 -13.24 -3.39
C CYS C 86 17.56 -12.48 -4.04
N ARG C 87 17.25 -11.41 -4.74
CA ARG C 87 18.28 -10.56 -5.32
CA ARG C 87 18.30 -10.59 -5.32
C ARG C 87 19.15 -10.01 -4.19
N GLU C 88 18.53 -9.61 -3.08
CA GLU C 88 19.27 -9.11 -1.92
C GLU C 88 20.09 -10.19 -1.18
N LEU C 89 19.55 -11.40 -1.11
CA LEU C 89 20.30 -12.54 -0.56
C LEU C 89 21.61 -12.74 -1.33
N ALA C 90 21.54 -12.68 -2.66
CA ALA C 90 22.74 -12.77 -3.49
C ALA C 90 23.73 -11.64 -3.21
N GLU C 91 23.23 -10.41 -3.07
CA GLU C 91 24.10 -9.27 -2.79
C GLU C 91 24.67 -9.26 -1.36
N ARG C 92 23.86 -9.62 -0.37
CA ARG C 92 24.29 -9.52 1.03
C ARG C 92 24.93 -10.77 1.66
N LEU C 93 24.79 -11.93 1.00
CA LEU C 93 25.48 -13.13 1.45
C LEU C 93 26.20 -13.74 0.26
N PRO C 94 27.09 -12.96 -0.37
CA PRO C 94 27.68 -13.39 -1.64
C PRO C 94 28.63 -14.58 -1.50
N ALA C 95 29.24 -14.75 -0.32
CA ALA C 95 30.15 -15.86 -0.08
C ALA C 95 29.58 -17.07 0.64
N ALA C 96 28.30 -17.02 1.01
CA ALA C 96 27.70 -18.09 1.80
C ALA C 96 26.51 -18.74 1.06
N PRO C 97 26.79 -19.51 0.02
CA PRO C 97 25.67 -20.00 -0.80
C PRO C 97 24.73 -20.98 -0.09
N ALA C 98 25.24 -21.83 0.78
CA ALA C 98 24.38 -22.75 1.55
C ALA C 98 23.41 -21.98 2.48
N ALA C 99 23.93 -21.06 3.27
CA ALA C 99 23.10 -20.13 4.06
C ALA C 99 22.04 -19.44 3.21
N ARG C 100 22.50 -18.91 2.07
CA ARG C 100 21.63 -18.23 1.13
C ARG C 100 20.50 -19.15 0.72
N ALA C 101 20.84 -20.41 0.46
CA ALA C 101 19.85 -21.39 0.03
C ALA C 101 18.86 -21.70 1.15
N ALA C 102 19.35 -21.76 2.39
CA ALA C 102 18.45 -22.09 3.49
C ALA C 102 17.40 -20.99 3.58
N LEU C 103 17.87 -19.74 3.50
CA LEU C 103 16.89 -18.63 3.53
C LEU C 103 15.95 -18.64 2.32
N ASP C 104 16.50 -18.85 1.13
CA ASP C 104 15.77 -18.79 -0.13
C ASP C 104 14.66 -19.84 -0.09
N MET C 105 15.01 -21.04 0.36
CA MET C 105 14.06 -22.13 0.37
C MET C 105 12.99 -21.90 1.43
N ALA C 106 13.37 -21.37 2.59
CA ALA C 106 12.34 -21.03 3.60
C ALA C 106 11.35 -19.98 3.05
N LEU C 107 11.86 -18.98 2.34
CA LEU C 107 11.00 -17.96 1.72
C LEU C 107 10.06 -18.52 0.66
N HIS C 108 10.57 -19.43 -0.19
CA HIS C 108 9.69 -20.08 -1.18
C HIS C 108 8.61 -20.95 -0.51
N ASP C 109 8.99 -21.67 0.53
CA ASP C 109 8.06 -22.41 1.37
C ASP C 109 6.93 -21.47 1.82
N LEU C 110 7.32 -20.32 2.35
CA LEU C 110 6.33 -19.35 2.82
C LEU C 110 5.43 -18.80 1.69
N VAL C 111 6.00 -18.49 0.52
CA VAL C 111 5.18 -17.93 -0.56
C VAL C 111 4.17 -18.96 -1.07
N ALA C 112 4.62 -20.21 -1.19
CA ALA C 112 3.74 -21.27 -1.60
C ALA C 112 2.63 -21.51 -0.56
N GLN C 113 2.96 -21.52 0.72
CA GLN C 113 1.91 -21.63 1.74
C GLN C 113 0.92 -20.47 1.65
N CYS C 114 1.44 -19.26 1.47
CA CYS C 114 0.60 -18.07 1.28
C CYS C 114 -0.36 -18.23 0.11
N LEU C 115 0.07 -18.88 -0.98
CA LEU C 115 -0.85 -19.11 -2.09
C LEU C 115 -1.68 -20.40 -1.96
N GLY C 116 -1.40 -21.19 -0.93
CA GLY C 116 -2.12 -22.43 -0.67
C GLY C 116 -1.87 -23.59 -1.62
N LEU C 117 -0.68 -23.67 -2.22
CA LEU C 117 -0.34 -24.81 -3.07
C LEU C 117 1.03 -25.38 -2.77
N PRO C 118 1.23 -26.67 -3.12
CA PRO C 118 2.58 -27.23 -3.15
C PRO C 118 3.52 -26.31 -3.97
N LEU C 119 4.77 -26.13 -3.52
CA LEU C 119 5.70 -25.22 -4.17
C LEU C 119 5.87 -25.48 -5.68
N VAL C 120 6.00 -26.75 -6.05
CA VAL C 120 6.18 -27.09 -7.45
C VAL C 120 5.02 -26.56 -8.32
N GLU C 121 3.84 -26.48 -7.73
CA GLU C 121 2.68 -25.96 -8.46
C GLU C 121 2.82 -24.47 -8.81
N ILE C 122 3.34 -23.66 -7.89
CA ILE C 122 3.54 -22.24 -8.22
C ILE C 122 4.80 -21.99 -9.05
N LEU C 123 5.81 -22.86 -8.93
CA LEU C 123 6.98 -22.76 -9.81
C LEU C 123 6.60 -23.17 -11.24
N GLY C 124 5.53 -23.94 -11.27
CA GLY C 124 4.83 -24.48 -12.42
C GLY C 124 5.40 -25.86 -12.70
N ARG C 125 4.52 -26.82 -12.92
CA ARG C 125 4.94 -28.21 -12.80
C ARG C 125 5.28 -28.70 -14.20
N ALA C 126 6.50 -29.18 -14.39
CA ALA C 126 6.86 -29.96 -15.58
C ALA C 126 6.95 -31.50 -15.45
N HIS C 127 6.92 -32.04 -14.23
CA HIS C 127 7.12 -33.48 -14.03
C HIS C 127 6.39 -33.97 -12.79
N ASP C 128 5.85 -35.18 -12.85
CA ASP C 128 5.21 -35.81 -11.69
C ASP C 128 6.17 -36.48 -10.71
N SER C 129 7.13 -37.23 -11.24
CA SER C 129 8.12 -37.92 -10.40
C SER C 129 9.33 -38.27 -11.23
N LEU C 130 10.45 -38.55 -10.59
CA LEU C 130 11.64 -39.04 -11.29
C LEU C 130 12.39 -40.04 -10.43
N PRO C 131 13.07 -41.00 -11.08
CA PRO C 131 13.93 -41.93 -10.34
C PRO C 131 15.07 -41.14 -9.73
N THR C 132 15.53 -41.53 -8.56
CA THR C 132 16.77 -40.97 -8.03
C THR C 132 17.82 -42.06 -7.96
N SER C 133 19.08 -41.66 -8.10
CA SER C 133 20.18 -42.55 -7.83
C SER C 133 20.38 -42.68 -6.32
N VAL C 134 21.02 -43.76 -5.91
CA VAL C 134 21.68 -43.80 -4.62
C VAL C 134 23.15 -44.05 -4.89
N THR C 135 24.00 -43.68 -3.94
CA THR C 135 25.43 -43.67 -4.19
C THR C 135 26.19 -44.87 -3.58
N ILE C 136 27.07 -45.45 -4.37
CA ILE C 136 28.07 -46.38 -3.88
C ILE C 136 29.40 -45.66 -3.95
N GLY C 137 30.00 -45.45 -2.79
CA GLY C 137 31.27 -44.76 -2.69
C GLY C 137 32.41 -45.62 -3.18
N ILE C 138 33.63 -45.15 -2.97
CA ILE C 138 34.81 -45.90 -3.40
C ILE C 138 35.05 -47.05 -2.43
N LYS C 139 35.07 -48.27 -2.98
CA LYS C 139 35.35 -49.47 -2.19
C LYS C 139 35.63 -50.62 -3.15
N PRO C 140 35.97 -51.81 -2.60
CA PRO C 140 36.34 -52.95 -3.46
C PRO C 140 35.15 -53.58 -4.19
N VAL C 141 35.45 -54.40 -5.20
CA VAL C 141 34.41 -55.07 -5.97
C VAL C 141 33.33 -55.73 -5.09
N GLU C 142 33.76 -56.52 -4.10
CA GLU C 142 32.79 -57.28 -3.30
C GLU C 142 31.78 -56.38 -2.57
N GLU C 143 32.29 -55.39 -1.84
CA GLU C 143 31.39 -54.47 -1.13
C GLU C 143 30.50 -53.72 -2.11
N THR C 144 31.04 -53.43 -3.28
CA THR C 144 30.30 -52.70 -4.31
C THR C 144 29.11 -53.50 -4.80
N LEU C 145 29.34 -54.77 -5.11
CA LEU C 145 28.28 -55.64 -5.59
C LEU C 145 27.25 -55.85 -4.48
N ALA C 146 27.73 -56.04 -3.25
CA ALA C 146 26.83 -56.19 -2.10
C ALA C 146 25.88 -54.98 -1.96
N GLU C 147 26.48 -53.79 -1.92
CA GLU C 147 25.68 -52.56 -1.84
C GLU C 147 24.69 -52.50 -3.00
N ALA C 148 25.18 -52.78 -4.21
CA ALA C 148 24.32 -52.78 -5.37
C ALA C 148 23.08 -53.63 -5.14
N ARG C 149 23.26 -54.87 -4.70
CA ARG C 149 22.11 -55.74 -4.43
C ARG C 149 21.19 -55.24 -3.29
N GLU C 150 21.77 -54.65 -2.24
CA GLU C 150 20.96 -54.02 -1.20
C GLU C 150 20.05 -52.96 -1.79
N HIS C 151 20.61 -52.11 -2.66
CA HIS C 151 19.85 -50.99 -3.21
C HIS C 151 18.79 -51.52 -4.14
N LEU C 152 19.16 -52.51 -4.94
CA LEU C 152 18.19 -53.12 -5.85
C LEU C 152 17.00 -53.65 -5.05
N ALA C 153 17.29 -54.25 -3.89
CA ALA C 153 16.24 -54.81 -3.05
C ALA C 153 15.34 -53.72 -2.49
N LEU C 154 15.92 -52.54 -2.24
CA LEU C 154 15.17 -51.41 -1.70
C LEU C 154 14.29 -50.72 -2.75
N GLY C 155 14.39 -51.14 -4.00
CA GLY C 155 13.56 -50.59 -5.05
C GLY C 155 14.23 -49.61 -6.00
N PHE C 156 15.50 -49.27 -5.76
CA PHE C 156 16.23 -48.31 -6.61
C PHE C 156 16.61 -48.91 -7.97
N ARG C 157 16.30 -48.16 -9.03
CA ARG C 157 16.62 -48.48 -10.42
C ARG C 157 17.84 -47.76 -11.02
N VAL C 158 18.50 -46.91 -10.23
CA VAL C 158 19.64 -46.13 -10.74
C VAL C 158 20.74 -46.11 -9.69
N LEU C 159 21.96 -46.44 -10.09
CA LEU C 159 23.08 -46.38 -9.14
C LEU C 159 24.11 -45.32 -9.56
N LYS C 160 24.61 -44.56 -8.59
CA LYS C 160 25.69 -43.62 -8.82
C LYS C 160 26.96 -44.14 -8.18
N VAL C 161 27.97 -44.43 -8.99
CA VAL C 161 29.21 -44.99 -8.47
C VAL C 161 30.34 -43.99 -8.48
N LYS C 162 30.91 -43.71 -7.31
CA LYS C 162 32.11 -42.87 -7.24
C LYS C 162 33.33 -43.65 -7.73
N LEU C 163 34.16 -43.02 -8.55
CA LEU C 163 35.41 -43.60 -9.04
C LEU C 163 36.61 -42.85 -8.46
N CYS C 164 37.72 -43.56 -8.24
CA CYS C 164 38.90 -42.94 -7.65
C CYS C 164 39.98 -42.52 -8.65
N GLY C 165 39.78 -42.85 -9.92
CA GLY C 165 40.76 -42.50 -10.93
C GLY C 165 41.88 -43.52 -11.15
N ASP C 166 41.82 -44.63 -10.42
CA ASP C 166 42.76 -45.71 -10.64
C ASP C 166 42.05 -46.65 -11.61
N GLU C 167 42.54 -46.69 -12.85
CA GLU C 167 41.78 -47.28 -13.95
C GLU C 167 41.50 -48.77 -13.85
N GLU C 168 42.50 -49.56 -13.48
CA GLU C 168 42.31 -51.00 -13.40
C GLU C 168 41.18 -51.33 -12.42
N GLN C 169 41.25 -50.71 -11.24
CA GLN C 169 40.22 -50.85 -10.21
C GLN C 169 38.85 -50.30 -10.62
N ASP C 170 38.80 -49.03 -11.06
CA ASP C 170 37.56 -48.42 -11.54
C ASP C 170 36.87 -49.31 -12.57
N PHE C 171 37.61 -49.70 -13.60
CA PHE C 171 37.09 -50.45 -14.73
C PHE C 171 36.63 -51.83 -14.28
N GLU C 172 37.40 -52.45 -13.39
CA GLU C 172 37.00 -53.76 -12.86
C GLU C 172 35.66 -53.65 -12.12
N ARG C 173 35.58 -52.70 -11.19
CA ARG C 173 34.34 -52.47 -10.47
C ARG C 173 33.17 -52.26 -11.43
N LEU C 174 33.38 -51.44 -12.46
CA LEU C 174 32.28 -51.20 -13.41
C LEU C 174 31.88 -52.46 -14.22
N ARG C 175 32.86 -53.24 -14.68
CA ARG C 175 32.54 -54.50 -15.37
C ARG C 175 31.77 -55.49 -14.49
N ARG C 176 32.27 -55.71 -13.27
CA ARG C 176 31.64 -56.66 -12.36
C ARG C 176 30.23 -56.20 -11.98
N LEU C 177 30.10 -54.89 -11.72
CA LEU C 177 28.80 -54.32 -11.39
C LEU C 177 27.83 -54.52 -12.54
N HIS C 178 28.30 -54.22 -13.75
CA HIS C 178 27.49 -54.43 -14.93
C HIS C 178 27.02 -55.88 -15.03
N GLU C 179 27.92 -56.83 -14.76
CA GLU C 179 27.52 -58.23 -14.86
C GLU C 179 26.50 -58.63 -13.79
N THR C 180 26.75 -58.24 -12.54
CA THR C 180 25.81 -58.53 -11.46
C THR C 180 24.41 -57.92 -11.70
N LEU C 181 24.35 -56.67 -12.15
CA LEU C 181 23.06 -55.98 -12.26
C LEU C 181 22.18 -56.63 -13.32
N ALA C 182 22.81 -57.17 -14.35
CA ALA C 182 22.07 -57.87 -15.40
C ALA C 182 20.90 -57.05 -15.89
N GLY C 183 21.13 -55.77 -16.17
CA GLY C 183 20.11 -54.91 -16.75
C GLY C 183 19.05 -54.43 -15.76
N ARG C 184 19.23 -54.70 -14.48
CA ARG C 184 18.19 -54.40 -13.49
C ARG C 184 18.18 -52.95 -13.05
N ALA C 185 19.30 -52.27 -13.28
CA ALA C 185 19.43 -50.86 -12.98
C ALA C 185 20.46 -50.23 -13.91
N VAL C 186 20.26 -48.97 -14.26
CA VAL C 186 21.28 -48.20 -14.95
C VAL C 186 22.33 -47.66 -13.98
N VAL C 187 23.51 -47.36 -14.51
CA VAL C 187 24.61 -46.83 -13.71
C VAL C 187 25.07 -45.49 -14.26
N ARG C 188 25.47 -44.60 -13.36
CA ARG C 188 26.10 -43.33 -13.73
C ARG C 188 27.32 -43.21 -12.83
N VAL C 189 28.41 -42.58 -13.33
CA VAL C 189 29.63 -42.54 -12.54
C VAL C 189 30.15 -41.14 -12.25
N ASP C 190 30.88 -41.03 -11.14
CA ASP C 190 31.40 -39.77 -10.64
C ASP C 190 32.84 -39.89 -10.17
N PRO C 191 33.82 -39.69 -11.08
CA PRO C 191 35.25 -39.66 -10.75
C PRO C 191 35.63 -38.45 -9.90
N ASN C 192 34.75 -37.46 -9.82
CA ASN C 192 35.07 -36.23 -9.08
C ASN C 192 36.50 -35.73 -9.27
N GLN C 193 36.83 -35.32 -10.49
CA GLN C 193 38.09 -34.61 -10.78
C GLN C 193 39.33 -35.48 -10.86
N SER C 194 39.17 -36.79 -10.64
CA SER C 194 40.32 -37.68 -10.48
C SER C 194 40.96 -38.23 -11.77
N TYR C 195 40.40 -37.89 -12.92
CA TYR C 195 40.89 -38.44 -14.19
C TYR C 195 41.77 -37.50 -14.98
N ASP C 196 42.73 -38.07 -15.71
CA ASP C 196 43.47 -37.32 -16.74
C ASP C 196 42.84 -37.54 -18.11
N ARG C 197 43.40 -36.92 -19.15
CA ARG C 197 42.74 -36.89 -20.46
C ARG C 197 42.66 -38.25 -21.21
N ASP C 198 43.79 -38.97 -21.23
CA ASP C 198 43.83 -40.29 -21.86
C ASP C 198 42.92 -41.23 -21.08
N GLY C 199 43.08 -41.20 -19.76
CA GLY C 199 42.28 -41.99 -18.86
C GLY C 199 40.80 -41.78 -19.12
N LEU C 200 40.38 -40.52 -19.22
CA LEU C 200 38.97 -40.26 -19.53
C LEU C 200 38.57 -40.87 -20.86
N LEU C 201 39.42 -40.77 -21.89
CA LEU C 201 39.05 -41.41 -23.15
C LEU C 201 38.77 -42.92 -22.98
N ARG C 202 39.68 -43.59 -22.27
CA ARG C 202 39.46 -45.02 -22.01
C ARG C 202 38.15 -45.28 -21.23
N LEU C 203 37.96 -44.50 -20.16
CA LEU C 203 36.75 -44.64 -19.35
C LEU C 203 35.51 -44.47 -20.23
N ASP C 204 35.56 -43.57 -21.19
CA ASP C 204 34.38 -43.31 -22.01
C ASP C 204 34.13 -44.46 -22.97
N ARG C 205 35.19 -45.04 -23.51
CA ARG C 205 35.01 -46.26 -24.30
C ARG C 205 34.27 -47.33 -23.48
N LEU C 206 34.74 -47.55 -22.26
CA LEU C 206 34.07 -48.51 -21.37
C LEU C 206 32.60 -48.15 -21.11
N VAL C 207 32.36 -46.88 -20.79
CA VAL C 207 31.03 -46.36 -20.51
C VAL C 207 30.08 -46.64 -21.67
N GLN C 208 30.58 -46.46 -22.89
CA GLN C 208 29.79 -46.79 -24.08
C GLN C 208 29.53 -48.30 -24.08
N GLU C 209 30.58 -49.07 -23.82
CA GLU C 209 30.47 -50.51 -23.84
C GLU C 209 29.38 -50.98 -22.86
N LEU C 210 29.44 -50.48 -21.62
CA LEU C 210 28.58 -50.93 -20.53
C LEU C 210 27.20 -50.27 -20.41
N GLY C 211 26.87 -49.36 -21.32
CA GLY C 211 25.59 -48.67 -21.25
C GLY C 211 25.43 -47.72 -20.06
N ILE C 212 26.56 -47.30 -19.47
CA ILE C 212 26.55 -46.31 -18.39
C ILE C 212 26.03 -44.96 -18.89
N GLU C 213 25.15 -44.30 -18.14
CA GLU C 213 24.47 -43.13 -18.74
C GLU C 213 25.31 -41.87 -18.95
N PHE C 214 26.16 -41.52 -17.99
CA PHE C 214 27.12 -40.44 -18.23
C PHE C 214 28.23 -40.42 -17.19
N ILE C 215 29.16 -39.49 -17.39
CA ILE C 215 30.34 -39.37 -16.54
C ILE C 215 30.28 -37.98 -15.93
N GLU C 216 30.25 -37.91 -14.61
CA GLU C 216 30.15 -36.61 -13.94
C GLU C 216 31.54 -36.09 -13.55
N GLN C 217 31.84 -34.88 -14.03
CA GLN C 217 33.03 -34.16 -13.61
C GLN C 217 34.30 -35.01 -13.56
N PRO C 218 34.75 -35.52 -14.72
CA PRO C 218 35.98 -36.32 -14.70
C PRO C 218 37.24 -35.51 -14.40
N PHE C 219 37.21 -34.21 -14.65
CA PHE C 219 38.42 -33.40 -14.62
C PHE C 219 38.38 -32.36 -13.51
N PRO C 220 39.55 -31.85 -13.10
CA PRO C 220 39.58 -30.77 -12.13
C PRO C 220 38.61 -29.65 -12.51
N ALA C 221 37.96 -29.10 -11.50
CA ALA C 221 37.00 -28.02 -11.64
C ALA C 221 37.49 -26.87 -12.51
N GLY C 222 38.74 -26.45 -12.35
CA GLY C 222 39.25 -25.33 -13.12
C GLY C 222 39.81 -25.74 -14.48
N ARG C 223 39.62 -27.00 -14.83
CA ARG C 223 40.12 -27.62 -16.07
C ARG C 223 39.19 -27.65 -17.30
N THR C 224 38.11 -26.89 -17.26
CA THR C 224 37.08 -26.94 -18.30
C THR C 224 37.62 -26.90 -19.75
N ASP C 225 38.82 -26.34 -19.95
CA ASP C 225 39.48 -26.48 -21.26
C ASP C 225 39.71 -27.93 -21.68
N TRP C 226 40.00 -28.80 -20.70
CA TRP C 226 40.19 -30.21 -20.98
C TRP C 226 38.88 -30.82 -21.52
N LEU C 227 37.75 -30.36 -20.99
CA LEU C 227 36.44 -30.79 -21.47
C LEU C 227 36.19 -30.30 -22.88
N ARG C 228 36.42 -29.00 -23.10
CA ARG C 228 36.15 -28.43 -24.41
C ARG C 228 36.95 -29.08 -25.53
N ALA C 229 38.13 -29.62 -25.17
CA ALA C 229 38.98 -30.29 -26.16
C ALA C 229 38.50 -31.69 -26.58
N LEU C 230 37.47 -32.19 -25.91
CA LEU C 230 36.89 -33.48 -26.25
C LEU C 230 35.95 -33.39 -27.46
N PRO C 231 35.79 -34.50 -28.21
CA PRO C 231 34.76 -34.57 -29.25
C PRO C 231 33.37 -34.28 -28.68
N LYS C 232 32.52 -33.61 -29.46
CA LYS C 232 31.19 -33.22 -28.96
C LYS C 232 30.41 -34.43 -28.43
N ALA C 233 30.56 -35.57 -29.08
CA ALA C 233 29.75 -36.73 -28.72
C ALA C 233 30.07 -37.14 -27.30
N ILE C 234 31.33 -36.98 -26.91
CA ILE C 234 31.72 -37.32 -25.54
C ILE C 234 31.27 -36.25 -24.54
N ARG C 235 31.52 -34.98 -24.87
CA ARG C 235 31.07 -33.86 -24.05
C ARG C 235 29.60 -34.00 -23.70
N ARG C 236 28.80 -34.44 -24.67
CA ARG C 236 27.36 -34.59 -24.43
C ARG C 236 27.06 -35.57 -23.29
N ARG C 237 27.97 -36.53 -23.10
CA ARG C 237 27.86 -37.60 -22.09
C ARG C 237 28.49 -37.20 -20.74
N ILE C 238 28.89 -35.94 -20.62
CA ILE C 238 29.58 -35.50 -19.41
C ILE C 238 28.77 -34.48 -18.63
N ALA C 239 28.74 -34.63 -17.32
CA ALA C 239 28.03 -33.68 -16.47
C ALA C 239 29.01 -32.76 -15.74
N ALA C 240 28.65 -31.50 -15.63
CA ALA C 240 29.45 -30.56 -14.85
C ALA C 240 28.90 -30.51 -13.44
N ASP C 241 29.77 -30.69 -12.45
CA ASP C 241 29.32 -30.54 -11.07
C ASP C 241 30.13 -29.46 -10.33
N GLU C 242 31.36 -29.80 -9.96
CA GLU C 242 32.23 -28.88 -9.23
C GLU C 242 32.64 -27.66 -10.08
N SER C 243 32.57 -27.81 -11.41
CA SER C 243 32.81 -26.68 -12.31
C SER C 243 31.62 -25.73 -12.37
N LEU C 244 30.45 -26.20 -11.92
CA LEU C 244 29.23 -25.38 -11.99
C LEU C 244 28.68 -24.97 -10.62
N LEU C 245 28.82 -23.70 -10.29
CA LEU C 245 28.27 -23.24 -9.04
C LEU C 245 26.98 -22.48 -9.32
N GLY C 246 27.12 -21.28 -9.88
CA GLY C 246 25.98 -20.42 -10.18
C GLY C 246 25.70 -20.23 -11.66
N PRO C 247 24.83 -19.25 -11.97
CA PRO C 247 24.43 -18.86 -13.32
C PRO C 247 25.60 -18.41 -14.19
N ALA C 248 26.59 -17.73 -13.61
CA ALA C 248 27.73 -17.27 -14.40
C ALA C 248 28.46 -18.50 -14.97
N ASP C 249 28.70 -19.49 -14.10
CA ASP C 249 29.33 -20.73 -14.52
C ASP C 249 28.47 -21.39 -15.59
N ALA C 250 27.16 -21.38 -15.37
CA ALA C 250 26.25 -22.02 -16.32
C ALA C 250 26.42 -21.40 -17.69
N PHE C 251 26.48 -20.08 -17.72
CA PHE C 251 26.57 -19.38 -18.99
C PHE C 251 27.91 -19.67 -19.66
N ALA C 252 29.01 -19.56 -18.91
CA ALA C 252 30.34 -19.87 -19.49
C ALA C 252 30.42 -21.32 -20.04
N LEU C 253 29.76 -22.26 -19.37
CA LEU C 253 29.81 -23.65 -19.79
C LEU C 253 28.89 -23.91 -21.00
N ALA C 254 27.79 -23.16 -21.08
CA ALA C 254 26.84 -23.37 -22.16
C ALA C 254 27.24 -22.70 -23.46
N ALA C 255 28.09 -21.68 -23.32
CA ALA C 255 28.49 -20.84 -24.45
C ALA C 255 29.24 -21.66 -25.50
N PRO C 256 28.84 -21.53 -26.77
CA PRO C 256 29.51 -22.34 -27.79
C PRO C 256 31.02 -22.06 -27.82
N PRO C 257 31.84 -23.11 -28.02
CA PRO C 257 31.42 -24.52 -27.97
C PRO C 257 31.08 -24.94 -26.54
N ALA C 258 29.93 -25.57 -26.36
CA ALA C 258 29.47 -25.94 -25.02
C ALA C 258 30.41 -26.98 -24.42
N ALA C 259 30.74 -26.82 -23.14
CA ALA C 259 31.69 -27.71 -22.50
C ALA C 259 31.12 -29.10 -22.23
N CYS C 260 29.81 -29.21 -22.04
CA CYS C 260 29.21 -30.50 -21.70
C CYS C 260 27.70 -30.52 -21.93
N GLY C 261 27.08 -31.68 -21.72
CA GLY C 261 25.68 -31.86 -22.05
C GLY C 261 24.75 -31.90 -20.85
N ILE C 262 25.31 -31.85 -19.65
CA ILE C 262 24.51 -31.99 -18.45
C ILE C 262 25.04 -31.08 -17.35
N PHE C 263 24.13 -30.35 -16.73
CA PHE C 263 24.47 -29.48 -15.59
C PHE C 263 23.99 -30.11 -14.29
N ASN C 264 24.88 -30.29 -13.32
CA ASN C 264 24.46 -30.77 -12.00
C ASN C 264 24.23 -29.56 -11.09
N ILE C 265 22.97 -29.32 -10.72
CA ILE C 265 22.62 -28.19 -9.88
C ILE C 265 22.47 -28.69 -8.45
N LYS C 266 23.16 -28.04 -7.51
CA LYS C 266 22.91 -28.29 -6.08
C LYS C 266 22.62 -26.96 -5.41
N LEU C 267 21.49 -26.89 -4.69
CA LEU C 267 21.13 -25.68 -3.98
C LEU C 267 22.30 -25.16 -3.16
N MET C 268 23.10 -26.05 -2.58
CA MET C 268 24.18 -25.59 -1.69
C MET C 268 25.35 -24.99 -2.46
N LYS C 269 25.44 -25.29 -3.75
CA LYS C 269 26.39 -24.63 -4.65
C LYS C 269 25.93 -23.27 -5.18
N CYS C 270 24.69 -23.25 -5.68
CA CYS C 270 24.18 -22.08 -6.39
C CYS C 270 23.60 -20.99 -5.50
N GLY C 271 23.08 -21.40 -4.35
CA GLY C 271 22.58 -20.46 -3.35
C GLY C 271 21.07 -20.36 -3.29
N GLY C 272 20.37 -21.27 -3.95
CA GLY C 272 18.93 -21.35 -3.72
C GLY C 272 18.11 -21.69 -4.95
N LEU C 273 16.78 -21.63 -4.80
CA LEU C 273 15.88 -21.86 -5.92
C LEU C 273 15.95 -20.76 -7.00
N ALA C 274 16.11 -19.50 -6.59
CA ALA C 274 16.14 -18.41 -7.60
C ALA C 274 17.33 -18.54 -8.59
N PRO C 275 18.56 -18.65 -8.05
CA PRO C 275 19.73 -18.87 -8.92
C PRO C 275 19.60 -20.17 -9.70
N ALA C 276 18.94 -21.15 -9.09
CA ALA C 276 18.72 -22.42 -9.76
C ALA C 276 17.85 -22.21 -11.01
N ARG C 277 16.84 -21.35 -10.89
CA ARG C 277 15.98 -21.04 -12.04
C ARG C 277 16.80 -20.31 -13.09
N ARG C 278 17.72 -19.44 -12.68
CA ARG C 278 18.56 -18.82 -13.72
C ARG C 278 19.46 -19.83 -14.49
N ILE C 279 20.06 -20.76 -13.75
CA ILE C 279 20.81 -21.84 -14.38
C ILE C 279 19.91 -22.63 -15.34
N ALA C 280 18.70 -22.94 -14.89
CA ALA C 280 17.77 -23.74 -15.70
C ALA C 280 17.42 -23.00 -16.98
N THR C 281 17.20 -21.70 -16.88
CA THR C 281 16.98 -20.86 -18.07
C THR C 281 18.13 -21.02 -19.06
N ILE C 282 19.35 -20.82 -18.57
CA ILE C 282 20.50 -20.94 -19.45
C ILE C 282 20.60 -22.33 -20.11
N ALA C 283 20.48 -23.38 -19.29
CA ALA C 283 20.58 -24.76 -19.78
C ALA C 283 19.54 -25.05 -20.85
N GLU C 284 18.32 -24.64 -20.58
CA GLU C 284 17.22 -24.92 -21.48
C GLU C 284 17.44 -24.20 -22.81
N THR C 285 17.86 -22.94 -22.76
CA THR C 285 18.11 -22.25 -24.02
C THR C 285 19.23 -22.96 -24.79
N ALA C 286 20.24 -23.40 -24.05
CA ALA C 286 21.41 -24.04 -24.68
C ALA C 286 21.19 -25.54 -24.97
N GLY C 287 20.04 -26.07 -24.59
CA GLY C 287 19.74 -27.47 -24.87
C GLY C 287 20.60 -28.41 -24.03
N ILE C 288 20.87 -27.99 -22.79
CA ILE C 288 21.62 -28.78 -21.82
C ILE C 288 20.67 -29.41 -20.80
N ASP C 289 20.85 -30.70 -20.52
CA ASP C 289 19.98 -31.41 -19.59
C ASP C 289 20.34 -31.06 -18.14
N LEU C 290 19.34 -31.11 -17.26
CA LEU C 290 19.57 -30.82 -15.84
C LEU C 290 19.60 -32.10 -14.97
N MET C 291 20.58 -32.13 -14.09
CA MET C 291 20.71 -33.09 -13.02
C MET C 291 20.54 -32.30 -11.74
N TRP C 292 19.86 -32.86 -10.74
CA TRP C 292 19.77 -32.21 -9.43
C TRP C 292 20.43 -33.09 -8.36
N GLY C 293 21.51 -32.59 -7.77
CA GLY C 293 22.20 -33.29 -6.69
C GLY C 293 22.00 -32.65 -5.33
N CYS C 294 22.80 -33.09 -4.35
CA CYS C 294 22.68 -32.65 -2.97
C CYS C 294 23.99 -32.92 -2.22
N MET C 295 24.13 -32.26 -1.07
CA MET C 295 25.12 -32.61 -0.05
C MET C 295 24.46 -33.57 0.93
N ASP C 296 25.09 -33.83 2.07
CA ASP C 296 24.41 -34.62 3.10
C ASP C 296 23.43 -33.68 3.78
N GLU C 297 22.15 -33.99 3.66
CA GLU C 297 21.15 -32.97 3.92
C GLU C 297 19.92 -33.50 4.62
N SER C 298 19.37 -32.65 5.47
CA SER C 298 18.06 -32.88 6.04
C SER C 298 17.04 -32.98 4.91
N ARG C 299 15.97 -33.70 5.15
CA ARG C 299 14.89 -33.85 4.18
C ARG C 299 14.28 -32.49 3.74
N ILE C 300 14.47 -31.45 4.53
CA ILE C 300 14.02 -30.10 4.20
C ILE C 300 14.60 -29.58 2.86
N SER C 301 15.92 -29.58 2.75
CA SER C 301 16.52 -29.07 1.53
C SER C 301 16.40 -30.05 0.37
N ILE C 302 16.30 -31.34 0.68
CA ILE C 302 16.06 -32.35 -0.36
C ILE C 302 14.71 -32.04 -1.00
N ALA C 303 13.72 -31.83 -0.16
CA ALA C 303 12.38 -31.48 -0.58
C ALA C 303 12.39 -30.21 -1.43
N ALA C 304 13.10 -29.20 -0.97
CA ALA C 304 13.19 -27.95 -1.76
C ALA C 304 13.75 -28.21 -3.17
N ALA C 305 14.87 -28.94 -3.20
CA ALA C 305 15.50 -29.27 -4.46
C ALA C 305 14.52 -30.02 -5.36
N LEU C 306 13.77 -30.95 -4.78
CA LEU C 306 12.81 -31.75 -5.56
C LEU C 306 11.67 -30.91 -6.14
N HIS C 307 11.08 -30.00 -5.34
CA HIS C 307 10.09 -29.07 -5.88
C HIS C 307 10.68 -28.29 -7.09
N ALA C 308 11.88 -27.74 -6.90
CA ALA C 308 12.49 -27.01 -8.03
C ALA C 308 12.67 -27.91 -9.27
N ALA C 309 13.17 -29.13 -9.07
CA ALA C 309 13.47 -30.04 -10.18
C ALA C 309 12.20 -30.41 -10.92
N LEU C 310 11.15 -30.70 -10.16
CA LEU C 310 9.90 -31.14 -10.76
C LEU C 310 9.24 -29.99 -11.47
N ALA C 311 9.69 -28.77 -11.16
CA ALA C 311 9.22 -27.63 -11.95
C ALA C 311 10.11 -27.20 -13.15
N CYS C 312 11.17 -27.94 -13.47
CA CYS C 312 11.98 -27.61 -14.67
C CYS C 312 11.82 -28.58 -15.83
N PRO C 313 11.38 -28.08 -16.98
CA PRO C 313 11.27 -28.95 -18.15
C PRO C 313 12.59 -29.63 -18.48
N ALA C 314 13.72 -28.94 -18.30
CA ALA C 314 15.03 -29.49 -18.65
C ALA C 314 15.54 -30.57 -17.67
N THR C 315 14.83 -30.81 -16.58
CA THR C 315 15.34 -31.77 -15.60
C THR C 315 15.23 -33.16 -16.21
N ARG C 316 16.37 -33.84 -16.38
CA ARG C 316 16.35 -35.27 -16.70
C ARG C 316 16.76 -36.28 -15.64
N TYR C 317 17.35 -35.82 -14.54
CA TYR C 317 18.00 -36.77 -13.61
C TYR C 317 18.03 -36.19 -12.21
N LEU C 318 18.08 -37.07 -11.21
CA LEU C 318 18.21 -36.66 -9.81
C LEU C 318 19.24 -37.55 -9.09
N ASP C 319 20.20 -36.97 -8.37
CA ASP C 319 20.78 -37.71 -7.26
C ASP C 319 20.32 -36.97 -6.00
N LEU C 320 19.19 -37.43 -5.47
CA LEU C 320 18.50 -36.86 -4.32
C LEU C 320 18.59 -37.55 -2.95
N ASP C 321 19.53 -38.49 -2.84
CA ASP C 321 19.65 -39.47 -1.76
C ASP C 321 20.34 -38.92 -0.49
N GLY C 322 20.65 -37.62 -0.45
CA GLY C 322 21.30 -37.01 0.69
C GLY C 322 20.68 -37.11 2.10
N SER C 323 19.38 -37.39 2.21
CA SER C 323 18.77 -37.64 3.53
C SER C 323 18.59 -39.11 3.92
N PHE C 324 18.94 -40.05 3.05
CA PHE C 324 18.69 -41.47 3.31
C PHE C 324 19.58 -42.07 4.41
N ASP C 325 20.81 -41.57 4.57
CA ASP C 325 21.74 -42.14 5.54
C ASP C 325 21.64 -41.47 6.89
N LEU C 326 20.73 -40.51 7.00
CA LEU C 326 20.50 -39.82 8.26
C LEU C 326 19.76 -40.71 9.23
N ALA C 327 20.34 -40.92 10.42
CA ALA C 327 19.72 -41.77 11.43
C ALA C 327 18.44 -41.11 11.96
N ARG C 328 18.46 -39.79 12.05
CA ARG C 328 17.29 -39.03 12.48
C ARG C 328 17.23 -37.74 11.69
N ASP C 329 16.05 -37.14 11.60
CA ASP C 329 15.87 -35.87 10.89
C ASP C 329 14.98 -34.95 11.73
N VAL C 330 14.93 -33.67 11.37
CA VAL C 330 14.11 -32.71 12.10
C VAL C 330 12.73 -32.52 11.51
N ALA C 331 12.45 -33.20 10.40
CA ALA C 331 11.12 -33.11 9.81
C ALA C 331 10.78 -34.36 9.02
N GLU C 332 9.50 -34.59 8.80
CA GLU C 332 9.08 -35.66 7.90
C GLU C 332 8.36 -35.09 6.68
N GLY C 333 7.97 -35.97 5.77
CA GLY C 333 7.30 -35.57 4.57
C GLY C 333 8.17 -34.75 3.62
N GLY C 334 7.48 -33.96 2.79
CA GLY C 334 8.05 -33.05 1.82
C GLY C 334 8.32 -33.75 0.50
N PHE C 335 8.61 -35.04 0.57
CA PHE C 335 8.75 -35.88 -0.62
C PHE C 335 8.37 -37.31 -0.24
N ILE C 336 7.94 -38.06 -1.24
CA ILE C 336 7.64 -39.47 -1.08
C ILE C 336 8.56 -40.26 -2.01
N LEU C 337 9.15 -41.31 -1.45
CA LEU C 337 9.97 -42.26 -2.21
C LEU C 337 9.13 -43.49 -2.44
N GLU C 338 8.96 -43.87 -3.70
CA GLU C 338 8.28 -45.12 -4.00
C GLU C 338 8.96 -45.77 -5.21
N ASP C 339 9.36 -47.04 -5.06
CA ASP C 339 9.97 -47.77 -6.18
C ASP C 339 11.14 -47.01 -6.78
N GLY C 340 11.96 -46.40 -5.93
CA GLY C 340 13.10 -45.64 -6.38
C GLY C 340 12.80 -44.28 -6.99
N ARG C 341 11.53 -43.91 -7.07
CA ARG C 341 11.11 -42.62 -7.64
C ARG C 341 10.72 -41.60 -6.56
N LEU C 342 11.14 -40.35 -6.75
CA LEU C 342 10.76 -39.28 -5.84
C LEU C 342 9.62 -38.43 -6.42
N ARG C 343 8.65 -38.07 -5.58
CA ARG C 343 7.60 -37.12 -5.97
C ARG C 343 7.28 -36.27 -4.76
N VAL C 344 6.58 -35.16 -4.93
CA VAL C 344 6.16 -34.39 -3.76
C VAL C 344 4.75 -34.78 -3.30
N THR C 345 4.32 -34.18 -2.20
CA THR C 345 3.02 -34.51 -1.62
C THR C 345 2.05 -33.43 -2.06
N GLU C 346 0.81 -33.54 -1.59
CA GLU C 346 -0.23 -32.59 -1.98
C GLU C 346 -0.39 -31.42 -1.00
N ARG C 347 0.40 -31.40 0.06
CA ARG C 347 0.33 -30.31 1.03
C ARG C 347 1.01 -29.03 0.51
N PRO C 348 0.63 -27.87 1.07
CA PRO C 348 1.14 -26.59 0.55
C PRO C 348 2.60 -26.36 0.93
N GLY C 349 3.26 -25.44 0.23
CA GLY C 349 4.66 -25.15 0.49
C GLY C 349 5.55 -26.35 0.21
N LEU C 350 6.61 -26.50 0.99
CA LEU C 350 7.48 -27.64 0.83
C LEU C 350 6.77 -28.94 1.23
N GLY C 351 5.67 -28.80 1.97
CA GLY C 351 4.88 -29.95 2.35
C GLY C 351 5.57 -30.77 3.41
N LEU C 352 6.25 -30.10 4.33
CA LEU C 352 6.96 -30.77 5.40
C LEU C 352 6.09 -30.86 6.66
N VAL C 353 6.22 -31.98 7.36
CA VAL C 353 5.57 -32.11 8.65
C VAL C 353 6.63 -31.87 9.71
N TYR C 354 6.35 -30.92 10.59
CA TYR C 354 7.30 -30.45 11.59
C TYR C 354 6.56 -30.41 12.91
N PRO C 355 7.23 -30.78 14.01
CA PRO C 355 6.55 -30.94 15.31
C PRO C 355 6.00 -29.63 15.88
N MET D 1 9.87 5.25 7.36
CA MET D 1 11.12 5.46 6.63
C MET D 1 12.20 4.49 7.13
N LYS D 2 12.66 3.64 6.23
CA LYS D 2 13.54 2.53 6.60
C LYS D 2 15.01 2.92 6.60
N ILE D 3 15.78 2.35 7.54
CA ILE D 3 17.23 2.55 7.50
C ILE D 3 17.85 1.63 6.46
N ALA D 4 18.46 2.24 5.45
CA ALA D 4 19.14 1.52 4.37
C ALA D 4 20.57 1.11 4.68
N ASP D 5 21.31 2.02 5.30
CA ASP D 5 22.71 1.73 5.53
C ASP D 5 23.29 2.57 6.67
N ILE D 6 24.38 2.09 7.25
CA ILE D 6 25.09 2.83 8.28
C ILE D 6 26.58 2.70 8.05
N GLN D 7 27.27 3.82 7.91
CA GLN D 7 28.72 3.81 7.69
C GLN D 7 29.41 4.53 8.84
N VAL D 8 30.54 4.00 9.29
CA VAL D 8 31.27 4.58 10.40
C VAL D 8 32.71 4.82 9.99
N ARG D 9 33.33 5.89 10.48
CA ARG D 9 34.72 6.15 10.18
C ARG D 9 35.44 6.91 11.29
N THR D 10 36.74 6.69 11.42
CA THR D 10 37.53 7.46 12.38
C THR D 10 38.04 8.75 11.73
N GLU D 11 37.80 9.87 12.41
CA GLU D 11 38.36 11.15 11.99
C GLU D 11 39.40 11.60 13.01
N HIS D 12 40.58 11.96 12.51
CA HIS D 12 41.61 12.53 13.33
C HIS D 12 41.59 14.04 13.16
N PHE D 13 41.19 14.72 14.22
CA PHE D 13 41.03 16.17 14.23
C PHE D 13 42.24 16.85 14.89
N PRO D 14 42.96 17.67 14.12
CA PRO D 14 44.06 18.49 14.67
C PRO D 14 43.53 19.57 15.60
N LEU D 15 44.18 19.75 16.75
CA LEU D 15 43.88 20.87 17.63
C LEU D 15 44.65 22.10 17.15
N THR D 16 44.07 23.28 17.34
CA THR D 16 44.70 24.52 16.90
C THR D 16 45.85 24.96 17.81
N GLU D 28 45.32 15.09 16.51
CA GLU D 28 45.39 15.36 17.94
C GLU D 28 44.25 14.70 18.75
N ILE D 29 43.00 14.82 18.28
CA ILE D 29 41.91 14.08 18.93
C ILE D 29 41.06 13.25 17.97
N ASP D 30 40.59 12.11 18.42
CA ASP D 30 39.81 11.20 17.58
C ASP D 30 38.30 11.24 17.83
N ASN D 31 37.52 11.21 16.76
CA ASN D 31 36.07 11.08 16.85
C ASN D 31 35.61 10.01 15.87
N LEU D 32 34.56 9.29 16.21
CA LEU D 32 33.98 8.39 15.21
C LEU D 32 32.75 9.04 14.60
N ILE D 33 32.73 9.13 13.28
CA ILE D 33 31.63 9.75 12.58
C ILE D 33 30.73 8.64 12.06
N VAL D 34 29.44 8.80 12.33
CA VAL D 34 28.43 7.82 11.95
C VAL D 34 27.51 8.48 10.96
N GLU D 35 27.21 7.77 9.87
CA GLU D 35 26.28 8.25 8.87
C GLU D 35 25.19 7.20 8.73
N ILE D 36 23.95 7.60 8.97
CA ILE D 36 22.81 6.70 8.78
C ILE D 36 21.98 7.18 7.60
N ARG D 37 21.79 6.30 6.62
CA ARG D 37 21.05 6.66 5.43
C ARG D 37 19.77 5.83 5.31
N THR D 38 18.68 6.53 5.01
CA THR D 38 17.39 5.89 4.86
C THR D 38 17.22 5.51 3.41
N ALA D 39 16.11 4.83 3.11
CA ALA D 39 15.90 4.28 1.77
C ALA D 39 15.57 5.38 0.75
N ASP D 40 14.97 6.47 1.21
CA ASP D 40 14.67 7.62 0.36
C ASP D 40 15.85 8.59 0.22
N GLY D 41 16.98 8.26 0.85
CA GLY D 41 18.21 9.03 0.66
C GLY D 41 18.58 10.08 1.70
N LEU D 42 17.75 10.28 2.72
CA LEU D 42 18.10 11.20 3.80
C LEU D 42 19.29 10.70 4.62
N LEU D 43 20.06 11.63 5.17
CA LEU D 43 21.26 11.33 5.94
C LEU D 43 21.15 11.89 7.36
N GLY D 44 21.17 11.01 8.36
CA GLY D 44 21.40 11.44 9.72
C GLY D 44 22.87 11.33 10.07
N LEU D 45 23.34 12.20 10.95
CA LEU D 45 24.74 12.25 11.32
C LEU D 45 24.92 12.07 12.82
N GLY D 46 26.01 11.42 13.21
CA GLY D 46 26.36 11.33 14.61
C GLY D 46 27.86 11.29 14.81
N ALA D 47 28.30 11.57 16.02
CA ALA D 47 29.72 11.49 16.33
C ALA D 47 29.93 10.95 17.75
N ALA D 48 31.01 10.20 17.94
CA ALA D 48 31.32 9.62 19.24
C ALA D 48 32.72 10.03 19.68
N SER D 49 32.82 10.36 20.96
CA SER D 49 34.10 10.72 21.57
C SER D 49 34.18 10.07 22.94
N PRO D 50 34.60 8.81 23.00
CA PRO D 50 34.51 8.05 24.26
C PRO D 50 35.54 8.52 25.29
N GLU D 51 35.14 8.57 26.55
CA GLU D 51 36.09 8.93 27.60
C GLU D 51 36.20 7.77 28.58
N ARG D 52 37.33 7.08 28.53
CA ARG D 52 37.47 5.79 29.20
C ARG D 52 37.61 5.93 30.72
N HIS D 53 38.10 7.07 31.17
CA HIS D 53 38.36 7.27 32.60
C HIS D 53 37.06 7.63 33.30
N VAL D 54 36.02 7.90 32.50
CA VAL D 54 34.73 8.29 33.00
C VAL D 54 33.73 7.14 32.89
N THR D 55 33.49 6.69 31.66
CA THR D 55 32.54 5.63 31.35
C THR D 55 33.14 4.23 31.20
N GLY D 56 34.46 4.12 31.25
CA GLY D 56 35.13 2.86 30.96
C GLY D 56 35.18 2.46 29.50
N GLU D 57 34.69 3.33 28.61
CA GLU D 57 34.65 3.00 27.18
C GLU D 57 35.90 3.52 26.47
N THR D 58 36.72 2.59 25.98
CA THR D 58 37.88 2.90 25.15
C THR D 58 37.48 3.19 23.71
N LEU D 59 38.31 3.91 22.98
CA LEU D 59 38.09 4.15 21.56
C LEU D 59 37.98 2.83 20.76
N GLU D 60 38.79 1.84 21.15
CA GLU D 60 38.73 0.53 20.51
C GLU D 60 37.35 -0.11 20.66
N ALA D 61 36.86 -0.16 21.90
CA ALA D 61 35.55 -0.72 22.16
C ALA D 61 34.46 0.04 21.42
N CYS D 62 34.61 1.35 21.35
CA CYS D 62 33.63 2.20 20.67
C CYS D 62 33.56 1.79 19.19
N HIS D 63 34.74 1.67 18.58
CA HIS D 63 34.81 1.26 17.19
C HIS D 63 34.20 -0.12 17.00
N ALA D 64 34.55 -1.06 17.86
CA ALA D 64 34.00 -2.41 17.77
C ALA D 64 32.49 -2.33 17.81
N ALA D 65 31.96 -1.48 18.68
CA ALA D 65 30.51 -1.37 18.87
C ALA D 65 29.87 -0.79 17.62
N LEU D 66 30.59 0.07 16.92
CA LEU D 66 30.05 0.70 15.72
C LEU D 66 30.39 -0.08 14.42
N ASP D 67 31.07 -1.21 14.57
CA ASP D 67 31.48 -2.02 13.43
C ASP D 67 30.26 -2.44 12.59
N HIS D 68 30.37 -2.33 11.27
CA HIS D 68 29.23 -2.60 10.39
C HIS D 68 28.63 -3.98 10.62
N ASP D 69 29.47 -4.93 11.00
CA ASP D 69 29.03 -6.29 11.21
C ASP D 69 28.10 -6.45 12.42
N ARG D 70 28.28 -5.60 13.43
CA ARG D 70 27.49 -5.69 14.65
CA ARG D 70 27.50 -5.69 14.65
C ARG D 70 26.26 -4.80 14.64
N LEU D 71 26.10 -4.01 13.59
CA LEU D 71 24.96 -3.12 13.48
C LEU D 71 23.80 -3.69 12.65
N GLY D 72 23.92 -4.95 12.24
CA GLY D 72 22.94 -5.55 11.36
C GLY D 72 21.50 -5.43 11.83
N TRP D 73 21.29 -5.47 13.14
CA TRP D 73 19.94 -5.45 13.67
C TRP D 73 19.21 -4.13 13.33
N LEU D 74 19.96 -3.08 12.99
CA LEU D 74 19.35 -1.79 12.71
C LEU D 74 18.88 -1.61 11.28
N MET D 75 19.36 -2.46 10.37
CA MET D 75 19.06 -2.29 8.96
C MET D 75 17.61 -2.67 8.67
N GLY D 76 16.93 -1.82 7.91
CA GLY D 76 15.54 -2.03 7.56
C GLY D 76 14.57 -1.60 8.66
N ARG D 77 15.08 -1.13 9.79
CA ARG D 77 14.23 -0.68 10.87
CA ARG D 77 14.23 -0.67 10.88
C ARG D 77 13.63 0.68 10.53
N ASP D 78 12.41 0.93 10.98
CA ASP D 78 11.71 2.18 10.67
C ASP D 78 12.04 3.27 11.71
N ILE D 79 12.51 4.43 11.24
CA ILE D 79 12.95 5.48 12.16
C ILE D 79 11.80 6.08 12.98
N ARG D 80 10.58 5.94 12.48
CA ARG D 80 9.40 6.46 13.19
C ARG D 80 9.16 5.75 14.52
N THR D 81 9.87 4.64 14.73
CA THR D 81 9.82 3.80 15.94
C THR D 81 10.90 4.20 16.96
N LEU D 82 11.50 5.36 16.72
CA LEU D 82 12.72 5.77 17.41
C LEU D 82 12.83 5.41 18.91
N PRO D 83 11.78 5.66 19.72
CA PRO D 83 11.98 5.36 21.14
C PRO D 83 12.25 3.88 21.40
N ARG D 84 11.71 3.01 20.55
CA ARG D 84 11.98 1.58 20.64
C ARG D 84 13.42 1.28 20.24
N LEU D 85 13.87 1.87 19.14
CA LEU D 85 15.27 1.72 18.72
C LEU D 85 16.25 2.18 19.84
N CYS D 86 15.93 3.27 20.52
CA CYS D 86 16.83 3.75 21.57
C CYS D 86 16.85 2.79 22.76
N ARG D 87 15.69 2.20 23.10
CA ARG D 87 15.69 1.18 24.15
CA ARG D 87 15.68 1.18 24.14
C ARG D 87 16.58 0.02 23.73
N GLU D 88 16.47 -0.40 22.47
CA GLU D 88 17.33 -1.47 21.99
C GLU D 88 18.83 -1.11 22.03
N LEU D 89 19.13 0.15 21.72
CA LEU D 89 20.50 0.67 21.81
C LEU D 89 21.03 0.55 23.22
N ALA D 90 20.19 0.89 24.20
CA ALA D 90 20.56 0.76 25.61
C ALA D 90 20.86 -0.69 25.97
N GLU D 91 20.08 -1.62 25.41
CA GLU D 91 20.24 -3.03 25.76
C GLU D 91 21.45 -3.64 25.07
N ARG D 92 21.63 -3.31 23.80
CA ARG D 92 22.69 -3.92 22.98
C ARG D 92 24.08 -3.29 23.16
N LEU D 93 24.12 -2.03 23.58
CA LEU D 93 25.42 -1.40 23.73
C LEU D 93 25.54 -0.78 25.11
N PRO D 94 25.39 -1.60 26.15
CA PRO D 94 25.29 -1.08 27.52
C PRO D 94 26.61 -0.50 28.04
N ALA D 95 27.73 -1.01 27.55
CA ALA D 95 29.06 -0.57 27.99
C ALA D 95 29.72 0.46 27.07
N ALA D 96 29.04 0.87 26.01
CA ALA D 96 29.61 1.79 25.02
C ALA D 96 28.74 3.03 24.83
N PRO D 97 28.68 3.94 25.83
CA PRO D 97 27.72 5.04 25.70
C PRO D 97 28.04 6.04 24.58
N ALA D 98 29.31 6.22 24.23
CA ALA D 98 29.62 7.16 23.15
C ALA D 98 29.14 6.65 21.79
N ALA D 99 29.32 5.36 21.55
CA ALA D 99 28.81 4.71 20.33
C ALA D 99 27.28 4.82 20.24
N ARG D 100 26.65 4.52 21.40
CA ARG D 100 25.21 4.54 21.55
C ARG D 100 24.68 5.94 21.24
N ALA D 101 25.37 6.95 21.76
CA ALA D 101 25.02 8.35 21.51
C ALA D 101 25.15 8.71 20.04
N ALA D 102 26.25 8.32 19.39
CA ALA D 102 26.38 8.63 17.96
C ALA D 102 25.19 8.07 17.17
N LEU D 103 24.85 6.81 17.44
CA LEU D 103 23.69 6.22 16.74
C LEU D 103 22.36 6.95 17.05
N ASP D 104 22.11 7.16 18.33
CA ASP D 104 20.94 7.86 18.85
C ASP D 104 20.75 9.24 18.19
N MET D 105 21.83 10.02 18.15
CA MET D 105 21.72 11.39 17.65
C MET D 105 21.52 11.34 16.14
N ALA D 106 22.14 10.38 15.47
CA ALA D 106 21.86 10.29 14.02
C ALA D 106 20.37 9.92 13.73
N LEU D 107 19.81 9.06 14.57
CA LEU D 107 18.39 8.72 14.44
C LEU D 107 17.49 9.93 14.68
N HIS D 108 17.77 10.67 15.75
CA HIS D 108 16.99 11.87 16.03
C HIS D 108 17.09 12.85 14.85
N ASP D 109 18.31 13.02 14.32
CA ASP D 109 18.51 13.88 13.14
C ASP D 109 17.50 13.42 12.09
N LEU D 110 17.44 12.11 11.88
CA LEU D 110 16.55 11.61 10.81
C LEU D 110 15.06 11.82 11.07
N VAL D 111 14.62 11.62 12.29
CA VAL D 111 13.19 11.75 12.57
C VAL D 111 12.76 13.23 12.50
N ALA D 112 13.65 14.12 12.92
CA ALA D 112 13.37 15.54 12.79
C ALA D 112 13.32 15.94 11.32
N GLN D 113 14.26 15.44 10.51
CA GLN D 113 14.19 15.75 9.09
C GLN D 113 12.90 15.19 8.47
N CYS D 114 12.49 14.01 8.93
CA CYS D 114 11.28 13.37 8.46
C CYS D 114 10.08 14.27 8.74
N LEU D 115 9.99 14.75 9.98
CA LEU D 115 8.93 15.69 10.34
C LEU D 115 9.14 17.05 9.66
N GLY D 116 10.36 17.32 9.23
CA GLY D 116 10.67 18.57 8.54
C GLY D 116 10.88 19.80 9.41
N LEU D 117 11.38 19.60 10.62
CA LEU D 117 11.65 20.72 11.52
C LEU D 117 13.02 20.57 12.18
N PRO D 118 13.56 21.67 12.71
CA PRO D 118 14.74 21.58 13.58
C PRO D 118 14.45 20.61 14.72
N LEU D 119 15.43 19.81 15.13
CA LEU D 119 15.20 18.83 16.18
C LEU D 119 14.60 19.46 17.45
N VAL D 120 15.12 20.61 17.87
CA VAL D 120 14.66 21.23 19.11
C VAL D 120 13.16 21.47 19.07
N GLU D 121 12.64 21.75 17.87
CA GLU D 121 11.22 22.04 17.72
C GLU D 121 10.36 20.80 17.95
N ILE D 122 10.83 19.65 17.50
CA ILE D 122 10.07 18.43 17.76
C ILE D 122 10.26 17.88 19.17
N LEU D 123 11.41 18.15 19.79
CA LEU D 123 11.61 17.75 21.20
C LEU D 123 10.78 18.67 22.13
N GLY D 124 10.46 19.82 21.57
CA GLY D 124 9.67 20.94 22.07
C GLY D 124 10.60 21.97 22.70
N ARG D 125 10.36 23.24 22.39
CA ARG D 125 11.40 24.23 22.64
C ARG D 125 11.13 24.85 23.99
N ALA D 126 12.11 24.75 24.89
CA ALA D 126 12.07 25.53 26.12
C ALA D 126 12.97 26.78 26.16
N HIS D 127 13.85 26.94 25.18
CA HIS D 127 14.81 28.03 25.20
C HIS D 127 15.20 28.45 23.80
N ASP D 128 15.40 29.75 23.59
CA ASP D 128 15.95 30.24 22.34
C ASP D 128 17.47 30.16 22.26
N SER D 129 18.15 30.57 23.34
CA SER D 129 19.60 30.52 23.39
C SER D 129 20.09 30.52 24.82
N LEU D 130 21.35 30.14 25.00
CA LEU D 130 21.98 30.17 26.31
C LEU D 130 23.47 30.46 26.15
N PRO D 131 24.07 31.14 27.13
CA PRO D 131 25.52 31.35 27.11
C PRO D 131 26.25 30.02 27.27
N THR D 132 27.43 29.88 26.69
CA THR D 132 28.24 28.70 26.94
C THR D 132 29.51 29.18 27.59
N SER D 133 30.10 28.35 28.44
CA SER D 133 31.40 28.68 28.99
C SER D 133 32.41 28.25 27.94
N VAL D 134 33.66 28.59 28.21
CA VAL D 134 34.81 28.06 27.51
C VAL D 134 35.81 27.76 28.60
N THR D 135 36.60 26.73 28.40
CA THR D 135 37.42 26.16 29.44
C THR D 135 38.84 26.72 29.51
N ILE D 136 39.27 27.10 30.70
CA ILE D 136 40.70 27.31 30.94
C ILE D 136 41.20 26.15 31.76
N GLY D 137 42.21 25.46 31.24
CA GLY D 137 42.76 24.29 31.90
C GLY D 137 43.68 24.68 33.04
N ILE D 138 44.35 23.69 33.62
CA ILE D 138 45.23 23.92 34.74
C ILE D 138 46.54 24.50 34.22
N LYS D 139 46.87 25.71 34.66
CA LYS D 139 48.14 26.33 34.31
C LYS D 139 48.42 27.52 35.22
N PRO D 140 49.61 28.14 35.08
CA PRO D 140 50.01 29.23 36.00
C PRO D 140 49.15 30.48 35.83
N VAL D 141 49.23 31.36 36.83
CA VAL D 141 48.41 32.57 36.85
C VAL D 141 48.43 33.37 35.55
N GLU D 142 49.62 33.68 35.03
CA GLU D 142 49.69 34.57 33.87
C GLU D 142 49.12 33.97 32.59
N GLU D 143 49.40 32.68 32.34
CA GLU D 143 48.74 31.97 31.24
C GLU D 143 47.21 32.00 31.41
N THR D 144 46.76 31.77 32.64
CA THR D 144 45.33 31.80 32.95
C THR D 144 44.71 33.13 32.55
N LEU D 145 45.34 34.22 32.96
CA LEU D 145 44.83 35.55 32.67
C LEU D 145 44.88 35.85 31.17
N ALA D 146 45.97 35.46 30.53
CA ALA D 146 46.10 35.67 29.09
C ALA D 146 44.93 35.00 28.36
N GLU D 147 44.73 33.71 28.62
CA GLU D 147 43.60 32.98 28.02
C GLU D 147 42.26 33.63 28.35
N ALA D 148 42.09 34.03 29.59
CA ALA D 148 40.86 34.71 29.97
C ALA D 148 40.63 35.92 29.04
N ARG D 149 41.65 36.74 28.86
CA ARG D 149 41.49 37.93 28.03
C ARG D 149 41.17 37.56 26.58
N GLU D 150 41.85 36.54 26.05
CA GLU D 150 41.49 36.03 24.73
C GLU D 150 40.00 35.68 24.64
N HIS D 151 39.50 34.91 25.61
CA HIS D 151 38.11 34.43 25.59
C HIS D 151 37.12 35.59 25.70
N LEU D 152 37.47 36.60 26.51
CA LEU D 152 36.61 37.77 26.61
C LEU D 152 36.57 38.45 25.27
N ALA D 153 37.71 38.48 24.59
CA ALA D 153 37.79 39.18 23.31
C ALA D 153 36.80 38.58 22.32
N LEU D 154 36.53 37.29 22.46
CA LEU D 154 35.67 36.56 21.53
C LEU D 154 34.20 36.65 21.88
N GLY D 155 33.88 37.38 22.94
CA GLY D 155 32.49 37.57 23.33
C GLY D 155 31.97 36.61 24.40
N PHE D 156 32.85 35.78 24.97
CA PHE D 156 32.45 34.87 26.05
C PHE D 156 32.22 35.61 27.38
N ARG D 157 31.05 35.38 27.97
CA ARG D 157 30.66 35.91 29.26
C ARG D 157 30.78 34.92 30.45
N VAL D 158 31.26 33.72 30.16
CA VAL D 158 31.39 32.68 31.17
C VAL D 158 32.65 31.87 30.98
N LEU D 159 33.44 31.74 32.03
CA LEU D 159 34.66 30.94 31.98
C LEU D 159 34.58 29.74 32.93
N LYS D 160 34.99 28.58 32.43
CA LYS D 160 35.12 27.38 33.26
C LYS D 160 36.59 27.09 33.55
N VAL D 161 36.96 27.19 34.82
CA VAL D 161 38.34 27.03 35.22
C VAL D 161 38.55 25.69 35.90
N LYS D 162 39.45 24.88 35.34
CA LYS D 162 39.87 23.64 35.99
C LYS D 162 40.76 23.94 37.19
N LEU D 163 40.52 23.22 38.28
CA LEU D 163 41.29 23.37 39.51
C LEU D 163 42.03 22.07 39.73
N CYS D 164 43.23 22.14 40.31
CA CYS D 164 44.00 20.93 40.55
C CYS D 164 43.94 20.40 41.97
N GLY D 165 43.33 21.12 42.89
CA GLY D 165 43.24 20.66 44.27
C GLY D 165 44.37 21.14 45.16
N ASP D 166 45.28 21.94 44.58
CA ASP D 166 46.30 22.63 45.36
C ASP D 166 45.68 23.96 45.68
N GLU D 167 45.35 24.15 46.95
CA GLU D 167 44.53 25.29 47.35
C GLU D 167 45.24 26.61 47.18
N GLU D 168 46.55 26.61 47.37
CA GLU D 168 47.30 27.85 47.25
C GLU D 168 47.23 28.34 45.80
N GLN D 169 47.63 27.45 44.89
CA GLN D 169 47.58 27.76 43.46
C GLN D 169 46.13 28.01 42.99
N ASP D 170 45.18 27.15 43.39
CA ASP D 170 43.78 27.29 42.95
C ASP D 170 43.24 28.65 43.37
N PHE D 171 43.34 28.94 44.67
CA PHE D 171 42.81 30.19 45.23
C PHE D 171 43.47 31.44 44.63
N GLU D 172 44.78 31.37 44.46
CA GLU D 172 45.46 32.50 43.83
C GLU D 172 44.93 32.72 42.40
N ARG D 173 44.86 31.66 41.61
CA ARG D 173 44.35 31.78 40.25
C ARG D 173 42.96 32.37 40.22
N LEU D 174 42.08 31.89 41.09
CA LEU D 174 40.71 32.41 41.13
C LEU D 174 40.62 33.88 41.56
N ARG D 175 41.42 34.30 42.54
CA ARG D 175 41.39 35.70 42.96
C ARG D 175 41.95 36.64 41.87
N ARG D 176 43.05 36.22 41.24
CA ARG D 176 43.65 37.01 40.18
C ARG D 176 42.71 37.10 38.96
N LEU D 177 42.06 35.98 38.66
CA LEU D 177 41.10 35.93 37.57
C LEU D 177 39.92 36.86 37.88
N HIS D 178 39.37 36.77 39.08
CA HIS D 178 38.29 37.66 39.49
C HIS D 178 38.70 39.13 39.32
N GLU D 179 39.92 39.47 39.76
CA GLU D 179 40.44 40.84 39.55
C GLU D 179 40.42 41.25 38.08
N THR D 180 41.08 40.44 37.27
CA THR D 180 41.23 40.71 35.84
C THR D 180 39.89 40.81 35.06
N LEU D 181 38.90 40.04 35.46
CA LEU D 181 37.61 40.06 34.76
C LEU D 181 36.84 41.32 35.06
N ALA D 182 36.94 41.78 36.30
CA ALA D 182 36.23 42.97 36.76
C ALA D 182 34.75 42.93 36.34
N GLY D 183 34.11 41.79 36.56
CA GLY D 183 32.69 41.65 36.30
C GLY D 183 32.25 41.45 34.85
N ARG D 184 33.20 41.32 33.94
CA ARG D 184 32.90 41.11 32.52
C ARG D 184 32.43 39.68 32.19
N ALA D 185 32.81 38.72 33.04
CA ALA D 185 32.38 37.33 32.88
C ALA D 185 32.24 36.66 34.25
N VAL D 186 31.26 35.77 34.38
CA VAL D 186 31.15 34.88 35.54
C VAL D 186 32.05 33.65 35.41
N VAL D 187 32.48 33.13 36.55
CA VAL D 187 33.36 31.96 36.59
C VAL D 187 32.65 30.78 37.25
N ARG D 188 32.93 29.60 36.71
CA ARG D 188 32.51 28.35 37.32
C ARG D 188 33.77 27.49 37.38
N VAL D 189 33.88 26.62 38.37
CA VAL D 189 35.11 25.84 38.53
C VAL D 189 34.87 24.34 38.57
N ASP D 190 35.91 23.63 38.14
CA ASP D 190 35.89 22.17 38.05
C ASP D 190 37.17 21.54 38.63
N PRO D 191 37.17 21.20 39.92
CA PRO D 191 38.29 20.51 40.55
C PRO D 191 38.44 19.05 40.08
N ASN D 192 37.41 18.52 39.44
CA ASN D 192 37.40 17.13 38.97
C ASN D 192 37.98 16.17 40.00
N GLN D 193 37.35 16.09 41.17
CA GLN D 193 37.57 15.02 42.14
C GLN D 193 38.77 15.23 43.04
N SER D 194 39.49 16.32 42.86
CA SER D 194 40.78 16.55 43.50
C SER D 194 40.73 17.16 44.90
N TYR D 195 39.55 17.55 45.37
CA TYR D 195 39.39 18.11 46.71
C TYR D 195 39.09 17.12 47.84
N ASP D 196 39.62 17.40 49.02
CA ASP D 196 39.13 16.74 50.22
C ASP D 196 38.08 17.60 50.90
N ARG D 197 37.52 17.11 51.99
CA ARG D 197 36.35 17.74 52.62
C ARG D 197 36.60 19.16 53.19
N ASP D 198 37.69 19.30 53.95
CA ASP D 198 38.01 20.60 54.56
C ASP D 198 38.39 21.57 53.47
N GLY D 199 39.13 21.04 52.50
CA GLY D 199 39.53 21.78 51.31
C GLY D 199 38.31 22.35 50.60
N LEU D 200 37.30 21.51 50.40
CA LEU D 200 36.05 21.96 49.79
C LEU D 200 35.37 23.04 50.62
N LEU D 201 35.30 22.90 51.93
CA LEU D 201 34.72 24.01 52.71
C LEU D 201 35.45 25.34 52.47
N ARG D 202 36.78 25.29 52.48
CA ARG D 202 37.54 26.52 52.18
C ARG D 202 37.28 27.09 50.75
N LEU D 203 37.31 26.20 49.75
CA LEU D 203 37.01 26.56 48.38
C LEU D 203 35.64 27.22 48.29
N ASP D 204 34.66 26.66 48.98
CA ASP D 204 33.30 27.20 48.90
C ASP D 204 33.23 28.58 49.53
N ARG D 205 33.94 28.79 50.64
CA ARG D 205 34.00 30.14 51.20
C ARG D 205 34.53 31.11 50.13
N LEU D 206 35.62 30.70 49.47
CA LEU D 206 36.16 31.54 48.42
C LEU D 206 35.14 31.78 47.29
N VAL D 207 34.40 30.74 46.92
CA VAL D 207 33.46 30.82 45.82
C VAL D 207 32.39 31.84 46.15
N GLN D 208 31.89 31.81 47.38
CA GLN D 208 30.88 32.77 47.77
C GLN D 208 31.48 34.17 47.69
N GLU D 209 32.66 34.33 48.25
CA GLU D 209 33.30 35.64 48.25
C GLU D 209 33.46 36.23 46.84
N LEU D 210 33.87 35.39 45.90
CA LEU D 210 34.21 35.82 44.54
C LEU D 210 33.03 35.83 43.59
N GLY D 211 31.88 35.36 44.03
CA GLY D 211 30.71 35.28 43.16
C GLY D 211 30.78 34.18 42.11
N ILE D 212 31.62 33.18 42.34
CA ILE D 212 31.68 32.02 41.44
C ILE D 212 30.34 31.26 41.42
N GLU D 213 29.92 30.81 40.24
CA GLU D 213 28.58 30.23 40.04
C GLU D 213 28.35 28.91 40.77
N PHE D 214 29.33 28.03 40.69
CA PHE D 214 29.22 26.71 41.32
C PHE D 214 30.51 25.92 41.15
N ILE D 215 30.58 24.81 41.87
CA ILE D 215 31.74 23.96 41.91
C ILE D 215 31.32 22.61 41.35
N GLU D 216 31.99 22.16 40.30
CA GLU D 216 31.60 20.90 39.69
C GLU D 216 32.44 19.76 40.22
N GLN D 217 31.78 18.73 40.73
CA GLN D 217 32.45 17.47 41.11
C GLN D 217 33.73 17.69 41.91
N PRO D 218 33.63 18.26 43.12
CA PRO D 218 34.83 18.47 43.94
C PRO D 218 35.46 17.17 44.48
N PHE D 219 34.63 16.15 44.68
CA PHE D 219 35.03 14.92 45.37
C PHE D 219 35.03 13.73 44.40
N PRO D 220 35.79 12.67 44.74
CA PRO D 220 35.82 11.46 43.91
C PRO D 220 34.41 10.96 43.58
N ALA D 221 34.24 10.42 42.37
CA ALA D 221 32.93 10.00 41.86
C ALA D 221 32.17 9.09 42.81
N GLY D 222 32.88 8.20 43.49
CA GLY D 222 32.26 7.24 44.39
C GLY D 222 32.08 7.75 45.81
N ARG D 223 32.33 9.03 45.99
CA ARG D 223 32.25 9.73 47.29
C ARG D 223 30.95 10.47 47.63
N THR D 224 29.87 10.19 46.91
CA THR D 224 28.65 10.98 47.07
C THR D 224 28.23 11.16 48.53
N ASP D 225 28.62 10.22 49.39
CA ASP D 225 28.37 10.39 50.83
C ASP D 225 29.05 11.64 51.38
N TRP D 226 30.24 11.95 50.90
CA TRP D 226 30.89 13.22 51.27
C TRP D 226 30.00 14.40 50.87
N LEU D 227 29.36 14.28 49.72
CA LEU D 227 28.44 15.32 49.26
C LEU D 227 27.27 15.48 50.20
N ARG D 228 26.66 14.35 50.57
CA ARG D 228 25.44 14.41 51.37
C ARG D 228 25.70 14.92 52.78
N ALA D 229 26.95 14.83 53.23
CA ALA D 229 27.27 15.30 54.58
C ALA D 229 27.45 16.81 54.66
N LEU D 230 27.41 17.49 53.50
CA LEU D 230 27.57 18.94 53.46
C LEU D 230 26.24 19.63 53.76
N PRO D 231 26.31 20.86 54.28
CA PRO D 231 25.07 21.63 54.44
C PRO D 231 24.33 21.77 53.10
N LYS D 232 23.00 21.80 53.14
CA LYS D 232 22.18 21.94 51.95
C LYS D 232 22.54 23.13 51.03
N ALA D 233 22.86 24.26 51.63
CA ALA D 233 23.11 25.44 50.80
C ALA D 233 24.36 25.21 49.96
N ILE D 234 25.34 24.52 50.53
CA ILE D 234 26.55 24.27 49.78
C ILE D 234 26.32 23.23 48.68
N ARG D 235 25.55 22.20 49.00
CA ARG D 235 25.20 21.18 48.00
C ARG D 235 24.46 21.81 46.82
N ARG D 236 23.65 22.83 47.09
CA ARG D 236 22.89 23.46 46.01
C ARG D 236 23.78 24.01 44.90
N ARG D 237 24.93 24.55 45.28
CA ARG D 237 25.94 25.09 44.34
C ARG D 237 27.00 24.08 43.86
N ILE D 238 26.79 22.80 44.14
CA ILE D 238 27.64 21.74 43.57
C ILE D 238 26.99 21.04 42.37
N ALA D 239 27.77 20.82 41.31
CA ALA D 239 27.31 20.06 40.16
C ALA D 239 27.90 18.65 40.16
N ALA D 240 27.10 17.66 39.79
CA ALA D 240 27.60 16.30 39.62
C ALA D 240 27.98 16.09 38.16
N ASP D 241 29.21 15.63 37.94
CA ASP D 241 29.64 15.28 36.58
C ASP D 241 30.08 13.81 36.52
N GLU D 242 31.27 13.51 37.05
CA GLU D 242 31.79 12.15 36.93
C GLU D 242 30.92 11.14 37.72
N SER D 243 30.18 11.65 38.70
CA SER D 243 29.26 10.84 39.49
C SER D 243 27.94 10.57 38.78
N LEU D 244 27.67 11.31 37.69
CA LEU D 244 26.42 11.16 36.98
C LEU D 244 26.62 10.63 35.56
N LEU D 245 26.24 9.38 35.32
CA LEU D 245 26.36 8.87 33.97
C LEU D 245 25.00 8.82 33.29
N GLY D 246 24.16 7.90 33.76
CA GLY D 246 22.81 7.75 33.25
C GLY D 246 21.70 8.13 34.22
N PRO D 247 20.47 7.74 33.85
CA PRO D 247 19.26 7.93 34.65
C PRO D 247 19.38 7.29 36.04
N ALA D 248 19.96 6.10 36.14
CA ALA D 248 20.05 5.42 37.44
C ALA D 248 20.83 6.30 38.46
N ASP D 249 21.98 6.81 38.02
CA ASP D 249 22.78 7.76 38.81
C ASP D 249 21.94 9.00 39.13
N ALA D 250 21.19 9.51 38.14
CA ALA D 250 20.44 10.74 38.37
C ALA D 250 19.47 10.53 39.51
N PHE D 251 18.80 9.39 39.49
CA PHE D 251 17.78 9.10 40.48
C PHE D 251 18.43 8.97 41.83
N ALA D 252 19.56 8.25 41.91
CA ALA D 252 20.22 8.07 43.21
C ALA D 252 20.72 9.41 43.77
N LEU D 253 21.16 10.31 42.90
CA LEU D 253 21.65 11.61 43.36
C LEU D 253 20.51 12.56 43.70
N ALA D 254 19.37 12.41 43.05
CA ALA D 254 18.22 13.28 43.29
C ALA D 254 17.39 12.86 44.49
N ALA D 255 17.51 11.59 44.88
CA ALA D 255 16.69 11.05 45.95
C ALA D 255 17.06 11.71 47.26
N PRO D 256 16.04 12.10 48.04
CA PRO D 256 16.27 12.80 49.30
C PRO D 256 17.06 12.00 50.32
N PRO D 257 18.02 12.63 51.00
CA PRO D 257 18.47 14.01 50.72
C PRO D 257 19.29 14.11 49.43
N ALA D 258 18.96 15.05 48.57
CA ALA D 258 19.61 15.10 47.26
C ALA D 258 21.08 15.43 47.44
N ALA D 259 21.93 14.82 46.63
CA ALA D 259 23.37 15.01 46.72
C ALA D 259 23.85 16.41 46.26
N CYS D 260 23.21 16.98 45.26
CA CYS D 260 23.66 18.28 44.77
C CYS D 260 22.54 18.98 43.99
N GLY D 261 22.81 20.21 43.54
CA GLY D 261 21.79 21.06 42.93
C GLY D 261 21.83 21.08 41.41
N ILE D 262 22.91 20.57 40.82
CA ILE D 262 23.12 20.66 39.39
C ILE D 262 23.56 19.30 38.85
N PHE D 263 22.98 18.90 37.72
CA PHE D 263 23.39 17.67 37.01
C PHE D 263 24.10 18.05 35.72
N ASN D 264 25.27 17.48 35.47
CA ASN D 264 25.95 17.75 34.22
C ASN D 264 25.70 16.56 33.28
N ILE D 265 24.88 16.77 32.26
CA ILE D 265 24.63 15.74 31.28
C ILE D 265 25.63 15.87 30.17
N LYS D 266 26.31 14.76 29.87
CA LYS D 266 27.07 14.68 28.61
C LYS D 266 26.59 13.48 27.80
N LEU D 267 26.39 13.68 26.51
CA LEU D 267 25.87 12.62 25.64
C LEU D 267 26.81 11.41 25.67
N MET D 268 28.12 11.66 25.67
CA MET D 268 29.10 10.57 25.71
C MET D 268 29.16 9.84 27.06
N LYS D 269 28.62 10.45 28.11
CA LYS D 269 28.35 9.72 29.37
C LYS D 269 27.04 8.93 29.40
N CYS D 270 25.94 9.58 29.02
CA CYS D 270 24.61 8.99 29.18
C CYS D 270 24.18 8.05 28.04
N GLY D 271 24.73 8.27 26.85
CA GLY D 271 24.49 7.40 25.70
C GLY D 271 23.50 7.91 24.69
N GLY D 272 23.12 9.19 24.78
CA GLY D 272 22.32 9.77 23.72
C GLY D 272 21.28 10.75 24.23
N LEU D 273 20.42 11.22 23.34
CA LEU D 273 19.33 12.12 23.70
C LEU D 273 18.20 11.48 24.48
N ALA D 274 17.92 10.20 24.24
CA ALA D 274 16.83 9.54 24.98
C ALA D 274 17.13 9.43 26.48
N PRO D 275 18.27 8.82 26.81
CA PRO D 275 18.62 8.72 28.22
C PRO D 275 18.82 10.12 28.83
N ALA D 276 19.25 11.08 28.03
CA ALA D 276 19.34 12.47 28.52
C ALA D 276 17.97 13.01 28.91
N ARG D 277 16.95 12.74 28.07
CA ARG D 277 15.56 13.07 28.40
CA ARG D 277 15.57 13.09 28.40
C ARG D 277 15.15 12.46 29.73
N ARG D 278 15.52 11.19 29.94
CA ARG D 278 15.17 10.56 31.24
C ARG D 278 15.86 11.26 32.46
N ILE D 279 17.14 11.61 32.28
CA ILE D 279 17.82 12.40 33.31
C ILE D 279 17.08 13.74 33.55
N ALA D 280 16.64 14.37 32.46
CA ALA D 280 16.01 15.68 32.57
C ALA D 280 14.71 15.57 33.34
N THR D 281 13.93 14.54 33.03
CA THR D 281 12.70 14.24 33.76
C THR D 281 12.96 14.10 35.28
N ILE D 282 13.92 13.26 35.60
CA ILE D 282 14.23 13.08 37.02
C ILE D 282 14.64 14.42 37.67
N ALA D 283 15.51 15.16 37.00
CA ALA D 283 16.02 16.43 37.51
C ALA D 283 14.94 17.49 37.73
N GLU D 284 14.05 17.63 36.77
CA GLU D 284 12.96 18.59 36.86
C GLU D 284 12.06 18.19 38.00
N THR D 285 11.69 16.92 38.08
CA THR D 285 10.83 16.55 39.21
C THR D 285 11.48 16.89 40.56
N ALA D 286 12.79 16.66 40.65
CA ALA D 286 13.53 16.85 41.89
C ALA D 286 13.98 18.30 42.14
N GLY D 287 13.64 19.19 41.23
CA GLY D 287 14.04 20.58 41.37
C GLY D 287 15.54 20.78 41.17
N ILE D 288 16.16 19.94 40.35
CA ILE D 288 17.59 20.04 40.09
C ILE D 288 17.87 20.67 38.73
N ASP D 289 18.81 21.61 38.68
CA ASP D 289 19.15 22.29 37.43
C ASP D 289 20.00 21.45 36.51
N LEU D 290 19.87 21.66 35.20
CA LEU D 290 20.70 20.94 34.25
C LEU D 290 21.81 21.81 33.67
N MET D 291 22.96 21.17 33.53
CA MET D 291 24.11 21.71 32.82
C MET D 291 24.34 20.70 31.71
N TRP D 292 24.76 21.18 30.54
CA TRP D 292 25.11 20.30 29.44
C TRP D 292 26.57 20.47 29.07
N GLY D 293 27.36 19.42 29.26
CA GLY D 293 28.77 19.48 28.92
C GLY D 293 29.13 18.67 27.70
N CYS D 294 30.43 18.51 27.44
CA CYS D 294 30.84 17.71 26.31
C CYS D 294 32.26 17.19 26.52
N MET D 295 32.69 16.38 25.56
CA MET D 295 34.06 15.91 25.41
C MET D 295 34.65 16.68 24.22
N ASP D 296 35.87 16.35 23.80
CA ASP D 296 36.37 16.99 22.59
C ASP D 296 35.62 16.39 21.41
N GLU D 297 34.89 17.23 20.69
CA GLU D 297 33.84 16.74 19.81
C GLU D 297 33.66 17.57 18.54
N SER D 298 33.34 16.89 17.46
CA SER D 298 32.91 17.55 16.24
C SER D 298 31.61 18.31 16.51
N ARG D 299 31.33 19.33 15.70
CA ARG D 299 30.10 20.11 15.86
C ARG D 299 28.85 19.27 15.72
N ILE D 300 28.95 18.11 15.09
CA ILE D 300 27.79 17.22 14.98
C ILE D 300 27.16 16.96 16.36
N SER D 301 27.98 16.47 17.28
CA SER D 301 27.48 16.07 18.59
C SER D 301 27.27 17.27 19.50
N ILE D 302 28.05 18.33 19.31
CA ILE D 302 27.75 19.58 20.00
C ILE D 302 26.33 20.04 19.65
N ALA D 303 26.03 20.05 18.37
CA ALA D 303 24.71 20.43 17.86
C ALA D 303 23.62 19.55 18.46
N ALA D 304 23.90 18.24 18.49
CA ALA D 304 22.93 17.33 19.13
C ALA D 304 22.62 17.70 20.59
N ALA D 305 23.70 17.93 21.35
CA ALA D 305 23.57 18.31 22.76
C ALA D 305 22.75 19.57 22.86
N LEU D 306 23.05 20.57 22.01
CA LEU D 306 22.37 21.87 22.07
C LEU D 306 20.87 21.76 21.76
N HIS D 307 20.50 21.00 20.73
CA HIS D 307 19.07 20.77 20.46
C HIS D 307 18.39 20.18 21.70
N ALA D 308 19.02 19.14 22.26
CA ALA D 308 18.46 18.56 23.48
C ALA D 308 18.32 19.58 24.63
N ALA D 309 19.36 20.36 24.88
CA ALA D 309 19.39 21.33 25.98
C ALA D 309 18.35 22.41 25.79
N LEU D 310 18.21 22.90 24.56
CA LEU D 310 17.26 23.95 24.27
C LEU D 310 15.86 23.40 24.40
N ALA D 311 15.72 22.08 24.31
CA ALA D 311 14.41 21.49 24.59
C ALA D 311 14.04 21.17 26.06
N CYS D 312 14.94 21.43 27.02
CA CYS D 312 14.63 21.12 28.42
C CYS D 312 14.42 22.36 29.29
N PRO D 313 13.25 22.44 29.94
CA PRO D 313 12.99 23.55 30.88
C PRO D 313 14.06 23.64 31.97
N ALA D 314 14.48 22.51 32.54
CA ALA D 314 15.47 22.53 33.62
C ALA D 314 16.82 23.06 33.17
N THR D 315 17.00 23.21 31.87
CA THR D 315 18.31 23.62 31.37
C THR D 315 18.65 25.01 31.91
N ARG D 316 19.88 25.13 32.39
CA ARG D 316 20.40 26.29 33.10
C ARG D 316 21.72 26.75 32.49
N TYR D 317 22.68 25.83 32.44
CA TYR D 317 24.01 26.14 31.93
C TYR D 317 24.47 25.28 30.75
N LEU D 318 25.50 25.74 30.06
CA LEU D 318 26.12 24.97 29.00
C LEU D 318 27.64 25.06 29.09
N ASP D 319 28.35 23.93 29.15
CA ASP D 319 29.74 23.99 28.71
C ASP D 319 29.74 23.22 27.39
N LEU D 320 29.51 23.98 26.32
CA LEU D 320 29.40 23.51 24.93
C LEU D 320 30.57 23.71 23.98
N ASP D 321 31.74 23.99 24.54
CA ASP D 321 32.92 24.43 23.80
C ASP D 321 33.78 23.33 23.15
N GLY D 322 33.35 22.08 23.22
CA GLY D 322 34.15 20.99 22.68
C GLY D 322 34.57 21.03 21.20
N SER D 323 33.87 21.80 20.36
CA SER D 323 34.32 21.86 18.96
C SER D 323 35.23 23.04 18.66
N PHE D 324 35.37 23.95 19.60
CA PHE D 324 36.00 25.24 19.32
C PHE D 324 37.45 25.14 18.86
N ASP D 325 38.23 24.28 19.51
CA ASP D 325 39.66 24.19 19.27
C ASP D 325 40.06 23.21 18.18
N LEU D 326 39.07 22.64 17.51
CA LEU D 326 39.33 21.79 16.35
C LEU D 326 39.80 22.62 15.15
N ALA D 327 40.96 22.25 14.61
CA ALA D 327 41.50 22.92 13.42
C ALA D 327 40.56 22.74 12.23
N ARG D 328 39.89 21.59 12.20
CA ARG D 328 38.99 21.26 11.11
C ARG D 328 37.86 20.37 11.62
N ASP D 329 36.70 20.45 10.99
CA ASP D 329 35.58 19.61 11.34
C ASP D 329 35.04 19.01 10.05
N VAL D 330 34.16 18.03 10.17
CA VAL D 330 33.61 17.38 9.01
C VAL D 330 32.27 17.98 8.59
N ALA D 331 31.82 19.00 9.32
CA ALA D 331 30.53 19.64 9.02
C ALA D 331 30.51 21.10 9.42
N GLU D 332 29.57 21.85 8.85
CA GLU D 332 29.34 23.22 9.27
C GLU D 332 27.92 23.36 9.79
N GLY D 333 27.57 24.55 10.27
CA GLY D 333 26.23 24.79 10.77
C GLY D 333 25.92 24.01 12.04
N GLY D 334 24.62 23.82 12.26
CA GLY D 334 24.03 23.00 13.31
C GLY D 334 23.86 23.78 14.60
N PHE D 335 24.73 24.76 14.82
CA PHE D 335 24.55 25.74 15.87
C PHE D 335 25.23 27.03 15.43
N ILE D 336 24.87 28.12 16.10
CA ILE D 336 25.46 29.42 15.87
C ILE D 336 25.89 29.98 17.22
N LEU D 337 27.14 30.44 17.26
CA LEU D 337 27.70 31.17 18.39
C LEU D 337 27.59 32.68 18.15
N GLU D 338 26.86 33.38 19.01
CA GLU D 338 26.81 34.83 18.92
C GLU D 338 26.94 35.48 20.29
N ASP D 339 27.97 36.28 20.47
CA ASP D 339 28.24 36.95 21.74
C ASP D 339 28.23 35.98 22.92
N GLY D 340 28.98 34.88 22.77
CA GLY D 340 29.10 33.89 23.81
C GLY D 340 27.90 32.96 23.96
N ARG D 341 26.84 33.22 23.22
CA ARG D 341 25.58 32.47 23.32
C ARG D 341 25.42 31.49 22.16
N LEU D 342 24.82 30.33 22.45
CA LEU D 342 24.61 29.31 21.43
C LEU D 342 23.13 29.18 21.08
N ARG D 343 22.81 29.04 19.80
CA ARG D 343 21.44 28.82 19.38
C ARG D 343 21.46 27.86 18.19
N VAL D 344 20.34 27.26 17.82
CA VAL D 344 20.35 26.42 16.62
C VAL D 344 19.91 27.21 15.37
N THR D 345 19.98 26.58 14.20
CA THR D 345 19.51 27.25 12.99
C THR D 345 18.05 26.89 12.75
N GLU D 346 17.52 27.36 11.63
CA GLU D 346 16.14 27.04 11.26
C GLU D 346 16.05 25.85 10.30
N ARG D 347 17.19 25.27 9.97
CA ARG D 347 17.20 24.07 9.11
C ARG D 347 16.65 22.86 9.88
N PRO D 348 15.98 21.94 9.16
CA PRO D 348 15.41 20.74 9.78
C PRO D 348 16.49 19.77 10.28
N GLY D 349 16.13 18.90 11.22
CA GLY D 349 17.08 17.96 11.78
C GLY D 349 18.08 18.64 12.70
N LEU D 350 19.33 18.19 12.69
CA LEU D 350 20.36 18.85 13.47
C LEU D 350 20.77 20.18 12.83
N GLY D 351 20.37 20.38 11.58
CA GLY D 351 20.73 21.59 10.87
C GLY D 351 22.19 21.68 10.45
N LEU D 352 22.83 20.52 10.26
CA LEU D 352 24.22 20.45 9.81
C LEU D 352 24.39 20.65 8.29
N VAL D 353 25.54 21.18 7.90
CA VAL D 353 25.89 21.35 6.49
C VAL D 353 27.00 20.39 6.14
N TYR D 354 26.68 19.40 5.31
CA TYR D 354 27.57 18.28 5.05
C TYR D 354 27.76 18.16 3.55
N PRO D 355 28.97 17.84 3.11
CA PRO D 355 29.22 17.76 1.67
C PRO D 355 29.28 16.33 1.14
N MET E 1 1.81 20.91 10.57
CA MET E 1 0.42 20.46 10.71
C MET E 1 -0.28 21.31 11.76
N LYS E 2 -1.03 22.30 11.29
CA LYS E 2 -1.63 23.29 12.16
C LYS E 2 -3.01 22.89 12.65
N ILE E 3 -3.32 23.21 13.90
CA ILE E 3 -4.65 22.91 14.45
C ILE E 3 -5.61 23.98 13.94
N ALA E 4 -6.60 23.58 13.14
CA ALA E 4 -7.63 24.54 12.70
C ALA E 4 -8.90 24.65 13.54
N ASP E 5 -9.21 23.64 14.34
CA ASP E 5 -10.43 23.75 15.15
C ASP E 5 -10.44 22.84 16.38
N ILE E 6 -11.15 23.25 17.42
CA ILE E 6 -11.39 22.37 18.57
C ILE E 6 -12.84 22.45 19.04
N GLN E 7 -13.54 21.32 19.00
CA GLN E 7 -14.90 21.27 19.47
C GLN E 7 -15.03 20.37 20.71
N VAL E 8 -15.93 20.74 21.61
CA VAL E 8 -16.12 20.02 22.86
C VAL E 8 -17.59 19.82 23.17
N ARG E 9 -18.00 18.58 23.45
CA ARG E 9 -19.39 18.36 23.81
C ARG E 9 -19.55 17.42 24.98
N THR E 10 -20.71 17.50 25.62
CA THR E 10 -21.02 16.55 26.68
C THR E 10 -21.76 15.37 26.11
N GLU E 11 -21.38 14.16 26.54
CA GLU E 11 -22.14 12.96 26.18
C GLU E 11 -22.61 12.27 27.44
N HIS E 12 -23.88 11.87 27.42
CA HIS E 12 -24.45 11.07 28.50
C HIS E 12 -24.60 9.64 28.02
N PHE E 13 -23.79 8.75 28.55
CA PHE E 13 -23.81 7.34 28.17
C PHE E 13 -24.61 6.56 29.18
N PRO E 14 -25.77 6.03 28.76
CA PRO E 14 -26.53 5.19 29.68
C PRO E 14 -25.76 3.90 29.97
N LEU E 15 -25.89 3.40 31.19
CA LEU E 15 -25.21 2.17 31.57
C LEU E 15 -25.98 0.94 31.13
N THR E 16 -25.56 -0.23 31.61
CA THR E 16 -26.31 -1.46 31.39
C THR E 16 -26.51 -2.20 32.71
N GLU E 27 -26.97 5.09 36.70
CA GLU E 27 -27.78 4.87 35.50
C GLU E 27 -27.17 5.52 34.24
N GLU E 28 -26.33 6.52 34.46
CA GLU E 28 -25.77 7.28 33.35
C GLU E 28 -24.38 7.84 33.67
N ILE E 29 -23.51 7.87 32.67
CA ILE E 29 -22.12 8.31 32.81
C ILE E 29 -21.87 9.52 31.92
N ASP E 30 -21.28 10.58 32.44
CA ASP E 30 -20.99 11.74 31.60
C ASP E 30 -19.51 11.80 31.19
N ASN E 31 -19.27 11.93 29.89
CA ASN E 31 -17.92 12.19 29.41
C ASN E 31 -17.93 13.51 28.67
N LEU E 32 -16.76 14.14 28.59
CA LEU E 32 -16.59 15.26 27.68
C LEU E 32 -15.82 14.75 26.47
N ILE E 33 -16.41 14.90 25.28
CA ILE E 33 -15.76 14.48 24.04
C ILE E 33 -15.11 15.66 23.34
N VAL E 34 -13.90 15.43 22.84
CA VAL E 34 -13.05 16.46 22.29
C VAL E 34 -12.57 16.10 20.88
N GLU E 35 -12.85 17.00 19.94
CA GLU E 35 -12.45 16.83 18.54
C GLU E 35 -11.49 17.93 18.12
N ILE E 36 -10.31 17.56 17.66
CA ILE E 36 -9.34 18.54 17.20
C ILE E 36 -9.09 18.29 15.73
N ARG E 37 -9.40 19.29 14.91
CA ARG E 37 -9.18 19.17 13.48
C ARG E 37 -7.99 20.00 13.03
N THR E 38 -7.12 19.37 12.25
CA THR E 38 -6.02 20.04 11.59
C THR E 38 -6.50 20.78 10.34
N ALA E 39 -5.75 21.79 9.90
CA ALA E 39 -6.09 22.51 8.68
C ALA E 39 -6.30 21.56 7.50
N ASP E 40 -5.57 20.45 7.47
CA ASP E 40 -5.66 19.52 6.35
C ASP E 40 -6.82 18.53 6.48
N GLY E 41 -7.59 18.66 7.55
CA GLY E 41 -8.78 17.86 7.74
C GLY E 41 -8.69 16.60 8.58
N LEU E 42 -7.52 16.27 9.10
CA LEU E 42 -7.38 15.10 9.98
C LEU E 42 -8.09 15.37 11.29
N LEU E 43 -8.69 14.34 11.86
CA LEU E 43 -9.40 14.46 13.13
C LEU E 43 -8.71 13.69 14.26
N GLY E 44 -8.30 14.40 15.31
CA GLY E 44 -7.93 13.76 16.56
C GLY E 44 -9.07 13.70 17.55
N LEU E 45 -9.07 12.66 18.38
CA LEU E 45 -10.13 12.46 19.36
C LEU E 45 -9.60 12.36 20.79
N GLY E 46 -10.41 12.81 21.74
CA GLY E 46 -10.06 12.72 23.15
C GLY E 46 -11.34 12.67 23.97
N ALA E 47 -11.23 12.14 25.17
CA ALA E 47 -12.37 12.12 26.08
C ALA E 47 -11.92 12.34 27.51
N ALA E 48 -12.77 12.98 28.30
CA ALA E 48 -12.42 13.32 29.66
C ALA E 48 -13.49 12.81 30.60
N SER E 49 -13.05 12.19 31.69
CA SER E 49 -13.95 11.66 32.69
C SER E 49 -13.42 12.02 34.07
N PRO E 50 -13.75 13.23 34.55
CA PRO E 50 -13.11 13.77 35.76
C PRO E 50 -13.54 13.03 37.02
N GLU E 51 -12.64 12.91 38.00
CA GLU E 51 -13.02 12.27 39.26
C GLU E 51 -12.68 13.17 40.44
N ARG E 52 -13.71 13.73 41.06
CA ARG E 52 -13.53 14.85 41.97
C ARG E 52 -13.00 14.44 43.33
N HIS E 53 -13.41 13.27 43.80
CA HIS E 53 -12.93 12.77 45.08
C HIS E 53 -11.45 12.38 44.99
N VAL E 54 -10.95 12.34 43.76
CA VAL E 54 -9.57 11.93 43.52
C VAL E 54 -8.65 13.11 43.16
N THR E 55 -8.97 13.79 42.06
CA THR E 55 -8.21 14.94 41.60
C THR E 55 -8.76 16.30 42.03
N GLY E 56 -9.92 16.31 42.68
CA GLY E 56 -10.61 17.56 42.98
C GLY E 56 -11.34 18.18 41.79
N GLU E 57 -11.19 17.58 40.61
CA GLU E 57 -11.76 18.16 39.40
C GLU E 57 -13.20 17.71 39.13
N THR E 58 -14.13 18.68 39.14
CA THR E 58 -15.55 18.47 38.83
C THR E 58 -15.82 18.46 37.32
N LEU E 59 -16.93 17.82 36.92
CA LEU E 59 -17.35 17.91 35.52
C LEU E 59 -17.56 19.37 35.08
N GLU E 60 -17.98 20.22 36.00
CA GLU E 60 -18.22 21.62 35.68
C GLU E 60 -16.90 22.33 35.40
N ALA E 61 -15.93 22.12 36.27
CA ALA E 61 -14.63 22.75 36.12
C ALA E 61 -13.92 22.21 34.90
N CYS E 62 -14.18 20.94 34.60
CA CYS E 62 -13.57 20.27 33.46
C CYS E 62 -14.10 20.89 32.17
N HIS E 63 -15.42 21.02 32.12
CA HIS E 63 -16.10 21.68 31.01
C HIS E 63 -15.57 23.09 30.84
N ALA E 64 -15.52 23.85 31.93
CA ALA E 64 -15.00 25.22 31.91
C ALA E 64 -13.59 25.26 31.33
N ALA E 65 -12.71 24.38 31.82
CA ALA E 65 -11.34 24.33 31.31
C ALA E 65 -11.32 24.06 29.82
N LEU E 66 -12.32 23.32 29.33
CA LEU E 66 -12.39 23.04 27.89
C LEU E 66 -13.16 24.09 27.06
N ASP E 67 -13.63 25.16 27.70
CA ASP E 67 -14.37 26.20 26.98
C ASP E 67 -13.64 26.72 25.75
N HIS E 68 -14.34 26.76 24.62
CA HIS E 68 -13.73 27.15 23.35
C HIS E 68 -12.92 28.44 23.44
N ASP E 69 -13.49 29.46 24.08
CA ASP E 69 -12.81 30.75 24.18
C ASP E 69 -11.49 30.64 24.94
N ARG E 70 -11.43 29.75 25.91
CA ARG E 70 -10.23 29.57 26.70
C ARG E 70 -9.15 28.82 25.92
N LEU E 71 -9.53 28.21 24.80
CA LEU E 71 -8.60 27.39 24.03
C LEU E 71 -7.89 28.12 22.89
N GLY E 72 -8.13 29.42 22.77
CA GLY E 72 -7.56 30.21 21.70
C GLY E 72 -6.06 30.04 21.52
N TRP E 73 -5.35 29.81 22.62
CA TRP E 73 -3.89 29.71 22.58
C TRP E 73 -3.39 28.47 21.84
N LEU E 74 -4.26 27.47 21.68
CA LEU E 74 -3.91 26.26 20.96
C LEU E 74 -4.18 26.37 19.47
N MET E 75 -4.96 27.38 19.08
CA MET E 75 -5.39 27.51 17.69
C MET E 75 -4.21 27.83 16.78
N GLY E 76 -4.14 27.12 15.66
CA GLY E 76 -3.09 27.36 14.70
C GLY E 76 -1.69 26.96 15.15
N ARG E 77 -1.60 26.32 16.31
N ARG E 77 -1.58 26.33 16.32
CA ARG E 77 -0.33 25.77 16.78
CA ARG E 77 -0.28 25.84 16.73
C ARG E 77 0.04 24.55 15.93
C ARG E 77 0.03 24.53 15.98
N ASP E 78 1.32 24.20 15.89
CA ASP E 78 1.79 23.09 15.08
C ASP E 78 1.90 21.80 15.91
N ILE E 79 1.23 20.73 15.48
CA ILE E 79 1.23 19.51 16.29
C ILE E 79 2.58 18.79 16.35
N ARG E 80 3.47 19.08 15.38
CA ARG E 80 4.80 18.49 15.39
C ARG E 80 5.62 19.00 16.57
N THR E 81 5.08 20.01 17.26
CA THR E 81 5.65 20.59 18.50
C THR E 81 5.08 19.96 19.77
N LEU E 82 4.37 18.83 19.60
CA LEU E 82 3.55 18.25 20.66
C LEU E 82 4.12 18.33 22.09
N PRO E 83 5.39 17.95 22.30
CA PRO E 83 5.87 17.99 23.69
C PRO E 83 5.76 19.39 24.31
N ARG E 84 6.00 20.42 23.52
CA ARG E 84 5.86 21.80 24.00
C ARG E 84 4.40 22.12 24.31
N LEU E 85 3.52 21.68 23.42
CA LEU E 85 2.10 21.85 23.64
C LEU E 85 1.67 21.22 24.96
N CYS E 86 2.17 20.01 25.22
CA CYS E 86 1.79 19.29 26.44
C CYS E 86 2.29 20.02 27.68
N ARG E 87 3.53 20.51 27.62
CA ARG E 87 4.05 21.34 28.70
CA ARG E 87 4.04 21.36 28.70
C ARG E 87 3.13 22.56 28.91
N GLU E 88 2.67 23.17 27.82
CA GLU E 88 1.74 24.29 27.97
C GLU E 88 0.38 23.85 28.51
N LEU E 89 -0.04 22.63 28.19
CA LEU E 89 -1.25 22.10 28.81
C LEU E 89 -1.10 22.06 30.32
N ALA E 90 0.03 21.54 30.79
CA ALA E 90 0.26 21.43 32.22
C ALA E 90 0.18 22.81 32.90
N GLU E 91 0.74 23.83 32.25
CA GLU E 91 0.68 25.18 32.79
C GLU E 91 -0.73 25.77 32.75
N ARG E 92 -1.43 25.60 31.63
CA ARG E 92 -2.70 26.29 31.42
C ARG E 92 -3.95 25.68 32.06
N LEU E 93 -3.88 24.38 32.35
CA LEU E 93 -4.99 23.69 33.00
C LEU E 93 -4.42 22.88 34.17
N PRO E 94 -3.81 23.56 35.14
CA PRO E 94 -3.12 22.84 36.22
C PRO E 94 -4.08 22.10 37.17
N ALA E 95 -5.30 22.59 37.31
CA ALA E 95 -6.27 21.94 38.19
C ALA E 95 -7.27 20.99 37.50
N ALA E 96 -7.14 20.79 36.18
CA ALA E 96 -8.08 19.92 35.46
C ALA E 96 -7.40 18.82 34.63
N PRO E 97 -6.88 17.78 35.29
CA PRO E 97 -6.15 16.69 34.62
C PRO E 97 -6.99 15.94 33.58
N ALA E 98 -8.26 15.69 33.83
CA ALA E 98 -9.06 14.97 32.83
C ALA E 98 -9.23 15.78 31.51
N ALA E 99 -9.48 17.07 31.62
CA ALA E 99 -9.58 17.95 30.44
C ALA E 99 -8.26 17.93 29.66
N ARG E 100 -7.20 18.19 30.41
CA ARG E 100 -5.83 18.15 29.91
C ARG E 100 -5.57 16.85 29.16
N ALA E 101 -6.11 15.76 29.70
CA ALA E 101 -5.87 14.43 29.13
C ALA E 101 -6.62 14.27 27.82
N ALA E 102 -7.85 14.79 27.77
CA ALA E 102 -8.62 14.71 26.50
C ALA E 102 -7.86 15.42 25.39
N LEU E 103 -7.36 16.62 25.72
CA LEU E 103 -6.58 17.37 24.72
C LEU E 103 -5.28 16.65 24.31
N ASP E 104 -4.52 16.22 25.33
CA ASP E 104 -3.25 15.53 25.15
C ASP E 104 -3.44 14.31 24.24
N MET E 105 -4.45 13.51 24.55
CA MET E 105 -4.66 12.30 23.76
C MET E 105 -5.12 12.61 22.34
N ALA E 106 -5.97 13.63 22.16
CA ALA E 106 -6.35 13.98 20.78
C ALA E 106 -5.13 14.47 19.96
N LEU E 107 -4.24 15.20 20.62
CA LEU E 107 -2.99 15.64 19.95
C LEU E 107 -2.11 14.44 19.59
N HIS E 108 -1.96 13.48 20.51
CA HIS E 108 -1.15 12.30 20.20
C HIS E 108 -1.73 11.53 19.02
N ASP E 109 -3.05 11.41 19.01
CA ASP E 109 -3.78 10.80 17.91
C ASP E 109 -3.33 11.50 16.62
N LEU E 110 -3.40 12.84 16.62
CA LEU E 110 -3.00 13.60 15.43
C LEU E 110 -1.55 13.37 14.99
N VAL E 111 -0.62 13.48 15.92
CA VAL E 111 0.79 13.29 15.60
C VAL E 111 1.01 11.90 14.99
N ALA E 112 0.39 10.88 15.59
CA ALA E 112 0.54 9.53 15.07
C ALA E 112 -0.05 9.37 13.66
N GLN E 113 -1.20 10.02 13.39
CA GLN E 113 -1.75 9.97 12.04
C GLN E 113 -0.80 10.67 11.05
N CYS E 114 -0.32 11.83 11.45
CA CYS E 114 0.66 12.56 10.67
C CYS E 114 1.79 11.62 10.26
N LEU E 115 2.37 10.90 11.22
CA LEU E 115 3.44 9.98 10.87
C LEU E 115 2.96 8.73 10.13
N GLY E 116 1.66 8.47 10.16
CA GLY E 116 1.10 7.32 9.48
C GLY E 116 1.25 5.97 10.18
N LEU E 117 1.25 5.96 11.52
CA LEU E 117 1.32 4.68 12.23
C LEU E 117 0.40 4.64 13.44
N PRO E 118 0.10 3.44 13.94
CA PRO E 118 -0.58 3.32 15.23
C PRO E 118 0.22 4.06 16.30
N LEU E 119 -0.44 4.75 17.21
CA LEU E 119 0.26 5.55 18.24
C LEU E 119 1.32 4.74 19.01
N VAL E 120 0.97 3.52 19.38
CA VAL E 120 1.91 2.67 20.13
C VAL E 120 3.23 2.50 19.39
N GLU E 121 3.18 2.40 18.07
CA GLU E 121 4.40 2.22 17.28
C GLU E 121 5.32 3.41 17.39
N ILE E 122 4.78 4.64 17.37
CA ILE E 122 5.64 5.81 17.47
C ILE E 122 6.05 6.12 18.93
N LEU E 123 5.29 5.63 19.91
CA LEU E 123 5.70 5.76 21.33
C LEU E 123 6.81 4.74 21.61
N GLY E 124 6.79 3.72 20.77
CA GLY E 124 7.69 2.59 20.65
C GLY E 124 7.04 1.43 21.37
N ARG E 125 7.06 0.25 20.78
CA ARG E 125 6.18 -0.80 21.26
C ARG E 125 6.97 -1.68 22.20
N ALA E 126 6.54 -1.80 23.45
CA ALA E 126 7.07 -2.83 24.35
C ALA E 126 6.25 -4.13 24.48
N HIS E 127 5.00 -4.12 24.03
CA HIS E 127 4.10 -5.24 24.29
C HIS E 127 3.08 -5.38 23.17
N ASP E 128 2.74 -6.62 22.83
CA ASP E 128 1.68 -6.89 21.86
C ASP E 128 0.27 -6.81 22.41
N SER E 129 0.03 -7.44 23.55
CA SER E 129 -1.28 -7.44 24.18
C SER E 129 -1.09 -7.70 25.66
N LEU E 130 -2.10 -7.39 26.46
CA LEU E 130 -2.08 -7.73 27.88
C LEU E 130 -3.49 -8.08 28.32
N PRO E 131 -3.61 -9.00 29.29
CA PRO E 131 -4.94 -9.30 29.81
C PRO E 131 -5.44 -8.13 30.64
N THR E 132 -6.73 -7.82 30.55
CA THR E 132 -7.32 -6.81 31.40
C THR E 132 -8.23 -7.48 32.43
N SER E 133 -8.27 -6.90 33.63
CA SER E 133 -9.27 -7.23 34.63
C SER E 133 -10.63 -6.64 34.25
N VAL E 134 -11.67 -7.20 34.84
CA VAL E 134 -12.97 -6.54 34.90
C VAL E 134 -13.31 -6.45 36.37
N THR E 135 -14.02 -5.41 36.75
CA THR E 135 -14.20 -5.12 38.17
C THR E 135 -15.48 -5.70 38.74
N ILE E 136 -15.39 -6.21 39.95
CA ILE E 136 -16.58 -6.63 40.68
C ILE E 136 -16.74 -5.74 41.89
N GLY E 137 -17.80 -4.95 41.91
CA GLY E 137 -18.02 -4.00 42.99
C GLY E 137 -18.34 -4.68 44.31
N ILE E 138 -18.63 -3.86 45.32
CA ILE E 138 -18.93 -4.37 46.64
C ILE E 138 -20.38 -4.85 46.66
N LYS E 139 -20.55 -6.13 46.98
CA LYS E 139 -21.87 -6.71 47.10
C LYS E 139 -21.71 -8.04 47.81
N PRO E 140 -22.83 -8.72 48.12
CA PRO E 140 -22.80 -9.97 48.87
C PRO E 140 -22.16 -11.13 48.10
N VAL E 141 -21.83 -12.19 48.82
CA VAL E 141 -21.16 -13.34 48.24
C VAL E 141 -21.83 -13.84 46.96
N GLU E 142 -23.13 -14.13 47.01
CA GLU E 142 -23.80 -14.74 45.86
C GLU E 142 -23.79 -13.87 44.59
N GLU E 143 -24.03 -12.57 44.74
CA GLU E 143 -23.97 -11.68 43.58
C GLU E 143 -22.53 -11.65 43.04
N THR E 144 -21.57 -11.67 43.95
CA THR E 144 -20.16 -11.69 43.58
C THR E 144 -19.84 -12.90 42.72
N LEU E 145 -20.22 -14.09 43.19
CA LEU E 145 -19.93 -15.30 42.43
C LEU E 145 -20.68 -15.32 41.10
N ALA E 146 -21.94 -14.87 41.08
CA ALA E 146 -22.66 -14.82 39.81
C ALA E 146 -21.93 -13.93 38.80
N GLU E 147 -21.50 -12.75 39.25
CA GLU E 147 -20.72 -11.87 38.39
C GLU E 147 -19.43 -12.54 37.90
N ALA E 148 -18.69 -13.14 38.82
CA ALA E 148 -17.48 -13.85 38.47
C ALA E 148 -17.74 -14.84 37.33
N ARG E 149 -18.79 -15.65 37.49
CA ARG E 149 -19.09 -16.67 36.48
C ARG E 149 -19.41 -16.01 35.14
N GLU E 150 -20.22 -14.97 35.17
CA GLU E 150 -20.51 -14.22 33.95
C GLU E 150 -19.25 -13.72 33.26
N HIS E 151 -18.28 -13.23 34.04
CA HIS E 151 -17.05 -12.68 33.45
C HIS E 151 -16.18 -13.78 32.84
N LEU E 152 -16.04 -14.89 33.56
CA LEU E 152 -15.33 -16.04 32.98
C LEU E 152 -15.97 -16.44 31.65
N ALA E 153 -17.31 -16.51 31.63
CA ALA E 153 -18.00 -16.91 30.40
C ALA E 153 -17.63 -16.00 29.24
N LEU E 154 -17.31 -14.75 29.54
CA LEU E 154 -16.95 -13.78 28.50
C LEU E 154 -15.45 -13.83 28.16
N GLY E 155 -14.72 -14.75 28.79
CA GLY E 155 -13.34 -14.97 28.44
C GLY E 155 -12.32 -14.22 29.27
N PHE E 156 -12.77 -13.51 30.31
CA PHE E 156 -11.85 -12.77 31.14
C PHE E 156 -11.10 -13.70 32.09
N ARG E 157 -9.78 -13.54 32.14
CA ARG E 157 -8.91 -14.29 33.05
C ARG E 157 -8.48 -13.55 34.33
N VAL E 158 -8.91 -12.30 34.49
CA VAL E 158 -8.52 -11.53 35.66
C VAL E 158 -9.69 -10.74 36.25
N LEU E 159 -9.90 -10.91 37.55
CA LEU E 159 -10.94 -10.16 38.24
C LEU E 159 -10.35 -9.22 39.29
N LYS E 160 -10.85 -7.98 39.28
CA LYS E 160 -10.49 -6.99 40.29
C LYS E 160 -11.70 -6.85 41.19
N VAL E 161 -11.50 -7.07 42.49
CA VAL E 161 -12.60 -7.08 43.44
C VAL E 161 -12.48 -5.92 44.41
N LYS E 162 -13.53 -5.11 44.46
CA LYS E 162 -13.57 -4.01 45.43
C LYS E 162 -13.88 -4.54 46.82
N LEU E 163 -13.12 -4.07 47.81
CA LEU E 163 -13.30 -4.45 49.20
C LEU E 163 -13.76 -3.24 50.02
N CYS E 164 -14.56 -3.46 51.06
CA CYS E 164 -15.08 -2.36 51.89
C CYS E 164 -14.36 -2.11 53.22
N GLY E 165 -13.41 -2.95 53.56
CA GLY E 165 -12.75 -2.77 54.84
C GLY E 165 -13.41 -3.46 56.01
N ASP E 166 -14.56 -4.09 55.80
CA ASP E 166 -15.15 -4.89 56.86
C ASP E 166 -14.59 -6.29 56.58
N GLU E 167 -13.67 -6.71 57.44
CA GLU E 167 -12.82 -7.87 57.16
C GLU E 167 -13.57 -9.19 57.05
N GLU E 168 -14.64 -9.34 57.82
CA GLU E 168 -15.40 -10.59 57.83
C GLU E 168 -16.02 -10.81 56.46
N GLN E 169 -16.71 -9.79 55.96
CA GLN E 169 -17.34 -9.85 54.65
C GLN E 169 -16.30 -9.92 53.54
N ASP E 170 -15.29 -9.04 53.60
CA ASP E 170 -14.23 -9.03 52.60
C ASP E 170 -13.61 -10.42 52.45
N PHE E 171 -13.14 -10.97 53.57
CA PHE E 171 -12.47 -12.26 53.61
C PHE E 171 -13.39 -13.40 53.18
N GLU E 172 -14.63 -13.40 53.64
CA GLU E 172 -15.54 -14.45 53.20
C GLU E 172 -15.74 -14.41 51.69
N ARG E 173 -15.95 -13.21 51.15
CA ARG E 173 -16.11 -13.05 49.70
C ARG E 173 -14.88 -13.53 48.94
N LEU E 174 -13.70 -13.20 49.43
CA LEU E 174 -12.47 -13.67 48.79
C LEU E 174 -12.29 -15.20 48.84
N ARG E 175 -12.61 -15.82 49.98
CA ARG E 175 -12.48 -17.28 50.07
C ARG E 175 -13.46 -17.97 49.15
N ARG E 176 -14.71 -17.51 49.18
CA ARG E 176 -15.74 -18.12 48.34
C ARG E 176 -15.40 -17.93 46.85
N LEU E 177 -15.00 -16.72 46.49
CA LEU E 177 -14.61 -16.44 45.12
C LEU E 177 -13.45 -17.33 44.70
N HIS E 178 -12.44 -17.44 45.58
CA HIS E 178 -11.30 -18.30 45.30
C HIS E 178 -11.76 -19.75 45.03
N GLU E 179 -12.65 -20.25 45.87
CA GLU E 179 -13.18 -21.59 45.70
C GLU E 179 -13.89 -21.76 44.36
N THR E 180 -14.79 -20.84 44.02
CA THR E 180 -15.53 -20.94 42.77
C THR E 180 -14.62 -20.86 41.55
N LEU E 181 -13.61 -20.01 41.62
CA LEU E 181 -12.74 -19.79 40.47
C LEU E 181 -11.95 -21.04 40.13
N ALA E 182 -11.51 -21.77 41.16
CA ALA E 182 -10.79 -23.03 40.96
C ALA E 182 -9.69 -22.88 39.91
N GLY E 183 -8.91 -21.81 40.05
CA GLY E 183 -7.76 -21.58 39.20
C GLY E 183 -8.06 -21.02 37.83
N ARG E 184 -9.33 -20.74 37.54
CA ARG E 184 -9.72 -20.27 36.20
C ARG E 184 -9.33 -18.82 35.91
N ALA E 185 -9.20 -18.02 36.96
CA ALA E 185 -8.76 -16.63 36.81
C ALA E 185 -7.98 -16.19 38.05
N VAL E 186 -7.21 -15.13 37.90
CA VAL E 186 -6.51 -14.55 39.03
C VAL E 186 -7.27 -13.33 39.52
N VAL E 187 -7.20 -13.10 40.83
CA VAL E 187 -7.88 -12.00 41.48
C VAL E 187 -6.86 -10.98 42.00
N ARG E 188 -7.22 -9.70 41.87
CA ARG E 188 -6.51 -8.58 42.49
C ARG E 188 -7.55 -7.78 43.27
N VAL E 189 -7.18 -7.18 44.40
CA VAL E 189 -8.19 -6.53 45.25
C VAL E 189 -7.94 -5.03 45.39
N ASP E 190 -9.03 -4.28 45.64
CA ASP E 190 -8.97 -2.83 45.75
C ASP E 190 -9.86 -2.31 46.91
N PRO E 191 -9.33 -2.25 48.13
CA PRO E 191 -10.02 -1.70 49.31
C PRO E 191 -10.24 -0.19 49.25
N ASN E 192 -9.55 0.50 48.34
CA ASN E 192 -9.64 1.96 48.24
C ASN E 192 -9.66 2.69 49.59
N GLN E 193 -8.55 2.62 50.32
CA GLN E 193 -8.33 3.48 51.49
C GLN E 193 -9.06 3.01 52.76
N SER E 194 -9.83 1.92 52.65
CA SER E 194 -10.72 1.53 53.75
C SER E 194 -10.09 0.69 54.86
N TYR E 195 -8.80 0.35 54.75
CA TYR E 195 -8.19 -0.54 55.74
C TYR E 195 -7.35 0.18 56.78
N ASP E 196 -7.35 -0.31 58.01
CA ASP E 196 -6.39 0.17 59.01
C ASP E 196 -5.15 -0.73 59.01
N ARG E 197 -4.15 -0.41 59.84
CA ARG E 197 -2.87 -1.12 59.76
C ARG E 197 -2.91 -2.65 60.07
N ASP E 198 -3.50 -3.02 61.21
CA ASP E 198 -3.61 -4.43 61.60
C ASP E 198 -4.47 -5.17 60.59
N GLY E 199 -5.54 -4.50 60.19
CA GLY E 199 -6.44 -5.05 59.20
C GLY E 199 -5.64 -5.38 57.96
N LEU E 200 -4.79 -4.46 57.53
CA LEU E 200 -4.00 -4.68 56.32
C LEU E 200 -3.11 -5.90 56.48
N LEU E 201 -2.47 -6.04 57.65
CA LEU E 201 -1.67 -7.26 57.85
C LEU E 201 -2.52 -8.54 57.67
N ARG E 202 -3.72 -8.55 58.27
CA ARG E 202 -4.56 -9.75 58.10
C ARG E 202 -4.90 -10.00 56.61
N LEU E 203 -5.33 -8.94 55.94
CA LEU E 203 -5.65 -9.05 54.51
C LEU E 203 -4.47 -9.60 53.74
N ASP E 204 -3.27 -9.18 54.11
CA ASP E 204 -2.11 -9.61 53.35
C ASP E 204 -1.77 -11.08 53.60
N ARG E 205 -2.02 -11.57 54.81
CA ARG E 205 -1.87 -13.01 55.01
C ARG E 205 -2.89 -13.78 54.14
N LEU E 206 -4.14 -13.32 54.15
CA LEU E 206 -5.16 -13.98 53.34
C LEU E 206 -4.77 -13.94 51.85
N VAL E 207 -4.21 -12.81 51.43
CA VAL E 207 -3.82 -12.60 50.05
C VAL E 207 -2.68 -13.57 49.66
N GLN E 208 -1.71 -13.77 50.55
CA GLN E 208 -0.67 -14.76 50.30
C GLN E 208 -1.29 -16.16 50.17
N GLU E 209 -2.20 -16.49 51.08
CA GLU E 209 -2.79 -17.83 51.08
C GLU E 209 -3.59 -18.14 49.81
N LEU E 210 -4.27 -17.13 49.27
CA LEU E 210 -5.15 -17.33 48.14
C LEU E 210 -4.49 -17.08 46.77
N GLY E 211 -3.21 -16.72 46.78
CA GLY E 211 -2.51 -16.37 45.55
C GLY E 211 -3.11 -15.16 44.83
N ILE E 212 -3.63 -14.21 45.59
CA ILE E 212 -4.13 -12.94 45.05
C ILE E 212 -2.94 -12.09 44.54
N GLU E 213 -3.11 -11.35 43.44
CA GLU E 213 -1.95 -10.71 42.83
C GLU E 213 -1.33 -9.63 43.71
N PHE E 214 -2.16 -8.68 44.14
CA PHE E 214 -1.68 -7.58 44.96
C PHE E 214 -2.85 -6.83 45.56
N ILE E 215 -2.54 -5.85 46.40
CA ILE E 215 -3.58 -5.07 47.09
C ILE E 215 -3.38 -3.63 46.69
N GLU E 216 -4.41 -3.02 46.11
CA GLU E 216 -4.29 -1.64 45.64
C GLU E 216 -4.82 -0.67 46.71
N GLN E 217 -3.99 0.29 47.07
CA GLN E 217 -4.37 1.41 47.93
C GLN E 217 -5.20 0.99 49.16
N PRO E 218 -4.61 0.18 50.06
CA PRO E 218 -5.37 -0.20 51.25
C PRO E 218 -5.60 0.97 52.20
N PHE E 219 -4.72 1.97 52.17
CA PHE E 219 -4.69 3.01 53.21
C PHE E 219 -5.12 4.37 52.62
N PRO E 220 -5.57 5.28 53.48
CA PRO E 220 -5.89 6.64 53.02
C PRO E 220 -4.76 7.24 52.19
N ALA E 221 -5.11 8.00 51.16
CA ALA E 221 -4.15 8.58 50.24
C ALA E 221 -3.04 9.37 50.92
N GLY E 222 -3.34 10.02 52.05
CA GLY E 222 -2.34 10.84 52.72
C GLY E 222 -1.53 10.08 53.76
N ARG E 223 -1.76 8.78 53.81
CA ARG E 223 -1.19 7.85 54.79
C ARG E 223 0.10 7.09 54.38
N THR E 224 0.76 7.54 53.34
CA THR E 224 1.97 6.90 52.79
C THR E 224 2.99 6.48 53.85
N ASP E 225 3.11 7.26 54.93
CA ASP E 225 3.95 6.78 56.05
C ASP E 225 3.51 5.39 56.54
N TRP E 226 2.21 5.15 56.60
CA TRP E 226 1.70 3.83 56.97
C TRP E 226 2.25 2.75 56.02
N LEU E 227 2.40 3.08 54.73
CA LEU E 227 2.94 2.11 53.78
C LEU E 227 4.41 1.87 54.08
N ARG E 228 5.15 2.97 54.21
CA ARG E 228 6.58 2.86 54.45
C ARG E 228 6.92 2.09 55.72
N ALA E 229 6.00 2.03 56.68
CA ALA E 229 6.29 1.31 57.93
C ALA E 229 6.11 -0.20 57.82
N LEU E 230 5.55 -0.67 56.70
CA LEU E 230 5.38 -2.10 56.44
C LEU E 230 6.69 -2.72 55.97
N PRO E 231 6.89 -4.00 56.29
CA PRO E 231 8.04 -4.75 55.75
C PRO E 231 8.08 -4.62 54.21
N LYS E 232 9.27 -4.64 53.61
CA LYS E 232 9.38 -4.41 52.17
CA LYS E 232 9.41 -4.44 52.17
C LYS E 232 8.64 -5.47 51.34
N ALA E 233 8.66 -6.71 51.80
CA ALA E 233 8.02 -7.80 51.06
C ALA E 233 6.53 -7.57 50.86
N ILE E 234 5.89 -6.96 51.87
CA ILE E 234 4.48 -6.62 51.78
C ILE E 234 4.28 -5.41 50.86
N ARG E 235 5.15 -4.42 51.01
CA ARG E 235 5.10 -3.24 50.13
C ARG E 235 5.18 -3.61 48.65
N ARG E 236 5.94 -4.65 48.36
CA ARG E 236 6.18 -5.05 46.97
C ARG E 236 4.86 -5.46 46.29
N ARG E 237 3.92 -5.96 47.10
CA ARG E 237 2.61 -6.45 46.69
C ARG E 237 1.51 -5.39 46.75
N ILE E 238 1.86 -4.14 46.96
CA ILE E 238 0.87 -3.10 47.08
C ILE E 238 0.92 -2.11 45.92
N ALA E 239 -0.24 -1.71 45.43
CA ALA E 239 -0.28 -0.73 44.36
C ALA E 239 -0.71 0.63 44.90
N ALA E 240 -0.04 1.68 44.42
CA ALA E 240 -0.44 3.06 44.70
C ALA E 240 -1.48 3.52 43.66
N ASP E 241 -2.65 3.96 44.11
CA ASP E 241 -3.62 4.52 43.17
C ASP E 241 -4.02 5.95 43.52
N GLU E 242 -4.88 6.10 44.52
CA GLU E 242 -5.33 7.45 44.88
C GLU E 242 -4.17 8.26 45.44
N SER E 243 -3.13 7.57 45.91
CA SER E 243 -1.91 8.22 46.37
C SER E 243 -1.09 8.72 45.19
N LEU E 244 -1.40 8.27 43.97
CA LEU E 244 -0.58 8.66 42.82
C LEU E 244 -1.35 9.41 41.74
N LEU E 245 -1.06 10.69 41.59
CA LEU E 245 -1.68 11.47 40.54
C LEU E 245 -0.68 11.68 39.41
N GLY E 246 0.33 12.51 39.65
CA GLY E 246 1.36 12.82 38.67
C GLY E 246 2.77 12.33 38.95
N PRO E 247 3.73 12.83 38.16
CA PRO E 247 5.16 12.51 38.29
C PRO E 247 5.72 12.92 39.65
N ALA E 248 5.24 14.01 40.25
CA ALA E 248 5.74 14.37 41.57
C ALA E 248 5.39 13.27 42.60
N ASP E 249 4.14 12.80 42.58
CA ASP E 249 3.73 11.69 43.44
C ASP E 249 4.60 10.46 43.15
N ALA E 250 4.84 10.19 41.88
CA ALA E 250 5.61 9.02 41.50
C ALA E 250 7.01 9.07 42.10
N PHE E 251 7.64 10.24 41.98
CA PHE E 251 8.98 10.40 42.49
C PHE E 251 8.97 10.24 44.00
N ALA E 252 8.00 10.86 44.66
CA ALA E 252 7.90 10.76 46.13
C ALA E 252 7.71 9.34 46.62
N LEU E 253 6.90 8.56 45.91
CA LEU E 253 6.61 7.19 46.33
C LEU E 253 7.77 6.27 46.00
N ALA E 254 8.50 6.60 44.94
CA ALA E 254 9.61 5.77 44.48
C ALA E 254 10.88 5.98 45.27
N ALA E 255 11.01 7.16 45.88
CA ALA E 255 12.24 7.49 46.61
C ALA E 255 12.46 6.54 47.79
N PRO E 256 13.70 6.08 47.97
CA PRO E 256 14.02 5.15 49.06
C PRO E 256 13.75 5.76 50.43
N PRO E 257 13.14 4.99 51.34
CA PRO E 257 12.56 3.68 51.02
C PRO E 257 11.27 3.77 50.19
N ALA E 258 11.19 2.98 49.13
CA ALA E 258 10.03 3.01 48.25
C ALA E 258 8.76 2.61 48.98
N ALA E 259 7.68 3.35 48.75
CA ALA E 259 6.43 3.09 49.43
C ALA E 259 5.73 1.81 48.98
N CYS E 260 5.87 1.43 47.71
CA CYS E 260 5.16 0.25 47.19
C CYS E 260 5.77 -0.23 45.88
N GLY E 261 5.21 -1.33 45.36
CA GLY E 261 5.85 -2.03 44.26
C GLY E 261 5.21 -1.76 42.92
N ILE E 262 4.02 -1.14 42.95
CA ILE E 262 3.21 -0.99 41.75
C ILE E 262 2.57 0.38 41.70
N PHE E 263 2.65 1.02 40.52
CA PHE E 263 2.03 2.32 40.31
C PHE E 263 0.79 2.21 39.42
N ASN E 264 -0.36 2.72 39.89
CA ASN E 264 -1.52 2.73 39.04
C ASN E 264 -1.62 4.06 38.29
N ILE E 265 -1.41 4.02 36.98
CA ILE E 265 -1.55 5.21 36.15
C ILE E 265 -2.95 5.28 35.53
N LYS E 266 -3.63 6.40 35.74
CA LYS E 266 -4.85 6.70 35.01
C LYS E 266 -4.68 8.08 34.35
N LEU E 267 -5.06 8.19 33.10
CA LEU E 267 -4.87 9.40 32.34
C LEU E 267 -5.69 10.54 32.95
N MET E 268 -6.83 10.20 33.55
CA MET E 268 -7.69 11.20 34.17
C MET E 268 -7.13 11.76 35.48
N LYS E 269 -6.24 11.00 36.13
CA LYS E 269 -5.46 11.50 37.26
C LYS E 269 -4.24 12.34 36.88
N CYS E 270 -3.44 11.83 35.94
CA CYS E 270 -2.15 12.48 35.65
C CYS E 270 -2.22 13.57 34.59
N GLY E 271 -3.31 13.61 33.82
CA GLY E 271 -3.45 14.60 32.76
C GLY E 271 -2.93 14.25 31.37
N GLY E 272 -2.91 12.96 31.03
CA GLY E 272 -2.52 12.53 29.69
C GLY E 272 -1.21 11.79 29.47
N LEU E 273 -0.92 11.52 28.20
CA LEU E 273 0.18 10.62 27.82
C LEU E 273 1.58 11.13 28.18
N ALA E 274 1.78 12.44 28.09
CA ALA E 274 3.08 13.03 28.46
C ALA E 274 3.45 12.85 29.94
N PRO E 275 2.56 13.31 30.84
CA PRO E 275 2.91 13.09 32.25
C PRO E 275 2.93 11.58 32.56
N ALA E 276 2.16 10.79 31.80
CA ALA E 276 2.21 9.34 32.00
C ALA E 276 3.61 8.79 31.67
N ARG E 277 4.20 9.25 30.57
CA ARG E 277 5.56 8.85 30.21
CA ARG E 277 5.55 8.83 30.22
C ARG E 277 6.52 9.24 31.33
N ARG E 278 6.30 10.42 31.91
CA ARG E 278 7.17 10.83 33.03
C ARG E 278 7.09 9.85 34.24
N ILE E 279 5.86 9.51 34.62
CA ILE E 279 5.67 8.50 35.66
C ILE E 279 6.36 7.18 35.29
N ALA E 280 6.19 6.74 34.05
CA ALA E 280 6.80 5.49 33.62
C ALA E 280 8.32 5.52 33.74
N THR E 281 8.92 6.63 33.37
CA THR E 281 10.37 6.80 33.49
C THR E 281 10.83 6.65 34.94
N ILE E 282 10.13 7.35 35.83
CA ILE E 282 10.48 7.23 37.23
C ILE E 282 10.33 5.77 37.71
N ALA E 283 9.23 5.14 37.33
CA ALA E 283 8.92 3.77 37.76
C ALA E 283 9.95 2.76 37.29
N GLU E 284 10.32 2.87 36.03
CA GLU E 284 11.30 1.96 35.44
C GLU E 284 12.62 2.15 36.14
N THR E 285 13.07 3.40 36.28
CA THR E 285 14.33 3.62 37.00
C THR E 285 14.29 3.02 38.41
N ALA E 286 13.17 3.19 39.11
CA ALA E 286 13.07 2.66 40.48
C ALA E 286 12.69 1.18 40.54
N GLY E 287 12.43 0.55 39.39
CA GLY E 287 12.11 -0.86 39.35
C GLY E 287 10.72 -1.13 39.88
N ILE E 288 9.79 -0.21 39.60
CA ILE E 288 8.41 -0.33 40.04
C ILE E 288 7.54 -0.70 38.83
N ASP E 289 6.61 -1.64 39.03
CA ASP E 289 5.76 -2.11 37.93
C ASP E 289 4.64 -1.14 37.65
N LEU E 290 4.16 -1.12 36.41
CA LEU E 290 3.06 -0.24 36.09
C LEU E 290 1.74 -0.98 35.90
N MET E 291 0.68 -0.36 36.38
CA MET E 291 -0.67 -0.83 36.16
C MET E 291 -1.37 0.34 35.50
N TRP E 292 -2.27 0.07 34.55
CA TRP E 292 -3.02 1.15 33.91
C TRP E 292 -4.50 0.97 34.18
N GLY E 293 -5.07 1.91 34.93
CA GLY E 293 -6.48 1.91 35.24
C GLY E 293 -7.24 2.96 34.44
N CYS E 294 -8.52 3.16 34.79
CA CYS E 294 -9.36 4.13 34.10
C CYS E 294 -10.55 4.53 34.98
N MET E 295 -11.32 5.50 34.51
CA MET E 295 -12.63 5.86 35.04
C MET E 295 -13.70 5.25 34.14
N ASP E 296 -14.97 5.64 34.34
CA ASP E 296 -16.00 5.28 33.36
C ASP E 296 -15.78 6.16 32.13
N GLU E 297 -15.52 5.55 31.00
CA GLU E 297 -14.94 6.29 29.88
C GLU E 297 -15.36 5.70 28.56
N SER E 298 -15.50 6.57 27.58
CA SER E 298 -15.59 6.17 26.19
C SER E 298 -14.34 5.41 25.76
N ARG E 299 -14.51 4.54 24.78
CA ARG E 299 -13.40 3.76 24.21
C ARG E 299 -12.26 4.65 23.75
N ILE E 300 -12.55 5.92 23.45
CA ILE E 300 -11.50 6.84 23.01
C ILE E 300 -10.32 6.88 24.01
N SER E 301 -10.65 7.14 25.28
CA SER E 301 -9.63 7.32 26.31
C SER E 301 -9.07 5.96 26.77
N ILE E 302 -9.91 4.93 26.76
CA ILE E 302 -9.41 3.57 26.99
C ILE E 302 -8.32 3.21 25.98
N ALA E 303 -8.58 3.48 24.71
CA ALA E 303 -7.62 3.24 23.64
C ALA E 303 -6.36 4.07 23.83
N ALA E 304 -6.51 5.35 24.13
CA ALA E 304 -5.33 6.16 24.40
C ALA E 304 -4.46 5.48 25.47
N ALA E 305 -5.12 5.08 26.56
CA ALA E 305 -4.42 4.47 27.68
C ALA E 305 -3.73 3.19 27.22
N LEU E 306 -4.40 2.41 26.37
CA LEU E 306 -3.86 1.15 25.92
C LEU E 306 -2.59 1.37 25.08
N HIS E 307 -2.64 2.29 24.11
CA HIS E 307 -1.45 2.60 23.32
C HIS E 307 -0.27 3.00 24.26
N ALA E 308 -0.56 3.91 25.19
CA ALA E 308 0.50 4.32 26.11
C ALA E 308 1.06 3.11 26.89
N ALA E 309 0.17 2.28 27.43
CA ALA E 309 0.50 1.09 28.20
C ALA E 309 1.39 0.13 27.40
N LEU E 310 0.99 -0.15 26.17
CA LEU E 310 1.71 -1.09 25.35
C LEU E 310 3.06 -0.51 24.91
N ALA E 311 3.22 0.80 25.07
CA ALA E 311 4.55 1.40 24.83
C ALA E 311 5.48 1.50 26.07
N CYS E 312 5.09 0.97 27.23
CA CYS E 312 5.99 0.98 28.39
C CYS E 312 6.52 -0.40 28.78
N PRO E 313 7.85 -0.55 28.77
CA PRO E 313 8.44 -1.81 29.25
C PRO E 313 8.01 -2.16 30.67
N ALA E 314 7.70 -1.19 31.52
CA ALA E 314 7.35 -1.48 32.91
C ALA E 314 5.90 -1.87 33.13
N THR E 315 5.09 -1.96 32.06
CA THR E 315 3.68 -2.25 32.27
C THR E 315 3.57 -3.74 32.54
N ARG E 316 3.15 -4.13 33.74
CA ARG E 316 2.69 -5.51 33.98
C ARG E 316 1.19 -5.77 34.01
N TYR E 317 0.36 -4.73 34.14
CA TYR E 317 -1.08 -4.95 34.41
C TYR E 317 -1.98 -3.88 33.78
N LEU E 318 -3.21 -4.28 33.44
CA LEU E 318 -4.22 -3.30 32.99
C LEU E 318 -5.54 -3.46 33.73
N ASP E 319 -6.11 -2.37 34.25
CA ASP E 319 -7.53 -2.45 34.54
C ASP E 319 -8.16 -1.48 33.56
N LEU E 320 -8.54 -2.02 32.42
CA LEU E 320 -9.04 -1.24 31.28
C LEU E 320 -10.54 -1.22 30.97
N ASP E 321 -11.33 -1.75 31.88
CA ASP E 321 -12.71 -2.21 31.61
C ASP E 321 -13.70 -1.05 31.57
N GLY E 322 -13.17 0.15 31.69
CA GLY E 322 -13.97 1.35 31.83
C GLY E 322 -15.02 1.62 30.77
N SER E 323 -14.85 1.08 29.57
CA SER E 323 -15.86 1.26 28.52
C SER E 323 -16.86 0.10 28.35
N PHE E 324 -16.70 -0.99 29.07
CA PHE E 324 -17.49 -2.20 28.79
C PHE E 324 -18.97 -2.08 29.16
N ASP E 325 -19.26 -1.30 30.19
CA ASP E 325 -20.63 -1.17 30.71
C ASP E 325 -21.43 -0.07 30.03
N LEU E 326 -20.81 0.64 29.09
CA LEU E 326 -21.53 1.68 28.40
C LEU E 326 -22.50 1.06 27.39
N ALA E 327 -23.75 1.52 27.41
CA ALA E 327 -24.78 1.02 26.50
C ALA E 327 -24.52 1.46 25.06
N ARG E 328 -24.07 2.70 24.90
CA ARG E 328 -23.66 3.23 23.61
C ARG E 328 -22.34 3.97 23.74
N ASP E 329 -21.66 4.17 22.61
CA ASP E 329 -20.43 4.98 22.56
C ASP E 329 -20.47 5.83 21.30
N VAL E 330 -19.59 6.82 21.24
CA VAL E 330 -19.51 7.72 20.10
C VAL E 330 -18.44 7.27 19.09
N ALA E 331 -17.82 6.13 19.36
CA ALA E 331 -16.76 5.62 18.50
C ALA E 331 -16.63 4.10 18.59
N GLU E 332 -16.00 3.52 17.59
CA GLU E 332 -15.75 2.09 17.61
C GLU E 332 -14.25 1.90 17.45
N GLY E 333 -13.81 0.65 17.45
CA GLY E 333 -12.40 0.36 17.27
C GLY E 333 -11.51 0.94 18.35
N GLY E 334 -10.25 1.16 17.97
CA GLY E 334 -9.24 1.81 18.79
C GLY E 334 -8.55 0.79 19.65
N PHE E 335 -9.26 -0.30 19.98
CA PHE E 335 -8.69 -1.46 20.66
C PHE E 335 -9.52 -2.71 20.35
N ILE E 336 -8.90 -3.87 20.44
CA ILE E 336 -9.61 -5.12 20.25
C ILE E 336 -9.44 -5.98 21.50
N LEU E 337 -10.56 -6.51 22.01
CA LEU E 337 -10.58 -7.43 23.14
C LEU E 337 -10.80 -8.85 22.65
N GLU E 338 -9.85 -9.74 22.94
CA GLU E 338 -10.00 -11.15 22.58
C GLU E 338 -9.48 -12.04 23.71
N ASP E 339 -10.30 -12.98 24.15
CA ASP E 339 -9.96 -13.85 25.29
C ASP E 339 -9.41 -13.08 26.48
N GLY E 340 -10.11 -12.01 26.87
CA GLY E 340 -9.71 -11.22 28.02
C GLY E 340 -8.45 -10.38 27.83
N ARG E 341 -7.92 -10.36 26.61
CA ARG E 341 -6.72 -9.56 26.32
C ARG E 341 -7.02 -8.37 25.43
N LEU E 342 -6.32 -7.26 25.69
CA LEU E 342 -6.49 -6.05 24.89
C LEU E 342 -5.31 -5.85 23.95
N ARG E 343 -5.58 -5.43 22.73
CA ARG E 343 -4.49 -5.06 21.82
C ARG E 343 -4.98 -3.87 21.00
N VAL E 344 -4.09 -3.17 20.30
CA VAL E 344 -4.56 -2.11 19.41
C VAL E 344 -4.68 -2.63 17.98
N THR E 345 -5.19 -1.80 17.07
CA THR E 345 -5.35 -2.22 15.68
C THR E 345 -4.15 -1.81 14.85
N GLU E 346 -4.24 -2.04 13.55
CA GLU E 346 -3.14 -1.69 12.65
C GLU E 346 -3.34 -0.31 12.04
N ARG E 347 -4.44 0.35 12.41
CA ARG E 347 -4.74 1.68 11.88
C ARG E 347 -3.92 2.78 12.55
N PRO E 348 -3.68 3.87 11.81
CA PRO E 348 -2.90 5.00 12.34
C PRO E 348 -3.61 5.70 13.49
N GLY E 349 -2.86 6.46 14.29
CA GLY E 349 -3.42 7.14 15.44
C GLY E 349 -3.96 6.21 16.51
N LEU E 350 -5.01 6.64 17.19
CA LEU E 350 -5.66 5.79 18.17
C LEU E 350 -6.37 4.62 17.49
N GLY E 351 -6.62 4.74 16.20
CA GLY E 351 -7.24 3.68 15.44
C GLY E 351 -8.74 3.61 15.67
N LEU E 352 -9.36 4.76 15.92
CA LEU E 352 -10.80 4.82 16.23
C LEU E 352 -11.65 5.04 14.96
N VAL E 353 -12.82 4.41 14.92
CA VAL E 353 -13.78 4.63 13.84
C VAL E 353 -14.95 5.50 14.33
N TYR E 354 -15.07 6.68 13.72
CA TYR E 354 -15.92 7.75 14.21
C TYR E 354 -16.97 8.16 13.16
N MET F 1 -17.97 -44.72 -4.38
CA MET F 1 -17.85 -44.31 -2.99
C MET F 1 -19.13 -44.54 -2.18
N LYS F 2 -19.02 -45.43 -1.20
CA LYS F 2 -20.16 -45.81 -0.39
C LYS F 2 -20.44 -44.79 0.71
N ILE F 3 -21.69 -44.75 1.15
CA ILE F 3 -22.04 -43.90 2.28
C ILE F 3 -21.73 -44.64 3.58
N ALA F 4 -20.83 -44.08 4.39
CA ALA F 4 -20.49 -44.65 5.69
C ALA F 4 -21.44 -44.27 6.81
N ASP F 5 -21.82 -43.00 6.88
CA ASP F 5 -22.57 -42.52 8.05
C ASP F 5 -23.55 -41.37 7.79
N ILE F 6 -24.67 -41.39 8.51
CA ILE F 6 -25.59 -40.24 8.48
C ILE F 6 -25.92 -39.81 9.89
N GLN F 7 -25.65 -38.55 10.21
CA GLN F 7 -26.05 -37.98 11.49
C GLN F 7 -26.92 -36.73 11.31
N VAL F 8 -27.99 -36.63 12.10
CA VAL F 8 -28.81 -35.44 12.09
C VAL F 8 -28.90 -34.87 13.50
N ARG F 9 -28.92 -33.54 13.62
CA ARG F 9 -29.09 -32.91 14.91
C ARG F 9 -29.96 -31.68 14.74
N THR F 10 -30.56 -31.21 15.84
CA THR F 10 -31.32 -29.98 15.78
C THR F 10 -30.43 -28.81 16.16
N GLU F 11 -30.64 -27.68 15.50
CA GLU F 11 -29.88 -26.49 15.82
C GLU F 11 -30.81 -25.29 16.03
N HIS F 12 -30.54 -24.58 17.12
CA HIS F 12 -31.25 -23.36 17.47
C HIS F 12 -30.38 -22.14 17.21
N PHE F 13 -30.75 -21.34 16.21
CA PHE F 13 -30.02 -20.13 15.86
C PHE F 13 -30.76 -18.91 16.37
N PRO F 14 -30.12 -18.13 17.23
CA PRO F 14 -30.68 -16.85 17.68
C PRO F 14 -30.70 -15.84 16.54
N LEU F 15 -31.76 -15.06 16.42
CA LEU F 15 -31.79 -14.03 15.40
C LEU F 15 -31.03 -12.78 15.88
N THR F 16 -30.94 -11.77 15.03
CA THR F 16 -30.23 -10.54 15.37
C THR F 16 -31.20 -9.37 15.50
N GLU F 27 -37.53 -14.57 17.60
CA GLU F 27 -36.39 -14.60 18.52
C GLU F 27 -35.39 -15.73 18.23
N GLU F 28 -35.87 -16.88 17.77
CA GLU F 28 -34.98 -18.01 17.47
C GLU F 28 -35.55 -18.91 16.37
N ILE F 29 -34.66 -19.50 15.57
CA ILE F 29 -35.04 -20.34 14.45
C ILE F 29 -34.39 -21.73 14.55
N ASP F 30 -35.10 -22.76 14.11
CA ASP F 30 -34.58 -24.12 14.22
C ASP F 30 -34.40 -24.75 12.85
N ASN F 31 -33.24 -25.38 12.64
CA ASN F 31 -33.01 -26.18 11.43
C ASN F 31 -32.53 -27.55 11.86
N LEU F 32 -32.78 -28.56 11.03
CA LEU F 32 -32.08 -29.81 11.21
C LEU F 32 -30.81 -29.80 10.36
N ILE F 33 -29.70 -30.22 10.96
CA ILE F 33 -28.44 -30.32 10.23
C ILE F 33 -28.10 -31.78 9.99
N VAL F 34 -27.71 -32.06 8.75
CA VAL F 34 -27.41 -33.40 8.29
C VAL F 34 -25.95 -33.51 7.87
N GLU F 35 -25.29 -34.55 8.35
CA GLU F 35 -23.93 -34.89 7.96
C GLU F 35 -23.91 -36.28 7.33
N ILE F 36 -23.41 -36.37 6.10
CA ILE F 36 -23.22 -37.67 5.47
C ILE F 36 -21.73 -37.85 5.27
N ARG F 37 -21.20 -38.98 5.71
CA ARG F 37 -19.78 -39.26 5.54
C ARG F 37 -19.57 -40.49 4.69
N THR F 38 -18.58 -40.44 3.81
CA THR F 38 -18.27 -41.60 2.98
C THR F 38 -17.22 -42.45 3.66
N ALA F 39 -16.90 -43.58 3.04
CA ALA F 39 -15.95 -44.51 3.62
C ALA F 39 -14.57 -43.87 3.77
N ASP F 40 -14.22 -43.03 2.79
CA ASP F 40 -12.90 -42.43 2.73
C ASP F 40 -12.81 -41.11 3.50
N GLY F 41 -13.89 -40.73 4.17
CA GLY F 41 -13.86 -39.61 5.09
C GLY F 41 -14.47 -38.29 4.62
N LEU F 42 -14.88 -38.22 3.35
CA LEU F 42 -15.49 -36.99 2.86
C LEU F 42 -16.80 -36.70 3.58
N LEU F 43 -17.14 -35.43 3.68
CA LEU F 43 -18.32 -34.99 4.41
C LEU F 43 -19.25 -34.14 3.54
N GLY F 44 -20.45 -34.64 3.27
CA GLY F 44 -21.51 -33.79 2.75
C GLY F 44 -22.34 -33.18 3.86
N LEU F 45 -22.80 -31.95 3.63
CA LEU F 45 -23.60 -31.25 4.62
C LEU F 45 -24.95 -30.92 4.02
N GLY F 46 -25.98 -30.89 4.86
CA GLY F 46 -27.31 -30.46 4.46
C GLY F 46 -28.04 -29.79 5.61
N ALA F 47 -29.04 -28.98 5.28
CA ALA F 47 -29.84 -28.33 6.29
C ALA F 47 -31.29 -28.30 5.84
N ALA F 48 -32.20 -28.54 6.79
CA ALA F 48 -33.63 -28.57 6.55
C ALA F 48 -34.34 -27.54 7.42
N SER F 49 -35.19 -26.74 6.79
CA SER F 49 -36.01 -25.77 7.49
C SER F 49 -37.47 -25.87 7.02
N PRO F 50 -38.24 -26.80 7.60
CA PRO F 50 -39.60 -27.06 7.09
C PRO F 50 -40.55 -25.88 7.31
N GLU F 51 -41.51 -25.72 6.40
CA GLU F 51 -42.51 -24.67 6.49
C GLU F 51 -43.89 -25.33 6.37
N ARG F 52 -44.63 -25.37 7.47
CA ARG F 52 -45.77 -26.25 7.60
C ARG F 52 -47.01 -25.72 6.90
N HIS F 53 -47.12 -24.40 6.81
CA HIS F 53 -48.30 -23.77 6.26
C HIS F 53 -48.23 -23.76 4.74
N VAL F 54 -47.09 -24.20 4.22
CA VAL F 54 -46.84 -24.26 2.79
C VAL F 54 -46.84 -25.71 2.33
N THR F 55 -45.95 -26.50 2.90
CA THR F 55 -45.84 -27.92 2.53
C THR F 55 -46.52 -28.93 3.45
N GLY F 56 -47.12 -28.46 4.54
CA GLY F 56 -47.67 -29.36 5.54
C GLY F 56 -46.64 -30.06 6.42
N GLU F 57 -45.36 -29.83 6.13
CA GLU F 57 -44.29 -30.49 6.87
C GLU F 57 -43.97 -29.75 8.17
N THR F 58 -43.96 -30.49 9.27
CA THR F 58 -43.72 -29.92 10.61
C THR F 58 -42.30 -30.26 11.04
N LEU F 59 -41.73 -29.40 11.86
CA LEU F 59 -40.41 -29.65 12.41
C LEU F 59 -40.33 -31.07 13.00
N GLU F 60 -41.41 -31.49 13.66
CA GLU F 60 -41.48 -32.82 14.26
C GLU F 60 -41.42 -33.92 13.21
N ALA F 61 -42.30 -33.84 12.21
CA ALA F 61 -42.31 -34.82 11.11
C ALA F 61 -40.99 -34.81 10.30
N CYS F 62 -40.35 -33.65 10.20
CA CYS F 62 -39.09 -33.55 9.45
C CYS F 62 -38.02 -34.30 10.23
N HIS F 63 -37.95 -34.01 11.53
CA HIS F 63 -37.02 -34.72 12.39
C HIS F 63 -37.23 -36.23 12.33
N ALA F 64 -38.49 -36.65 12.39
CA ALA F 64 -38.80 -38.08 12.33
C ALA F 64 -38.44 -38.69 10.98
N ALA F 65 -38.59 -37.91 9.91
CA ALA F 65 -38.22 -38.38 8.58
C ALA F 65 -36.71 -38.55 8.51
N LEU F 66 -35.97 -37.75 9.27
CA LEU F 66 -34.52 -37.87 9.26
C LEU F 66 -33.94 -38.83 10.30
N ASP F 67 -34.82 -39.49 11.07
CA ASP F 67 -34.37 -40.43 12.09
C ASP F 67 -33.41 -41.48 11.49
N HIS F 68 -32.28 -41.70 12.16
CA HIS F 68 -31.24 -42.60 11.64
C HIS F 68 -31.76 -44.02 11.41
N ASP F 69 -32.86 -44.35 12.07
CA ASP F 69 -33.45 -45.68 11.95
C ASP F 69 -34.20 -45.83 10.62
N ARG F 70 -34.85 -44.75 10.21
CA ARG F 70 -35.59 -44.70 8.96
C ARG F 70 -34.65 -44.67 7.76
N LEU F 71 -33.39 -44.31 7.99
CA LEU F 71 -32.45 -44.04 6.91
C LEU F 71 -31.57 -45.21 6.47
N GLY F 72 -31.83 -46.39 7.01
CA GLY F 72 -31.04 -47.56 6.71
C GLY F 72 -30.81 -47.81 5.22
N TRP F 73 -31.83 -47.63 4.41
CA TRP F 73 -31.75 -47.95 2.99
C TRP F 73 -30.66 -47.13 2.29
N LEU F 74 -30.31 -45.98 2.86
CA LEU F 74 -29.29 -45.10 2.30
C LEU F 74 -27.86 -45.52 2.60
N MET F 75 -27.68 -46.20 3.72
CA MET F 75 -26.37 -46.62 4.18
C MET F 75 -25.73 -47.62 3.25
N GLY F 76 -24.45 -47.45 2.96
CA GLY F 76 -23.73 -48.34 2.05
C GLY F 76 -24.03 -48.13 0.57
N ARG F 77 -24.88 -47.17 0.26
CA ARG F 77 -25.21 -46.89 -1.14
C ARG F 77 -24.09 -46.08 -1.79
N ASP F 78 -23.91 -46.28 -3.09
CA ASP F 78 -22.88 -45.59 -3.86
C ASP F 78 -23.34 -44.22 -4.37
N ILE F 79 -22.62 -43.19 -3.97
CA ILE F 79 -23.00 -41.81 -4.30
C ILE F 79 -22.97 -41.52 -5.80
N ARG F 80 -22.14 -42.26 -6.54
CA ARG F 80 -22.07 -42.11 -8.00
C ARG F 80 -23.39 -42.48 -8.70
N THR F 81 -24.31 -43.08 -7.95
CA THR F 81 -25.68 -43.41 -8.39
C THR F 81 -26.71 -42.33 -8.03
N LEU F 82 -26.25 -41.16 -7.62
CA LEU F 82 -27.10 -40.11 -7.06
C LEU F 82 -28.50 -39.90 -7.70
N PRO F 83 -28.61 -39.89 -9.05
CA PRO F 83 -29.95 -39.60 -9.55
C PRO F 83 -30.93 -40.69 -9.10
N ARG F 84 -30.43 -41.91 -8.99
CA ARG F 84 -31.28 -42.99 -8.52
C ARG F 84 -31.62 -42.80 -7.02
N LEU F 85 -30.64 -42.35 -6.24
CA LEU F 85 -30.90 -42.12 -4.82
C LEU F 85 -31.94 -41.02 -4.63
N CYS F 86 -31.82 -39.96 -5.42
CA CYS F 86 -32.80 -38.87 -5.31
C CYS F 86 -34.21 -39.32 -5.67
N ARG F 87 -34.34 -40.26 -6.63
CA ARG F 87 -35.65 -40.83 -6.92
C ARG F 87 -36.20 -41.57 -5.71
N GLU F 88 -35.35 -42.39 -5.11
CA GLU F 88 -35.74 -43.08 -3.88
C GLU F 88 -36.13 -42.12 -2.75
N LEU F 89 -35.40 -41.02 -2.60
CA LEU F 89 -35.77 -40.00 -1.64
C LEU F 89 -37.20 -39.52 -1.88
N ALA F 90 -37.53 -39.26 -3.14
CA ALA F 90 -38.87 -38.85 -3.51
C ALA F 90 -39.90 -39.89 -3.06
N GLU F 91 -39.54 -41.16 -3.19
CA GLU F 91 -40.46 -42.24 -2.84
C GLU F 91 -40.58 -42.42 -1.34
N ARG F 92 -39.44 -42.41 -0.64
CA ARG F 92 -39.40 -42.75 0.77
C ARG F 92 -39.64 -41.58 1.72
N LEU F 93 -39.55 -40.36 1.22
CA LEU F 93 -39.85 -39.18 2.03
C LEU F 93 -40.82 -38.30 1.26
N PRO F 94 -41.99 -38.86 0.90
CA PRO F 94 -42.91 -38.16 0.00
C PRO F 94 -43.60 -36.98 0.66
N ALA F 95 -43.78 -37.05 1.98
CA ALA F 95 -44.46 -35.98 2.72
C ALA F 95 -43.54 -34.95 3.41
N ALA F 96 -42.23 -35.13 3.33
CA ALA F 96 -41.30 -34.26 4.05
C ALA F 96 -40.18 -33.67 3.17
N PRO F 97 -40.52 -32.68 2.33
CA PRO F 97 -39.56 -32.17 1.34
C PRO F 97 -38.35 -31.44 1.96
N ALA F 98 -38.46 -30.86 3.15
CA ALA F 98 -37.31 -30.16 3.74
C ALA F 98 -36.22 -31.16 4.20
N ALA F 99 -36.67 -32.26 4.79
CA ALA F 99 -35.76 -33.36 5.10
C ALA F 99 -35.13 -33.92 3.83
N ARG F 100 -36.00 -34.17 2.84
CA ARG F 100 -35.57 -34.75 1.58
C ARG F 100 -34.49 -33.85 0.99
N ALA F 101 -34.72 -32.55 1.08
CA ALA F 101 -33.82 -31.55 0.55
C ALA F 101 -32.48 -31.63 1.27
N ALA F 102 -32.50 -31.72 2.61
CA ALA F 102 -31.23 -31.80 3.34
C ALA F 102 -30.39 -32.99 2.89
N LEU F 103 -31.06 -34.14 2.76
CA LEU F 103 -30.33 -35.32 2.30
C LEU F 103 -29.76 -35.09 0.89
N ASP F 104 -30.65 -34.70 -0.03
CA ASP F 104 -30.33 -34.43 -1.43
C ASP F 104 -29.10 -33.49 -1.54
N MET F 105 -29.11 -32.38 -0.82
CA MET F 105 -28.03 -31.42 -0.99
C MET F 105 -26.75 -31.99 -0.40
N ALA F 106 -26.85 -32.74 0.70
CA ALA F 106 -25.64 -33.37 1.24
C ALA F 106 -25.00 -34.33 0.21
N LEU F 107 -25.85 -35.14 -0.42
CA LEU F 107 -25.37 -36.01 -1.48
C LEU F 107 -24.75 -35.26 -2.67
N HIS F 108 -25.40 -34.19 -3.14
CA HIS F 108 -24.85 -33.43 -4.27
C HIS F 108 -23.48 -32.85 -3.89
N ASP F 109 -23.38 -32.43 -2.63
CA ASP F 109 -22.13 -31.93 -2.06
C ASP F 109 -21.06 -33.02 -2.21
N LEU F 110 -21.41 -34.24 -1.81
CA LEU F 110 -20.44 -35.33 -1.88
C LEU F 110 -20.02 -35.70 -3.29
N VAL F 111 -20.99 -35.73 -4.22
CA VAL F 111 -20.69 -36.06 -5.60
C VAL F 111 -19.78 -35.00 -6.20
N ALA F 112 -20.01 -33.74 -5.83
CA ALA F 112 -19.19 -32.68 -6.37
C ALA F 112 -17.77 -32.73 -5.78
N GLN F 113 -17.63 -33.09 -4.51
CA GLN F 113 -16.28 -33.26 -3.97
C GLN F 113 -15.57 -34.43 -4.64
N CYS F 114 -16.29 -35.52 -4.83
CA CYS F 114 -15.72 -36.68 -5.48
C CYS F 114 -15.24 -36.33 -6.89
N LEU F 115 -16.01 -35.53 -7.62
CA LEU F 115 -15.59 -35.09 -8.94
C LEU F 115 -14.46 -34.07 -8.92
N GLY F 116 -14.33 -33.33 -7.82
CA GLY F 116 -13.25 -32.39 -7.64
C GLY F 116 -13.55 -30.93 -8.00
N LEU F 117 -14.81 -30.58 -8.19
CA LEU F 117 -15.21 -29.21 -8.56
C LEU F 117 -16.36 -28.65 -7.72
N PRO F 118 -16.50 -27.31 -7.71
CA PRO F 118 -17.69 -26.67 -7.14
C PRO F 118 -18.95 -27.27 -7.74
N LEU F 119 -19.97 -27.45 -6.91
CA LEU F 119 -21.20 -28.08 -7.37
C LEU F 119 -21.75 -27.45 -8.66
N VAL F 120 -21.83 -26.11 -8.70
CA VAL F 120 -22.35 -25.41 -9.89
C VAL F 120 -21.65 -25.85 -11.17
N GLU F 121 -20.35 -26.13 -11.07
CA GLU F 121 -19.58 -26.51 -12.24
C GLU F 121 -19.97 -27.88 -12.80
N ILE F 122 -20.25 -28.84 -11.93
CA ILE F 122 -20.73 -30.13 -12.45
C ILE F 122 -22.22 -30.06 -12.80
N LEU F 123 -22.94 -29.09 -12.25
CA LEU F 123 -24.33 -28.93 -12.67
C LEU F 123 -24.42 -28.17 -13.99
N GLY F 124 -23.29 -27.76 -14.57
CA GLY F 124 -23.39 -26.84 -15.69
C GLY F 124 -23.57 -25.33 -15.52
N ARG F 125 -22.52 -24.67 -15.09
CA ARG F 125 -22.60 -23.23 -14.87
C ARG F 125 -23.24 -22.43 -16.02
N ALA F 126 -24.07 -21.50 -15.58
CA ALA F 126 -24.98 -20.66 -16.36
C ALA F 126 -24.66 -19.21 -16.02
N HIS F 127 -24.63 -18.91 -14.73
CA HIS F 127 -24.35 -17.56 -14.23
C HIS F 127 -23.13 -17.48 -13.29
N ASP F 128 -22.42 -16.36 -13.32
CA ASP F 128 -21.33 -16.14 -12.36
C ASP F 128 -21.82 -15.60 -11.01
N SER F 129 -22.71 -14.62 -11.07
CA SER F 129 -23.29 -14.04 -9.85
C SER F 129 -24.63 -13.39 -10.17
N LEU F 130 -25.42 -13.19 -9.13
CA LEU F 130 -26.68 -12.47 -9.24
C LEU F 130 -26.94 -11.65 -7.99
N PRO F 131 -27.58 -10.49 -8.14
CA PRO F 131 -27.96 -9.74 -6.95
C PRO F 131 -29.04 -10.49 -6.20
N THR F 132 -29.10 -10.31 -4.89
CA THR F 132 -30.17 -10.87 -4.10
C THR F 132 -30.97 -9.74 -3.48
N SER F 133 -32.26 -9.96 -3.32
CA SER F 133 -33.06 -9.04 -2.55
C SER F 133 -32.76 -9.24 -1.07
N VAL F 134 -33.10 -8.23 -0.27
CA VAL F 134 -33.29 -8.48 1.15
C VAL F 134 -34.71 -8.09 1.52
N THR F 135 -35.24 -8.69 2.58
CA THR F 135 -36.65 -8.55 2.87
C THR F 135 -36.98 -7.47 3.89
N ILE F 136 -37.96 -6.66 3.55
CA ILE F 136 -38.60 -5.74 4.47
C ILE F 136 -40.02 -6.27 4.75
N GLY F 137 -40.27 -6.61 6.00
CA GLY F 137 -41.56 -7.15 6.42
C GLY F 137 -42.65 -6.09 6.47
N ILE F 138 -43.88 -6.52 6.75
CA ILE F 138 -44.98 -5.59 6.94
C ILE F 138 -44.75 -4.71 8.17
N LYS F 139 -44.87 -3.39 7.98
CA LYS F 139 -44.56 -2.40 9.00
C LYS F 139 -44.83 -1.01 8.43
N PRO F 140 -44.97 0.00 9.30
CA PRO F 140 -45.38 1.36 8.88
C PRO F 140 -44.33 2.08 8.02
N VAL F 141 -44.75 3.14 7.33
CA VAL F 141 -43.92 3.85 6.35
C VAL F 141 -42.51 4.18 6.83
N GLU F 142 -42.39 4.63 8.09
CA GLU F 142 -41.12 5.12 8.58
C GLU F 142 -40.10 4.02 8.88
N GLU F 143 -40.55 2.94 9.52
CA GLU F 143 -39.66 1.81 9.77
C GLU F 143 -39.21 1.24 8.43
N THR F 144 -40.07 1.41 7.44
CA THR F 144 -39.82 0.92 6.09
C THR F 144 -38.73 1.74 5.41
N LEU F 145 -38.86 3.05 5.44
CA LEU F 145 -37.85 3.90 4.81
C LEU F 145 -36.50 3.73 5.53
N ALA F 146 -36.58 3.58 6.85
CA ALA F 146 -35.38 3.38 7.66
C ALA F 146 -34.67 2.10 7.24
N GLU F 147 -35.41 0.99 7.29
CA GLU F 147 -34.85 -0.30 6.94
C GLU F 147 -34.28 -0.28 5.53
N ALA F 148 -35.00 0.37 4.61
CA ALA F 148 -34.52 0.53 3.24
C ALA F 148 -33.16 1.19 3.23
N ARG F 149 -33.02 2.29 3.98
CA ARG F 149 -31.74 2.98 4.01
C ARG F 149 -30.61 2.14 4.63
N GLU F 150 -30.90 1.38 5.68
CA GLU F 150 -29.90 0.45 6.22
C GLU F 150 -29.44 -0.50 5.11
N HIS F 151 -30.41 -1.09 4.42
CA HIS F 151 -30.08 -2.10 3.42
C HIS F 151 -29.26 -1.52 2.29
N LEU F 152 -29.65 -0.36 1.76
CA LEU F 152 -28.83 0.31 0.78
C LEU F 152 -27.42 0.47 1.33
N ALA F 153 -27.33 0.94 2.57
CA ALA F 153 -26.04 1.16 3.20
C ALA F 153 -25.18 -0.10 3.19
N LEU F 154 -25.80 -1.27 3.29
CA LEU F 154 -25.01 -2.51 3.33
C LEU F 154 -24.64 -3.08 1.95
N GLY F 155 -25.02 -2.37 0.89
CA GLY F 155 -24.66 -2.77 -0.46
C GLY F 155 -25.76 -3.42 -1.29
N PHE F 156 -26.96 -3.54 -0.74
CA PHE F 156 -28.06 -4.23 -1.42
C PHE F 156 -28.76 -3.34 -2.45
N ARG F 157 -28.91 -3.85 -3.66
CA ARG F 157 -29.59 -3.15 -4.75
C ARG F 157 -31.02 -3.60 -5.04
N VAL F 158 -31.51 -4.59 -4.30
CA VAL F 158 -32.85 -5.13 -4.51
C VAL F 158 -33.58 -5.32 -3.20
N LEU F 159 -34.76 -4.74 -3.12
CA LEU F 159 -35.58 -4.88 -1.92
C LEU F 159 -36.83 -5.70 -2.22
N LYS F 160 -37.13 -6.67 -1.35
CA LYS F 160 -38.36 -7.42 -1.42
C LYS F 160 -39.27 -6.94 -0.29
N VAL F 161 -40.44 -6.41 -0.64
CA VAL F 161 -41.36 -5.83 0.33
C VAL F 161 -42.59 -6.68 0.54
N LYS F 162 -42.83 -7.10 1.78
CA LYS F 162 -44.08 -7.78 2.09
C LYS F 162 -45.26 -6.81 2.08
N LEU F 163 -46.39 -7.25 1.53
CA LEU F 163 -47.61 -6.44 1.52
C LEU F 163 -48.72 -7.20 2.26
N CYS F 164 -49.59 -6.48 2.96
CA CYS F 164 -50.64 -7.12 3.75
C CYS F 164 -52.04 -7.20 3.11
N GLY F 165 -52.21 -6.58 1.95
CA GLY F 165 -53.52 -6.58 1.31
C GLY F 165 -54.39 -5.37 1.58
N ASP F 166 -53.97 -4.51 2.51
CA ASP F 166 -54.72 -3.28 2.78
C ASP F 166 -54.12 -2.23 1.87
N GLU F 167 -54.90 -1.82 0.88
CA GLU F 167 -54.36 -1.09 -0.26
C GLU F 167 -53.85 0.30 0.08
N GLU F 168 -54.46 0.92 1.09
CA GLU F 168 -54.05 2.26 1.49
C GLU F 168 -52.63 2.22 2.02
N GLN F 169 -52.41 1.35 3.00
CA GLN F 169 -51.07 1.14 3.55
C GLN F 169 -50.10 0.69 2.46
N ASP F 170 -50.49 -0.34 1.71
CA ASP F 170 -49.59 -0.93 0.73
C ASP F 170 -49.11 0.15 -0.24
N PHE F 171 -50.06 0.83 -0.87
CA PHE F 171 -49.72 1.82 -1.89
C PHE F 171 -48.94 2.98 -1.30
N GLU F 172 -49.33 3.47 -0.12
CA GLU F 172 -48.56 4.59 0.46
C GLU F 172 -47.10 4.19 0.71
N ARG F 173 -46.91 3.04 1.36
CA ARG F 173 -45.59 2.47 1.54
C ARG F 173 -44.84 2.43 0.21
N LEU F 174 -45.47 1.92 -0.84
CA LEU F 174 -44.74 1.77 -2.10
C LEU F 174 -44.35 3.09 -2.75
N ARG F 175 -45.28 4.04 -2.78
CA ARG F 175 -45.02 5.36 -3.36
C ARG F 175 -43.88 6.07 -2.59
N ARG F 176 -43.98 6.08 -1.27
CA ARG F 176 -42.95 6.73 -0.47
C ARG F 176 -41.59 6.04 -0.67
N LEU F 177 -41.58 4.71 -0.56
CA LEU F 177 -40.36 3.95 -0.71
C LEU F 177 -39.70 4.26 -2.05
N HIS F 178 -40.52 4.37 -3.09
CA HIS F 178 -40.05 4.69 -4.42
C HIS F 178 -39.44 6.08 -4.49
N GLU F 179 -40.11 7.06 -3.89
CA GLU F 179 -39.59 8.43 -3.90
C GLU F 179 -38.25 8.51 -3.16
N THR F 180 -38.18 7.88 -1.99
CA THR F 180 -36.96 7.84 -1.18
C THR F 180 -35.82 7.11 -1.87
N LEU F 181 -36.13 6.04 -2.60
CA LEU F 181 -35.08 5.23 -3.23
C LEU F 181 -34.35 5.95 -4.36
N ALA F 182 -35.04 6.86 -5.03
CA ALA F 182 -34.43 7.66 -6.09
C ALA F 182 -33.60 6.83 -7.04
N GLY F 183 -34.14 5.68 -7.45
CA GLY F 183 -33.49 4.82 -8.42
C GLY F 183 -32.27 4.08 -7.89
N ARG F 184 -32.04 4.14 -6.58
CA ARG F 184 -30.88 3.47 -5.99
C ARG F 184 -31.05 1.94 -5.87
N ALA F 185 -32.29 1.47 -5.92
CA ALA F 185 -32.58 0.02 -5.86
C ALA F 185 -33.91 -0.32 -6.53
N VAL F 186 -34.06 -1.57 -6.94
CA VAL F 186 -35.32 -2.04 -7.52
C VAL F 186 -36.17 -2.70 -6.45
N VAL F 187 -37.48 -2.56 -6.60
CA VAL F 187 -38.40 -3.16 -5.66
C VAL F 187 -39.16 -4.33 -6.28
N ARG F 188 -39.38 -5.34 -5.44
CA ARG F 188 -40.03 -6.59 -5.74
C ARG F 188 -41.08 -6.70 -4.62
N VAL F 189 -42.33 -7.11 -4.92
CA VAL F 189 -43.34 -7.19 -3.85
C VAL F 189 -43.99 -8.56 -3.63
N ASP F 190 -44.38 -8.80 -2.38
CA ASP F 190 -44.91 -10.10 -1.98
C ASP F 190 -46.11 -9.99 -1.04
N PRO F 191 -47.32 -9.87 -1.60
CA PRO F 191 -48.59 -9.80 -0.88
C PRO F 191 -48.93 -11.12 -0.17
N ASN F 192 -48.24 -12.18 -0.55
CA ASN F 192 -48.50 -13.51 0.00
C ASN F 192 -49.97 -13.86 0.18
N GLN F 193 -50.68 -13.93 -0.95
CA GLN F 193 -52.04 -14.46 -0.96
C GLN F 193 -53.10 -13.47 -0.45
N SER F 194 -52.65 -12.30 -0.01
CA SER F 194 -53.52 -11.36 0.69
C SER F 194 -54.47 -10.56 -0.22
N TYR F 195 -54.28 -10.64 -1.54
CA TYR F 195 -55.08 -9.80 -2.45
C TYR F 195 -56.31 -10.46 -3.05
N ASP F 196 -57.35 -9.66 -3.29
CA ASP F 196 -58.46 -10.08 -4.15
C ASP F 196 -58.24 -9.58 -5.58
N ARG F 197 -59.14 -9.94 -6.48
CA ARG F 197 -58.92 -9.73 -7.90
C ARG F 197 -58.83 -8.22 -8.35
N ASP F 198 -59.85 -7.44 -8.00
CA ASP F 198 -59.87 -6.02 -8.31
C ASP F 198 -58.63 -5.32 -7.73
N GLY F 199 -58.39 -5.62 -6.46
CA GLY F 199 -57.24 -5.12 -5.73
C GLY F 199 -55.98 -5.42 -6.51
N LEU F 200 -55.85 -6.66 -6.99
CA LEU F 200 -54.66 -7.03 -7.72
C LEU F 200 -54.50 -6.13 -8.93
N LEU F 201 -55.61 -5.86 -9.62
CA LEU F 201 -55.49 -4.97 -10.79
C LEU F 201 -54.97 -3.56 -10.40
N ARG F 202 -55.47 -3.03 -9.29
CA ARG F 202 -54.96 -1.72 -8.84
C ARG F 202 -53.47 -1.76 -8.50
N LEU F 203 -53.09 -2.80 -7.75
CA LEU F 203 -51.69 -3.02 -7.40
C LEU F 203 -50.81 -3.12 -8.64
N ASP F 204 -51.30 -3.74 -9.71
CA ASP F 204 -50.48 -3.88 -10.91
C ASP F 204 -50.35 -2.55 -11.64
N ARG F 205 -51.43 -1.76 -11.64
CA ARG F 205 -51.32 -0.43 -12.24
C ARG F 205 -50.24 0.37 -11.53
N LEU F 206 -50.29 0.34 -10.20
CA LEU F 206 -49.26 1.02 -9.41
C LEU F 206 -47.86 0.46 -9.69
N VAL F 207 -47.75 -0.87 -9.73
CA VAL F 207 -46.49 -1.55 -10.03
C VAL F 207 -45.87 -1.07 -11.32
N GLN F 208 -46.69 -0.92 -12.37
CA GLN F 208 -46.16 -0.36 -13.60
C GLN F 208 -45.71 1.06 -13.33
N GLU F 209 -46.55 1.83 -12.65
CA GLU F 209 -46.25 3.24 -12.40
C GLU F 209 -44.88 3.45 -11.73
N LEU F 210 -44.55 2.59 -10.77
CA LEU F 210 -43.34 2.73 -9.95
C LEU F 210 -42.14 1.91 -10.41
N GLY F 211 -42.29 1.19 -11.52
CA GLY F 211 -41.21 0.34 -12.01
C GLY F 211 -40.85 -0.85 -11.14
N ILE F 212 -41.80 -1.29 -10.31
CA ILE F 212 -41.61 -2.50 -9.51
C ILE F 212 -41.47 -3.73 -10.43
N GLU F 213 -40.49 -4.60 -10.17
CA GLU F 213 -40.19 -5.64 -11.16
C GLU F 213 -41.28 -6.70 -11.31
N PHE F 214 -41.86 -7.14 -10.21
CA PHE F 214 -42.99 -8.06 -10.29
C PHE F 214 -43.73 -8.23 -8.98
N ILE F 215 -44.79 -9.03 -9.03
CA ILE F 215 -45.68 -9.29 -7.90
C ILE F 215 -45.73 -10.77 -7.65
N GLU F 216 -45.34 -11.17 -6.44
CA GLU F 216 -45.28 -12.58 -6.10
C GLU F 216 -46.54 -13.07 -5.40
N GLN F 217 -47.22 -14.03 -6.02
CA GLN F 217 -48.31 -14.77 -5.37
C GLN F 217 -49.36 -13.86 -4.73
N PRO F 218 -50.02 -13.01 -5.52
CA PRO F 218 -51.03 -12.12 -4.93
C PRO F 218 -52.25 -12.88 -4.42
N PHE F 219 -52.48 -14.09 -4.93
CA PHE F 219 -53.74 -14.81 -4.63
C PHE F 219 -53.52 -16.09 -3.83
N PRO F 220 -54.58 -16.56 -3.15
CA PRO F 220 -54.51 -17.85 -2.46
C PRO F 220 -53.95 -18.96 -3.36
N ALA F 221 -53.14 -19.81 -2.77
CA ALA F 221 -52.47 -20.88 -3.49
C ALA F 221 -53.39 -21.74 -4.35
N GLY F 222 -54.63 -21.98 -3.90
CA GLY F 222 -55.57 -22.82 -4.65
C GLY F 222 -56.41 -22.09 -5.69
N ARG F 223 -56.09 -20.81 -5.83
CA ARG F 223 -56.72 -19.84 -6.72
C ARG F 223 -56.06 -19.58 -8.09
N THR F 224 -55.19 -20.46 -8.56
CA THR F 224 -54.55 -20.24 -9.87
C THR F 224 -55.53 -19.92 -11.02
N ASP F 225 -56.77 -20.41 -10.91
CA ASP F 225 -57.81 -19.95 -11.85
C ASP F 225 -57.97 -18.41 -11.82
N TRP F 226 -57.74 -17.81 -10.67
CA TRP F 226 -57.76 -16.36 -10.61
C TRP F 226 -56.60 -15.77 -11.44
N LEU F 227 -55.45 -16.44 -11.47
CA LEU F 227 -54.31 -15.93 -12.24
C LEU F 227 -54.61 -16.06 -13.72
N ARG F 228 -55.09 -17.23 -14.12
CA ARG F 228 -55.33 -17.47 -15.54
C ARG F 228 -56.39 -16.55 -16.14
N ALA F 229 -57.31 -16.05 -15.33
CA ALA F 229 -58.31 -15.09 -15.81
C ALA F 229 -57.75 -13.68 -16.05
N LEU F 230 -56.50 -13.41 -15.67
CA LEU F 230 -55.88 -12.10 -15.90
C LEU F 230 -55.26 -11.96 -17.29
N PRO F 231 -55.21 -10.73 -17.83
CA PRO F 231 -54.47 -10.54 -19.09
C PRO F 231 -53.07 -11.15 -19.03
N LYS F 232 -52.62 -11.69 -20.16
N LYS F 232 -52.61 -11.68 -20.16
CA LYS F 232 -51.30 -12.32 -20.23
CA LYS F 232 -51.29 -12.31 -20.24
C LYS F 232 -50.19 -11.37 -19.80
C LYS F 232 -50.21 -11.36 -19.76
N ALA F 233 -50.32 -10.09 -20.15
CA ALA F 233 -49.31 -9.10 -19.80
C ALA F 233 -49.12 -8.96 -18.30
N ILE F 234 -50.20 -9.10 -17.55
CA ILE F 234 -50.12 -9.00 -16.09
C ILE F 234 -49.57 -10.29 -15.50
N ARG F 235 -50.06 -11.42 -16.00
CA ARG F 235 -49.52 -12.73 -15.64
C ARG F 235 -48.00 -12.80 -15.83
N ARG F 236 -47.49 -12.25 -16.92
CA ARG F 236 -46.06 -12.26 -17.17
C ARG F 236 -45.32 -11.58 -16.01
N ARG F 237 -46.02 -10.71 -15.28
CA ARG F 237 -45.45 -9.94 -14.15
C ARG F 237 -45.68 -10.57 -12.79
N ILE F 238 -46.23 -11.78 -12.76
CA ILE F 238 -46.55 -12.43 -11.49
C ILE F 238 -45.73 -13.69 -11.27
N ALA F 239 -45.29 -13.90 -10.03
CA ALA F 239 -44.52 -15.08 -9.67
C ALA F 239 -45.37 -16.05 -8.86
N ALA F 240 -45.24 -17.33 -9.17
CA ALA F 240 -45.84 -18.38 -8.33
C ALA F 240 -44.87 -18.76 -7.20
N ASP F 241 -45.36 -18.68 -5.97
CA ASP F 241 -44.56 -19.17 -4.85
C ASP F 241 -45.27 -20.30 -4.11
N GLU F 242 -46.28 -19.95 -3.31
CA GLU F 242 -46.99 -20.94 -2.51
C GLU F 242 -47.77 -21.88 -3.42
N SER F 243 -48.17 -21.37 -4.58
CA SER F 243 -48.84 -22.18 -5.59
C SER F 243 -47.88 -23.20 -6.19
N LEU F 244 -46.58 -23.05 -5.93
CA LEU F 244 -45.60 -23.92 -6.59
C LEU F 244 -44.75 -24.74 -5.63
N LEU F 245 -45.01 -26.04 -5.58
CA LEU F 245 -44.19 -26.88 -4.74
C LEU F 245 -43.15 -27.66 -5.54
N GLY F 246 -43.60 -28.69 -6.27
CA GLY F 246 -42.74 -29.49 -7.13
C GLY F 246 -42.95 -29.41 -8.63
N PRO F 247 -42.32 -30.34 -9.36
CA PRO F 247 -42.45 -30.49 -10.81
C PRO F 247 -43.91 -30.56 -11.27
N ALA F 248 -44.78 -31.31 -10.60
CA ALA F 248 -46.19 -31.39 -11.02
C ALA F 248 -46.91 -30.02 -11.04
N ASP F 249 -46.72 -29.25 -9.97
CA ASP F 249 -47.17 -27.85 -9.94
C ASP F 249 -46.59 -27.04 -11.10
N ALA F 250 -45.29 -27.14 -11.32
CA ALA F 250 -44.65 -26.38 -12.40
C ALA F 250 -45.31 -26.69 -13.74
N PHE F 251 -45.50 -27.98 -14.00
CA PHE F 251 -46.12 -28.39 -15.26
C PHE F 251 -47.52 -27.82 -15.38
N ALA F 252 -48.29 -27.90 -14.30
CA ALA F 252 -49.66 -27.41 -14.35
C ALA F 252 -49.75 -25.89 -14.53
N LEU F 253 -48.81 -25.17 -13.93
CA LEU F 253 -48.76 -23.72 -14.02
C LEU F 253 -48.24 -23.24 -15.38
N ALA F 254 -47.34 -24.01 -16.00
CA ALA F 254 -46.78 -23.63 -17.30
C ALA F 254 -47.64 -24.07 -18.49
N ALA F 255 -48.56 -25.01 -18.27
CA ALA F 255 -49.37 -25.53 -19.36
C ALA F 255 -50.24 -24.41 -19.90
N PRO F 256 -50.34 -24.31 -21.23
CA PRO F 256 -51.18 -23.27 -21.83
C PRO F 256 -52.63 -23.36 -21.37
N PRO F 257 -53.27 -22.21 -21.13
CA PRO F 257 -52.55 -20.93 -21.04
C PRO F 257 -51.75 -20.84 -19.72
N ALA F 258 -50.47 -20.46 -19.79
CA ALA F 258 -49.60 -20.37 -18.62
C ALA F 258 -50.15 -19.41 -17.56
N ALA F 259 -50.14 -19.83 -16.30
CA ALA F 259 -50.68 -19.04 -15.19
C ALA F 259 -49.81 -17.82 -14.83
N CYS F 260 -48.50 -17.93 -14.99
CA CYS F 260 -47.64 -16.82 -14.59
C CYS F 260 -46.31 -16.88 -15.28
N GLY F 261 -45.48 -15.85 -15.06
CA GLY F 261 -44.25 -15.68 -15.80
C GLY F 261 -43.00 -16.00 -15.04
N ILE F 262 -43.14 -16.20 -13.74
CA ILE F 262 -42.00 -16.43 -12.87
C ILE F 262 -42.33 -17.55 -11.89
N PHE F 263 -41.41 -18.50 -11.73
CA PHE F 263 -41.55 -19.59 -10.76
C PHE F 263 -40.61 -19.34 -9.58
N ASN F 264 -41.14 -19.31 -8.36
CA ASN F 264 -40.26 -19.18 -7.20
C ASN F 264 -39.95 -20.58 -6.63
N ILE F 265 -38.69 -21.00 -6.78
CA ILE F 265 -38.25 -22.32 -6.32
C ILE F 265 -37.57 -22.21 -4.96
N LYS F 266 -38.06 -22.99 -4.00
CA LYS F 266 -37.40 -23.12 -2.71
C LYS F 266 -37.09 -24.59 -2.43
N LEU F 267 -35.83 -24.90 -2.14
CA LEU F 267 -35.45 -26.28 -1.85
C LEU F 267 -36.37 -26.95 -0.82
N MET F 268 -36.77 -26.20 0.20
CA MET F 268 -37.63 -26.75 1.26
C MET F 268 -39.08 -26.99 0.80
N LYS F 269 -39.48 -26.38 -0.31
CA LYS F 269 -40.73 -26.74 -0.98
C LYS F 269 -40.66 -27.98 -1.88
N CYS F 270 -39.66 -28.03 -2.76
CA CYS F 270 -39.58 -29.07 -3.78
C CYS F 270 -38.87 -30.37 -3.39
N GLY F 271 -38.10 -30.34 -2.30
CA GLY F 271 -37.46 -31.55 -1.81
C GLY F 271 -36.05 -31.80 -2.33
N GLY F 272 -35.46 -30.79 -2.95
CA GLY F 272 -34.05 -30.88 -3.29
C GLY F 272 -33.61 -30.24 -4.60
N LEU F 273 -32.34 -30.46 -4.93
CA LEU F 273 -31.78 -30.01 -6.20
C LEU F 273 -32.31 -30.79 -7.40
N ALA F 274 -32.57 -32.08 -7.25
CA ALA F 274 -33.05 -32.87 -8.39
C ALA F 274 -34.47 -32.46 -8.86
N PRO F 275 -35.42 -32.45 -7.91
CA PRO F 275 -36.74 -31.90 -8.21
C PRO F 275 -36.65 -30.46 -8.73
N ALA F 276 -35.74 -29.69 -8.16
CA ALA F 276 -35.55 -28.33 -8.63
C ALA F 276 -35.16 -28.32 -10.11
N ARG F 277 -34.24 -29.20 -10.51
CA ARG F 277 -33.82 -29.31 -11.91
C ARG F 277 -34.99 -29.68 -12.82
N ARG F 278 -35.89 -30.53 -12.32
CA ARG F 278 -37.11 -30.83 -13.10
C ARG F 278 -38.02 -29.60 -13.28
N ILE F 279 -38.22 -28.86 -12.19
CA ILE F 279 -38.94 -27.60 -12.31
C ILE F 279 -38.27 -26.69 -13.35
N ALA F 280 -36.94 -26.62 -13.33
CA ALA F 280 -36.19 -25.73 -14.21
C ALA F 280 -36.33 -26.14 -15.66
N THR F 281 -36.30 -27.44 -15.91
CA THR F 281 -36.51 -27.99 -17.24
C THR F 281 -37.85 -27.54 -17.77
N ILE F 282 -38.87 -27.70 -16.92
CA ILE F 282 -40.21 -27.31 -17.34
C ILE F 282 -40.28 -25.78 -17.63
N ALA F 283 -39.72 -24.99 -16.73
CA ALA F 283 -39.73 -23.53 -16.85
C ALA F 283 -39.03 -23.05 -18.12
N GLU F 284 -37.84 -23.57 -18.39
CA GLU F 284 -37.13 -23.22 -19.62
C GLU F 284 -37.96 -23.58 -20.84
N THR F 285 -38.42 -24.82 -20.90
CA THR F 285 -39.17 -25.21 -22.08
C THR F 285 -40.35 -24.23 -22.29
N ALA F 286 -40.96 -23.79 -21.20
CA ALA F 286 -42.15 -22.95 -21.27
C ALA F 286 -41.84 -21.45 -21.29
N GLY F 287 -40.56 -21.09 -21.35
CA GLY F 287 -40.19 -19.69 -21.39
C GLY F 287 -40.55 -18.97 -20.10
N ILE F 288 -40.50 -19.68 -18.99
CA ILE F 288 -40.81 -19.08 -17.70
C ILE F 288 -39.51 -18.80 -16.95
N ASP F 289 -39.40 -17.62 -16.35
CA ASP F 289 -38.21 -17.24 -15.60
C ASP F 289 -38.20 -17.88 -14.20
N LEU F 290 -37.01 -18.11 -13.67
CA LEU F 290 -36.85 -18.67 -12.34
C LEU F 290 -36.40 -17.66 -11.28
N MET F 291 -36.96 -17.81 -10.09
CA MET F 291 -36.57 -17.06 -8.90
C MET F 291 -36.19 -18.11 -7.87
N TRP F 292 -35.13 -17.91 -7.11
CA TRP F 292 -34.80 -18.86 -6.04
C TRP F 292 -34.93 -18.20 -4.69
N GLY F 293 -35.85 -18.70 -3.88
CA GLY F 293 -36.08 -18.17 -2.56
C GLY F 293 -35.60 -19.13 -1.49
N CYS F 294 -35.95 -18.83 -0.25
CA CYS F 294 -35.49 -19.62 0.89
C CYS F 294 -36.41 -19.47 2.11
N MET F 295 -36.27 -20.37 3.08
CA MET F 295 -36.84 -20.20 4.41
C MET F 295 -35.76 -19.58 5.33
N ASP F 296 -36.01 -19.55 6.64
CA ASP F 296 -34.95 -19.15 7.57
C ASP F 296 -34.00 -20.33 7.68
N GLU F 297 -32.76 -20.14 7.29
CA GLU F 297 -31.88 -21.26 6.96
C GLU F 297 -30.41 -21.01 7.28
N SER F 298 -29.70 -22.08 7.56
CA SER F 298 -28.24 -22.06 7.62
C SER F 298 -27.65 -21.74 6.26
N ARG F 299 -26.42 -21.23 6.27
CA ARG F 299 -25.69 -20.95 5.04
C ARG F 299 -25.59 -22.21 4.20
N ILE F 300 -25.69 -23.36 4.85
CA ILE F 300 -25.53 -24.62 4.16
C ILE F 300 -26.52 -24.70 2.98
N SER F 301 -27.80 -24.55 3.29
CA SER F 301 -28.82 -24.73 2.26
C SER F 301 -28.96 -23.50 1.35
N ILE F 302 -28.64 -22.31 1.87
CA ILE F 302 -28.53 -21.16 0.99
C ILE F 302 -27.50 -21.46 -0.10
N ALA F 303 -26.36 -22.01 0.29
CA ALA F 303 -25.30 -22.36 -0.65
C ALA F 303 -25.84 -23.38 -1.64
N ALA F 304 -26.48 -24.43 -1.14
CA ALA F 304 -27.05 -25.43 -2.04
C ALA F 304 -27.91 -24.75 -3.15
N ALA F 305 -28.79 -23.87 -2.69
CA ALA F 305 -29.72 -23.19 -3.59
C ALA F 305 -28.96 -22.32 -4.59
N LEU F 306 -27.90 -21.67 -4.14
CA LEU F 306 -27.13 -20.80 -5.02
C LEU F 306 -26.41 -21.62 -6.11
N HIS F 307 -25.83 -22.75 -5.73
CA HIS F 307 -25.21 -23.59 -6.73
C HIS F 307 -26.26 -23.96 -7.81
N ALA F 308 -27.42 -24.41 -7.31
CA ALA F 308 -28.47 -24.83 -8.24
C ALA F 308 -28.82 -23.68 -9.19
N ALA F 309 -29.17 -22.54 -8.59
CA ALA F 309 -29.51 -21.32 -9.30
C ALA F 309 -28.49 -20.92 -10.38
N LEU F 310 -27.22 -20.87 -10.02
CA LEU F 310 -26.21 -20.40 -10.96
C LEU F 310 -26.01 -21.43 -12.04
N ALA F 311 -26.49 -22.64 -11.81
CA ALA F 311 -26.39 -23.64 -12.86
C ALA F 311 -27.60 -23.68 -13.82
N CYS F 312 -28.58 -22.79 -13.63
CA CYS F 312 -29.78 -22.78 -14.49
C CYS F 312 -29.89 -21.54 -15.38
N PRO F 313 -29.88 -21.74 -16.70
CA PRO F 313 -30.00 -20.61 -17.63
C PRO F 313 -31.27 -19.78 -17.39
N ALA F 314 -32.36 -20.42 -17.01
CA ALA F 314 -33.62 -19.71 -16.76
C ALA F 314 -33.58 -18.86 -15.48
N THR F 315 -32.54 -19.01 -14.67
CA THR F 315 -32.46 -18.23 -13.44
C THR F 315 -32.35 -16.74 -13.74
N ARG F 316 -33.15 -15.96 -13.04
CA ARG F 316 -33.34 -14.55 -13.27
C ARG F 316 -33.13 -13.77 -11.99
N TYR F 317 -33.86 -14.15 -10.95
CA TYR F 317 -33.79 -13.48 -9.66
C TYR F 317 -33.42 -14.40 -8.49
N LEU F 318 -32.99 -13.81 -7.37
CA LEU F 318 -32.81 -14.57 -6.13
C LEU F 318 -33.37 -13.78 -4.94
N ASP F 319 -34.15 -14.42 -4.05
CA ASP F 319 -34.20 -13.89 -2.70
C ASP F 319 -33.54 -14.96 -1.85
N LEU F 320 -32.25 -14.76 -1.63
CA LEU F 320 -31.37 -15.65 -0.89
C LEU F 320 -30.99 -15.29 0.55
N ASP F 321 -31.70 -14.32 1.13
CA ASP F 321 -31.29 -13.61 2.34
C ASP F 321 -31.54 -14.38 3.64
N GLY F 322 -32.05 -15.60 3.54
CA GLY F 322 -32.48 -16.37 4.70
C GLY F 322 -31.48 -16.73 5.79
N SER F 323 -30.18 -16.60 5.52
CA SER F 323 -29.16 -16.85 6.54
C SER F 323 -28.61 -15.56 7.18
N PHE F 324 -29.06 -14.41 6.68
CA PHE F 324 -28.44 -13.14 7.03
C PHE F 324 -28.66 -12.70 8.47
N ASP F 325 -29.82 -13.00 9.04
CA ASP F 325 -30.12 -12.54 10.39
C ASP F 325 -29.79 -13.56 11.48
N LEU F 326 -29.25 -14.71 11.10
CA LEU F 326 -28.81 -15.70 12.08
C LEU F 326 -27.64 -15.15 12.89
N ALA F 327 -27.74 -15.26 14.21
CA ALA F 327 -26.71 -14.73 15.12
C ALA F 327 -25.51 -15.65 15.17
N ARG F 328 -25.72 -16.91 14.86
CA ARG F 328 -24.64 -17.86 14.73
C ARG F 328 -25.02 -18.87 13.67
N ASP F 329 -24.03 -19.53 13.07
CA ASP F 329 -24.32 -20.61 12.14
C ASP F 329 -23.44 -21.81 12.50
N VAL F 330 -23.63 -22.92 11.80
CA VAL F 330 -22.79 -24.10 11.98
C VAL F 330 -21.70 -24.25 10.93
N ALA F 331 -21.62 -23.31 9.99
CA ALA F 331 -20.65 -23.39 8.89
C ALA F 331 -20.28 -22.03 8.33
N GLU F 332 -19.11 -21.94 7.70
CA GLU F 332 -18.73 -20.71 7.02
C GLU F 332 -18.65 -20.97 5.51
N GLY F 333 -18.42 -19.90 4.75
CA GLY F 333 -18.31 -20.00 3.31
C GLY F 333 -19.54 -20.52 2.60
N GLY F 334 -19.29 -21.18 1.47
CA GLY F 334 -20.30 -21.81 0.64
C GLY F 334 -20.82 -20.79 -0.34
N PHE F 335 -20.76 -19.52 0.06
CA PHE F 335 -21.11 -18.40 -0.82
C PHE F 335 -20.44 -17.12 -0.37
N ILE F 336 -20.38 -16.15 -1.27
CA ILE F 336 -19.82 -14.85 -1.00
C ILE F 336 -20.82 -13.77 -1.41
N LEU F 337 -21.11 -12.89 -0.47
CA LEU F 337 -21.92 -11.72 -0.73
C LEU F 337 -20.99 -10.53 -0.98
N GLU F 338 -21.08 -9.93 -2.16
CA GLU F 338 -20.32 -8.70 -2.41
C GLU F 338 -21.18 -7.70 -3.17
N ASP F 339 -21.25 -6.48 -2.64
CA ASP F 339 -22.08 -5.43 -3.22
C ASP F 339 -23.46 -5.94 -3.55
N GLY F 340 -24.05 -6.67 -2.61
CA GLY F 340 -25.41 -7.17 -2.77
C GLY F 340 -25.53 -8.30 -3.78
N ARG F 341 -24.39 -8.84 -4.22
CA ARG F 341 -24.40 -9.97 -5.14
C ARG F 341 -23.92 -11.24 -4.45
N LEU F 342 -24.48 -12.38 -4.85
CA LEU F 342 -24.03 -13.67 -4.35
C LEU F 342 -23.27 -14.41 -5.45
N ARG F 343 -22.16 -15.03 -5.05
CA ARG F 343 -21.46 -15.94 -5.95
C ARG F 343 -20.98 -17.10 -5.11
N VAL F 344 -20.59 -18.21 -5.73
CA VAL F 344 -19.99 -19.29 -4.95
C VAL F 344 -18.47 -19.15 -4.89
N THR F 345 -17.81 -20.02 -4.11
CA THR F 345 -16.36 -19.96 -3.99
C THR F 345 -15.78 -20.98 -4.93
N GLU F 346 -14.46 -21.07 -4.97
CA GLU F 346 -13.81 -22.02 -5.86
C GLU F 346 -13.58 -23.38 -5.22
N ARG F 347 -14.01 -23.54 -3.97
CA ARG F 347 -13.83 -24.81 -3.25
C ARG F 347 -14.72 -25.91 -3.81
N PRO F 348 -14.28 -27.17 -3.69
CA PRO F 348 -15.06 -28.31 -4.22
C PRO F 348 -16.41 -28.47 -3.50
N GLY F 349 -17.37 -29.12 -4.16
CA GLY F 349 -18.66 -29.38 -3.55
C GLY F 349 -19.45 -28.12 -3.27
N LEU F 350 -20.12 -28.07 -2.13
CA LEU F 350 -20.87 -26.87 -1.74
C LEU F 350 -19.93 -25.72 -1.37
N GLY F 351 -18.67 -26.05 -1.04
CA GLY F 351 -17.68 -25.04 -0.72
C GLY F 351 -17.77 -24.54 0.71
N LEU F 352 -18.21 -25.42 1.61
CA LEU F 352 -18.47 -25.04 3.00
C LEU F 352 -17.30 -25.37 3.94
N VAL F 353 -17.07 -24.49 4.92
CA VAL F 353 -16.05 -24.71 5.95
C VAL F 353 -16.67 -25.15 7.28
N TYR F 354 -16.25 -26.32 7.79
CA TYR F 354 -16.85 -26.93 8.97
C TYR F 354 -15.86 -26.95 10.13
#